data_4P43
# 
_entry.id   4P43 
# 
_audit_conform.dict_name       mmcif_pdbx.dic 
_audit_conform.dict_version    5.383 
_audit_conform.dict_location   http://mmcif.pdb.org/dictionaries/ascii/mmcif_pdbx.dic 
# 
loop_
_database_2.database_id 
_database_2.database_code 
_database_2.pdbx_database_accession 
_database_2.pdbx_DOI 
PDB   4P43         pdb_00004p43 10.2210/pdb4p43/pdb 
WWPDB D_1000200661 ?            ?                   
# 
loop_
_pdbx_audit_revision_history.ordinal 
_pdbx_audit_revision_history.data_content_type 
_pdbx_audit_revision_history.major_revision 
_pdbx_audit_revision_history.minor_revision 
_pdbx_audit_revision_history.revision_date 
1 'Structure model' 1 0 2016-05-04 
2 'Structure model' 1 1 2023-12-27 
# 
_pdbx_audit_revision_details.ordinal             1 
_pdbx_audit_revision_details.revision_ordinal    1 
_pdbx_audit_revision_details.data_content_type   'Structure model' 
_pdbx_audit_revision_details.provider            repository 
_pdbx_audit_revision_details.type                'Initial release' 
_pdbx_audit_revision_details.description         ? 
_pdbx_audit_revision_details.details             ? 
# 
loop_
_pdbx_audit_revision_group.ordinal 
_pdbx_audit_revision_group.revision_ordinal 
_pdbx_audit_revision_group.data_content_type 
_pdbx_audit_revision_group.group 
1 2 'Structure model' 'Data collection'      
2 2 'Structure model' 'Database references'  
3 2 'Structure model' 'Derived calculations' 
# 
loop_
_pdbx_audit_revision_category.ordinal 
_pdbx_audit_revision_category.revision_ordinal 
_pdbx_audit_revision_category.data_content_type 
_pdbx_audit_revision_category.category 
1 2 'Structure model' chem_comp_atom         
2 2 'Structure model' chem_comp_bond         
3 2 'Structure model' database_2             
4 2 'Structure model' diffrn_source          
5 2 'Structure model' pdbx_struct_conn_angle 
6 2 'Structure model' pdbx_struct_oper_list  
7 2 'Structure model' struct_conn            
# 
loop_
_pdbx_audit_revision_item.ordinal 
_pdbx_audit_revision_item.revision_ordinal 
_pdbx_audit_revision_item.data_content_type 
_pdbx_audit_revision_item.item 
1  2 'Structure model' '_database_2.pdbx_DOI'                        
2  2 'Structure model' '_database_2.pdbx_database_accession'         
3  2 'Structure model' '_diffrn_source.pdbx_synchrotron_site'        
4  2 'Structure model' '_pdbx_struct_conn_angle.ptnr1_auth_asym_id'  
5  2 'Structure model' '_pdbx_struct_conn_angle.ptnr1_auth_comp_id'  
6  2 'Structure model' '_pdbx_struct_conn_angle.ptnr1_auth_seq_id'   
7  2 'Structure model' '_pdbx_struct_conn_angle.ptnr1_label_asym_id' 
8  2 'Structure model' '_pdbx_struct_conn_angle.ptnr1_label_atom_id' 
9  2 'Structure model' '_pdbx_struct_conn_angle.ptnr1_label_comp_id' 
10 2 'Structure model' '_pdbx_struct_conn_angle.ptnr1_label_seq_id'  
11 2 'Structure model' '_pdbx_struct_conn_angle.ptnr2_auth_asym_id'  
12 2 'Structure model' '_pdbx_struct_conn_angle.ptnr2_auth_comp_id'  
13 2 'Structure model' '_pdbx_struct_conn_angle.ptnr2_auth_seq_id'   
14 2 'Structure model' '_pdbx_struct_conn_angle.ptnr2_label_asym_id' 
15 2 'Structure model' '_pdbx_struct_conn_angle.ptnr2_label_atom_id' 
16 2 'Structure model' '_pdbx_struct_conn_angle.ptnr2_label_comp_id' 
17 2 'Structure model' '_pdbx_struct_conn_angle.ptnr2_symmetry'      
18 2 'Structure model' '_pdbx_struct_conn_angle.ptnr3_auth_asym_id'  
19 2 'Structure model' '_pdbx_struct_conn_angle.ptnr3_auth_comp_id'  
20 2 'Structure model' '_pdbx_struct_conn_angle.ptnr3_auth_seq_id'   
21 2 'Structure model' '_pdbx_struct_conn_angle.ptnr3_label_asym_id' 
22 2 'Structure model' '_pdbx_struct_conn_angle.ptnr3_label_atom_id' 
23 2 'Structure model' '_pdbx_struct_conn_angle.ptnr3_label_comp_id' 
24 2 'Structure model' '_pdbx_struct_conn_angle.ptnr3_label_seq_id'  
25 2 'Structure model' '_pdbx_struct_conn_angle.value'               
26 2 'Structure model' '_pdbx_struct_oper_list.symmetry_operation'   
27 2 'Structure model' '_struct_conn.pdbx_dist_value'                
28 2 'Structure model' '_struct_conn.ptnr1_auth_asym_id'             
29 2 'Structure model' '_struct_conn.ptnr1_auth_comp_id'             
30 2 'Structure model' '_struct_conn.ptnr1_auth_seq_id'              
31 2 'Structure model' '_struct_conn.ptnr1_label_asym_id'            
32 2 'Structure model' '_struct_conn.ptnr1_label_atom_id'            
33 2 'Structure model' '_struct_conn.ptnr1_label_comp_id'            
34 2 'Structure model' '_struct_conn.ptnr1_label_seq_id'             
35 2 'Structure model' '_struct_conn.ptnr1_symmetry'                 
36 2 'Structure model' '_struct_conn.ptnr2_auth_asym_id'             
37 2 'Structure model' '_struct_conn.ptnr2_auth_comp_id'             
38 2 'Structure model' '_struct_conn.ptnr2_auth_seq_id'              
39 2 'Structure model' '_struct_conn.ptnr2_label_asym_id'            
40 2 'Structure model' '_struct_conn.ptnr2_label_atom_id'            
41 2 'Structure model' '_struct_conn.ptnr2_label_comp_id'            
42 2 'Structure model' '_struct_conn.ptnr2_label_seq_id'             
43 2 'Structure model' '_struct_conn.ptnr2_symmetry'                 
# 
_pdbx_database_status.status_code                     REL 
_pdbx_database_status.status_code_sf                  REL 
_pdbx_database_status.status_code_mr                  . 
_pdbx_database_status.entry_id                        4P43 
_pdbx_database_status.recvd_initial_deposition_date   2014-03-11 
_pdbx_database_status.SG_entry                        N 
_pdbx_database_status.deposit_site                    RCSB 
_pdbx_database_status.process_site                    RCSB 
_pdbx_database_status.status_code_cs                  . 
_pdbx_database_status.methods_development_category    . 
_pdbx_database_status.pdb_format_compatible           Y 
_pdbx_database_status.status_code_nmr_data            ? 
# 
loop_
_pdbx_database_related.content_type 
_pdbx_database_related.db_id 
_pdbx_database_related.db_name 
_pdbx_database_related.details 
unspecified 4P20 PDB . 
unspecified 4P3S PDB . 
unspecified 4P3T PDB . 
unspecified 4P3U PDB . 
# 
loop_
_audit_author.name 
_audit_author.pdbx_ordinal 
'Kondo, J.'   1 
'Koganei, M.' 2 
# 
_citation.abstract                  . 
_citation.abstract_id_CAS           . 
_citation.book_id_ISBN              . 
_citation.book_publisher            . 
_citation.book_publisher_city       . 
_citation.book_title                . 
_citation.coordinate_linkage        . 
_citation.country                   ? 
_citation.database_id_Medline       . 
_citation.details                   . 
_citation.id                        primary 
_citation.journal_abbrev            'To Be Published' 
_citation.journal_id_ASTM           ? 
_citation.journal_id_CSD            0353 
_citation.journal_id_ISSN           ? 
_citation.journal_full              . 
_citation.journal_issue             . 
_citation.journal_volume            . 
_citation.language                  . 
_citation.page_first                . 
_citation.page_last                 . 
_citation.title                     'Crystal structure of the bacterial A1408U-mutant ribosomal decoding site (C2 form 2)' 
_citation.year                      . 
_citation.database_id_CSD           . 
_citation.pdbx_database_id_DOI      . 
_citation.pdbx_database_id_PubMed   . 
_citation.unpublished_flag          . 
# 
loop_
_citation_author.citation_id 
_citation_author.name 
_citation_author.ordinal 
_citation_author.identifier_ORCID 
primary 'Kondo, J.'   1 ? 
primary 'Koganei, M.' 2 ? 
# 
loop_
_entity.id 
_entity.type 
_entity.src_method 
_entity.pdbx_description 
_entity.formula_weight 
_entity.pdbx_number_of_molecules 
_entity.pdbx_ec 
_entity.pdbx_mutation 
_entity.pdbx_fragment 
_entity.details 
1 polymer     syn "5'-R(*UP*UP*GP*CP*GP*UP*CP*UP*CP*GP*UP*CP*GP*AP*CP*GP*AP*AP*GP*UP*CP*GP*C)-3'" 7332.368 2   ? ? ? ? 
2 non-polymer syn 'CALCIUM ION'                                                                   40.078   2   ? ? ? ? 
3 non-polymer syn 'SODIUM ION'                                                                    22.990   2   ? ? ? ? 
4 water       nat water                                                                           18.015   125 ? ? ? ? 
# 
_entity_poly.entity_id                      1 
_entity_poly.type                           polyribonucleotide 
_entity_poly.nstd_linkage                   no 
_entity_poly.nstd_monomer                   no 
_entity_poly.pdbx_seq_one_letter_code       UUGCGUCUCGUCGACGAAGUCGC 
_entity_poly.pdbx_seq_one_letter_code_can   UUGCGUCUCGUCGACGAAGUCGC 
_entity_poly.pdbx_strand_id                 A,B 
_entity_poly.pdbx_target_identifier         ? 
# 
loop_
_pdbx_entity_nonpoly.entity_id 
_pdbx_entity_nonpoly.name 
_pdbx_entity_nonpoly.comp_id 
2 'CALCIUM ION' CA  
3 'SODIUM ION'  NA  
4 water         HOH 
# 
loop_
_entity_poly_seq.entity_id 
_entity_poly_seq.num 
_entity_poly_seq.mon_id 
_entity_poly_seq.hetero 
1 1  U n 
1 2  U n 
1 3  G n 
1 4  C n 
1 5  G n 
1 6  U n 
1 7  C n 
1 8  U n 
1 9  C n 
1 10 G n 
1 11 U n 
1 12 C n 
1 13 G n 
1 14 A n 
1 15 C n 
1 16 G n 
1 17 A n 
1 18 A n 
1 19 G n 
1 20 U n 
1 21 C n 
1 22 G n 
1 23 C n 
# 
_pdbx_entity_src_syn.entity_id              1 
_pdbx_entity_src_syn.pdbx_src_id            1 
_pdbx_entity_src_syn.pdbx_alt_source_flag   sample 
_pdbx_entity_src_syn.pdbx_beg_seq_num       1 
_pdbx_entity_src_syn.pdbx_end_seq_num       23 
_pdbx_entity_src_syn.organism_scientific    ? 
_pdbx_entity_src_syn.organism_common_name   ? 
_pdbx_entity_src_syn.ncbi_taxonomy_id       32630 
_pdbx_entity_src_syn.details                ? 
# 
loop_
_chem_comp.id 
_chem_comp.type 
_chem_comp.mon_nstd_flag 
_chem_comp.name 
_chem_comp.pdbx_synonyms 
_chem_comp.formula 
_chem_comp.formula_weight 
A   'RNA linking' y "ADENOSINE-5'-MONOPHOSPHATE" ? 'C10 H14 N5 O7 P' 347.221 
C   'RNA linking' y "CYTIDINE-5'-MONOPHOSPHATE"  ? 'C9 H14 N3 O8 P'  323.197 
CA  non-polymer   . 'CALCIUM ION'                ? 'Ca 2'            40.078  
G   'RNA linking' y "GUANOSINE-5'-MONOPHOSPHATE" ? 'C10 H14 N5 O8 P' 363.221 
HOH non-polymer   . WATER                        ? 'H2 O'            18.015  
NA  non-polymer   . 'SODIUM ION'                 ? 'Na 1'            22.990  
U   'RNA linking' y "URIDINE-5'-MONOPHOSPHATE"   ? 'C9 H13 N2 O9 P'  324.181 
# 
loop_
_pdbx_poly_seq_scheme.asym_id 
_pdbx_poly_seq_scheme.entity_id 
_pdbx_poly_seq_scheme.seq_id 
_pdbx_poly_seq_scheme.mon_id 
_pdbx_poly_seq_scheme.ndb_seq_num 
_pdbx_poly_seq_scheme.pdb_seq_num 
_pdbx_poly_seq_scheme.auth_seq_num 
_pdbx_poly_seq_scheme.pdb_mon_id 
_pdbx_poly_seq_scheme.auth_mon_id 
_pdbx_poly_seq_scheme.pdb_strand_id 
_pdbx_poly_seq_scheme.pdb_ins_code 
_pdbx_poly_seq_scheme.hetero 
A 1 1  U 1  1  ?  ? ? A . n 
A 1 2  U 2  2  ?  ? ? A . n 
A 1 3  G 3  3  3  G G A . n 
A 1 4  C 4  4  4  C C A . n 
A 1 5  G 5  5  5  G G A . n 
A 1 6  U 6  6  6  U U A . n 
A 1 7  C 7  7  7  C C A . n 
A 1 8  U 8  8  8  U U A . n 
A 1 9  C 9  9  9  C C A . n 
A 1 10 G 10 10 10 G G A . n 
A 1 11 U 11 11 11 U U A . n 
A 1 12 C 12 12 12 C C A . n 
A 1 13 G 13 13 13 G G A . n 
A 1 14 A 14 14 14 A A A . n 
A 1 15 C 15 15 15 C C A . n 
A 1 16 G 16 16 16 G G A . n 
A 1 17 A 17 17 17 A A A . n 
A 1 18 A 18 18 18 A A A . n 
A 1 19 G 19 19 19 G G A . n 
A 1 20 U 20 20 20 U U A . n 
A 1 21 C 21 21 21 C C A . n 
A 1 22 G 22 22 22 G G A . n 
A 1 23 C 23 23 23 C C A . n 
B 1 1  U 1  24 24 U U B . n 
B 1 2  U 2  25 25 U U B . n 
B 1 3  G 3  26 26 G G B . n 
B 1 4  C 4  27 27 C C B . n 
B 1 5  G 5  28 28 G G B . n 
B 1 6  U 6  29 29 U U B . n 
B 1 7  C 7  30 30 C C B . n 
B 1 8  U 8  31 31 U U B . n 
B 1 9  C 9  32 32 C C B . n 
B 1 10 G 10 33 33 G G B . n 
B 1 11 U 11 34 34 U U B . n 
B 1 12 C 12 35 35 C C B . n 
B 1 13 G 13 36 36 G G B . n 
B 1 14 A 14 37 37 A A B . n 
B 1 15 C 15 38 38 C C B . n 
B 1 16 G 16 39 39 G G B . n 
B 1 17 A 17 40 40 A A B . n 
B 1 18 A 18 41 41 A A B . n 
B 1 19 G 19 42 42 G G B . n 
B 1 20 U 20 43 43 U U B . n 
B 1 21 C 21 44 44 C C B . n 
B 1 22 G 22 45 45 G G B . n 
B 1 23 C 23 46 46 C C B . n 
# 
loop_
_pdbx_nonpoly_scheme.asym_id 
_pdbx_nonpoly_scheme.entity_id 
_pdbx_nonpoly_scheme.mon_id 
_pdbx_nonpoly_scheme.ndb_seq_num 
_pdbx_nonpoly_scheme.pdb_seq_num 
_pdbx_nonpoly_scheme.auth_seq_num 
_pdbx_nonpoly_scheme.pdb_mon_id 
_pdbx_nonpoly_scheme.auth_mon_id 
_pdbx_nonpoly_scheme.pdb_strand_id 
_pdbx_nonpoly_scheme.pdb_ins_code 
C 2 CA  1  101 52  CA  CA  A . 
D 3 NA  1  102 61  NA  NA  A . 
E 2 CA  1  101 51  CA  CA  B . 
F 3 NA  1  102 62  NA  NA  B . 
G 4 HOH 1  201 165 HOH HOH A . 
G 4 HOH 2  202 121 HOH HOH A . 
G 4 HOH 3  203 119 HOH HOH A . 
G 4 HOH 4  204 102 HOH HOH A . 
G 4 HOH 5  205 128 HOH HOH A . 
G 4 HOH 6  206 211 HOH HOH A . 
G 4 HOH 7  207 155 HOH HOH A . 
G 4 HOH 8  208 116 HOH HOH A . 
G 4 HOH 9  209 109 HOH HOH A . 
G 4 HOH 10 210 149 HOH HOH A . 
G 4 HOH 11 211 133 HOH HOH A . 
G 4 HOH 12 212 117 HOH HOH A . 
G 4 HOH 13 213 111 HOH HOH A . 
G 4 HOH 14 214 118 HOH HOH A . 
G 4 HOH 15 215 176 HOH HOH A . 
G 4 HOH 16 216 134 HOH HOH A . 
G 4 HOH 17 217 223 HOH HOH A . 
G 4 HOH 18 218 153 HOH HOH A . 
G 4 HOH 19 219 142 HOH HOH A . 
G 4 HOH 20 220 180 HOH HOH A . 
G 4 HOH 21 221 169 HOH HOH A . 
G 4 HOH 22 222 157 HOH HOH A . 
G 4 HOH 23 223 135 HOH HOH A . 
G 4 HOH 24 224 146 HOH HOH A . 
G 4 HOH 25 225 125 HOH HOH A . 
G 4 HOH 26 226 101 HOH HOH A . 
G 4 HOH 27 227 218 HOH HOH A . 
G 4 HOH 28 228 154 HOH HOH A . 
G 4 HOH 29 229 152 HOH HOH A . 
G 4 HOH 30 230 206 HOH HOH A . 
G 4 HOH 31 231 205 HOH HOH A . 
G 4 HOH 32 232 202 HOH HOH A . 
G 4 HOH 33 233 103 HOH HOH A . 
G 4 HOH 34 234 106 HOH HOH A . 
G 4 HOH 35 235 110 HOH HOH A . 
G 4 HOH 36 236 123 HOH HOH A . 
G 4 HOH 37 237 126 HOH HOH A . 
G 4 HOH 38 238 129 HOH HOH A . 
G 4 HOH 39 239 130 HOH HOH A . 
G 4 HOH 40 240 131 HOH HOH A . 
G 4 HOH 41 241 132 HOH HOH A . 
G 4 HOH 42 242 145 HOH HOH A . 
G 4 HOH 43 243 147 HOH HOH A . 
G 4 HOH 44 244 150 HOH HOH A . 
G 4 HOH 45 245 159 HOH HOH A . 
G 4 HOH 46 246 161 HOH HOH A . 
G 4 HOH 47 247 164 HOH HOH A . 
G 4 HOH 48 248 167 HOH HOH A . 
G 4 HOH 49 249 168 HOH HOH A . 
G 4 HOH 50 250 183 HOH HOH A . 
G 4 HOH 51 251 189 HOH HOH A . 
G 4 HOH 52 252 193 HOH HOH A . 
G 4 HOH 53 253 194 HOH HOH A . 
G 4 HOH 54 254 196 HOH HOH A . 
G 4 HOH 55 255 197 HOH HOH A . 
G 4 HOH 56 256 204 HOH HOH A . 
G 4 HOH 57 257 209 HOH HOH A . 
G 4 HOH 58 258 210 HOH HOH A . 
G 4 HOH 59 259 212 HOH HOH A . 
G 4 HOH 60 260 214 HOH HOH A . 
G 4 HOH 61 261 217 HOH HOH A . 
H 4 HOH 1  201 156 HOH HOH B . 
H 4 HOH 2  202 175 HOH HOH B . 
H 4 HOH 3  203 115 HOH HOH B . 
H 4 HOH 4  204 108 HOH HOH B . 
H 4 HOH 5  205 104 HOH HOH B . 
H 4 HOH 6  206 220 HOH HOH B . 
H 4 HOH 7  207 141 HOH HOH B . 
H 4 HOH 8  208 201 HOH HOH B . 
H 4 HOH 9  209 122 HOH HOH B . 
H 4 HOH 10 210 124 HOH HOH B . 
H 4 HOH 11 211 222 HOH HOH B . 
H 4 HOH 12 212 190 HOH HOH B . 
H 4 HOH 13 213 144 HOH HOH B . 
H 4 HOH 14 214 199 HOH HOH B . 
H 4 HOH 15 215 163 HOH HOH B . 
H 4 HOH 16 216 192 HOH HOH B . 
H 4 HOH 17 217 219 HOH HOH B . 
H 4 HOH 18 218 198 HOH HOH B . 
H 4 HOH 19 219 148 HOH HOH B . 
H 4 HOH 20 220 224 HOH HOH B . 
H 4 HOH 21 221 216 HOH HOH B . 
H 4 HOH 22 222 162 HOH HOH B . 
H 4 HOH 23 223 207 HOH HOH B . 
H 4 HOH 24 224 225 HOH HOH B . 
H 4 HOH 25 225 160 HOH HOH B . 
H 4 HOH 26 226 151 HOH HOH B . 
H 4 HOH 27 227 213 HOH HOH B . 
H 4 HOH 28 228 105 HOH HOH B . 
H 4 HOH 29 229 107 HOH HOH B . 
H 4 HOH 30 230 112 HOH HOH B . 
H 4 HOH 31 231 113 HOH HOH B . 
H 4 HOH 32 232 114 HOH HOH B . 
H 4 HOH 33 233 120 HOH HOH B . 
H 4 HOH 34 234 127 HOH HOH B . 
H 4 HOH 35 235 136 HOH HOH B . 
H 4 HOH 36 236 137 HOH HOH B . 
H 4 HOH 37 237 138 HOH HOH B . 
H 4 HOH 38 238 139 HOH HOH B . 
H 4 HOH 39 239 140 HOH HOH B . 
H 4 HOH 40 240 143 HOH HOH B . 
H 4 HOH 41 241 158 HOH HOH B . 
H 4 HOH 42 242 166 HOH HOH B . 
H 4 HOH 43 243 170 HOH HOH B . 
H 4 HOH 44 244 171 HOH HOH B . 
H 4 HOH 45 245 172 HOH HOH B . 
H 4 HOH 46 246 173 HOH HOH B . 
H 4 HOH 47 247 174 HOH HOH B . 
H 4 HOH 48 248 177 HOH HOH B . 
H 4 HOH 49 249 178 HOH HOH B . 
H 4 HOH 50 250 179 HOH HOH B . 
H 4 HOH 51 251 181 HOH HOH B . 
H 4 HOH 52 252 182 HOH HOH B . 
H 4 HOH 53 253 184 HOH HOH B . 
H 4 HOH 54 254 185 HOH HOH B . 
H 4 HOH 55 255 186 HOH HOH B . 
H 4 HOH 56 256 187 HOH HOH B . 
H 4 HOH 57 257 188 HOH HOH B . 
H 4 HOH 58 258 191 HOH HOH B . 
H 4 HOH 59 259 195 HOH HOH B . 
H 4 HOH 60 260 200 HOH HOH B . 
H 4 HOH 61 261 203 HOH HOH B . 
H 4 HOH 62 262 208 HOH HOH B . 
H 4 HOH 63 263 215 HOH HOH B . 
H 4 HOH 64 264 221 HOH HOH B . 
# 
loop_
_software.citation_id 
_software.classification 
_software.compiler_name 
_software.compiler_version 
_software.contact_author 
_software.contact_author_email 
_software.date 
_software.description 
_software.dependencies 
_software.hardware 
_software.language 
_software.location 
_software.mods 
_software.name 
_software.os 
_software.os_version 
_software.type 
_software.version 
_software.pdbx_ordinal 
? 'data collection' . . . . . . . . . . . CrystalClear . . . .    1 
? phasing           . . . . . . . . . . . PHENIX       . . . .    2 
? refinement        . . . . . . . . . . . CNS          . . . .    3 
? 'data extraction' . . . . . . . . . . . PDB_EXTRACT  . . . 3.14 4 
? 'data reduction'  ? ? ? ? ? ? ? ? ? ? ? d*TREK       ? ? ? .    5 
? 'data scaling'    ? ? ? ? ? ? ? ? ? ? ? d*TREK       ? ? ? .    6 
# 
_cell.length_a           86.450 
_cell.length_b           31.690 
_cell.length_c           49.410 
_cell.angle_alpha        90.000 
_cell.angle_beta         116.340 
_cell.angle_gamma        90.000 
_cell.entry_id           4P43 
_cell.Z_PDB              8 
_cell.pdbx_unique_axis   ? 
# 
_symmetry.entry_id                         4P43 
_symmetry.cell_setting                     . 
_symmetry.Int_Tables_number                5 
_symmetry.space_group_name_Hall            . 
_symmetry.space_group_name_H-M             'C 1 2 1' 
_symmetry.pdbx_full_space_group_name_H-M   . 
# 
_exptl.absorpt_coefficient_mu     . 
_exptl.absorpt_correction_T_max   . 
_exptl.absorpt_correction_T_min   . 
_exptl.absorpt_correction_type    . 
_exptl.absorpt_process_details    . 
_exptl.entry_id                   4P43 
_exptl.crystals_number            1 
_exptl.details                    . 
_exptl.method                     'X-RAY DIFFRACTION' 
_exptl.method_details             . 
# 
_exptl_crystal.colour                      . 
_exptl_crystal.density_diffrn              . 
_exptl_crystal.density_Matthews            2.07 
_exptl_crystal.density_method              . 
_exptl_crystal.density_percent_sol         40.52 
_exptl_crystal.description                 . 
_exptl_crystal.F_000                       . 
_exptl_crystal.id                          1 
_exptl_crystal.preparation                 . 
_exptl_crystal.size_max                    . 
_exptl_crystal.size_mid                    . 
_exptl_crystal.size_min                    . 
_exptl_crystal.size_rad                    . 
_exptl_crystal.colour_lustre               . 
_exptl_crystal.colour_modifier             . 
_exptl_crystal.colour_primary              . 
_exptl_crystal.density_meas                . 
_exptl_crystal.density_meas_esd            . 
_exptl_crystal.density_meas_gt             . 
_exptl_crystal.density_meas_lt             . 
_exptl_crystal.density_meas_temp           . 
_exptl_crystal.density_meas_temp_esd       . 
_exptl_crystal.density_meas_temp_gt        . 
_exptl_crystal.density_meas_temp_lt        . 
_exptl_crystal.pdbx_crystal_image_url      . 
_exptl_crystal.pdbx_crystal_image_format   . 
_exptl_crystal.pdbx_mosaicity              . 
_exptl_crystal.pdbx_mosaicity_esd          . 
# 
_exptl_crystal_grow.apparatus       . 
_exptl_crystal_grow.atmosphere      . 
_exptl_crystal_grow.crystal_id      1 
_exptl_crystal_grow.details         . 
_exptl_crystal_grow.method          'VAPOR DIFFUSION, HANGING DROP' 
_exptl_crystal_grow.method_ref      . 
_exptl_crystal_grow.pH              7.0 
_exptl_crystal_grow.pressure        . 
_exptl_crystal_grow.pressure_esd    . 
_exptl_crystal_grow.seeding         . 
_exptl_crystal_grow.seeding_ref     . 
_exptl_crystal_grow.temp            293 
_exptl_crystal_grow.temp_details    . 
_exptl_crystal_grow.temp_esd        . 
_exptl_crystal_grow.time            . 
_exptl_crystal_grow.pdbx_details    'Sodium Cacodylate, Spermine tetrahydrochloride, MPD, Calcium Chloride' 
_exptl_crystal_grow.pdbx_pH_range   . 
# 
_diffrn.ambient_environment    . 
_diffrn.ambient_temp           100 
_diffrn.ambient_temp_details   . 
_diffrn.ambient_temp_esd       . 
_diffrn.crystal_id             1 
_diffrn.crystal_support        . 
_diffrn.crystal_treatment      . 
_diffrn.details                . 
_diffrn.id                     1 
_diffrn.ambient_pressure       . 
_diffrn.ambient_pressure_esd   . 
_diffrn.ambient_pressure_gt    . 
_diffrn.ambient_pressure_lt    . 
_diffrn.ambient_temp_gt        . 
_diffrn.ambient_temp_lt        . 
# 
_diffrn_detector.details                      . 
_diffrn_detector.detector                     CCD 
_diffrn_detector.diffrn_id                    1 
_diffrn_detector.type                         'ADSC QUANTUM 315r' 
_diffrn_detector.area_resol_mean              . 
_diffrn_detector.dtime                        . 
_diffrn_detector.pdbx_frames_total            . 
_diffrn_detector.pdbx_collection_time_total   . 
_diffrn_detector.pdbx_collection_date         2014-02-16 
# 
_diffrn_radiation.collimation                      . 
_diffrn_radiation.diffrn_id                        1 
_diffrn_radiation.filter_edge                      . 
_diffrn_radiation.inhomogeneity                    . 
_diffrn_radiation.monochromator                    . 
_diffrn_radiation.polarisn_norm                    . 
_diffrn_radiation.polarisn_ratio                   . 
_diffrn_radiation.probe                            . 
_diffrn_radiation.type                             . 
_diffrn_radiation.xray_symbol                      . 
_diffrn_radiation.wavelength_id                    1 
_diffrn_radiation.pdbx_monochromatic_or_laue_m_l   . 
_diffrn_radiation.pdbx_wavelength_list             . 
_diffrn_radiation.pdbx_wavelength                  . 
_diffrn_radiation.pdbx_diffrn_protocol             'SINGLE WAVELENGTH' 
_diffrn_radiation.pdbx_analyzer                    . 
_diffrn_radiation.pdbx_scattering_type             x-ray 
# 
_diffrn_radiation_wavelength.id           1 
_diffrn_radiation_wavelength.wavelength   0.98 
_diffrn_radiation_wavelength.wt           1.0 
# 
_diffrn_source.current                     . 
_diffrn_source.details                     . 
_diffrn_source.diffrn_id                   1 
_diffrn_source.power                       . 
_diffrn_source.size                        . 
_diffrn_source.source                      SYNCHROTRON 
_diffrn_source.target                      . 
_diffrn_source.type                        'PHOTON FACTORY BEAMLINE BL-17A' 
_diffrn_source.voltage                     . 
_diffrn_source.take-off_angle              . 
_diffrn_source.pdbx_wavelength_list        0.98 
_diffrn_source.pdbx_wavelength             . 
_diffrn_source.pdbx_synchrotron_beamline   BL-17A 
_diffrn_source.pdbx_synchrotron_site       'Photon Factory' 
# 
_reflns.B_iso_Wilson_estimate            . 
_reflns.entry_id                         4P43 
_reflns.data_reduction_details           . 
_reflns.data_reduction_method            . 
_reflns.d_resolution_high                2.000 
_reflns.d_resolution_low                 44.280 
_reflns.details                          . 
_reflns.limit_h_max                      . 
_reflns.limit_h_min                      . 
_reflns.limit_k_max                      . 
_reflns.limit_k_min                      . 
_reflns.limit_l_max                      . 
_reflns.limit_l_min                      . 
_reflns.number_all                       . 
_reflns.number_obs                       8251 
_reflns.observed_criterion               . 
_reflns.observed_criterion_F_max         . 
_reflns.observed_criterion_F_min         . 
_reflns.observed_criterion_I_max         . 
_reflns.observed_criterion_I_min         . 
_reflns.observed_criterion_sigma_F       . 
_reflns.observed_criterion_sigma_I       . 
_reflns.percent_possible_obs             99.200 
_reflns.R_free_details                   . 
_reflns.Rmerge_F_all                     . 
_reflns.Rmerge_F_obs                     . 
_reflns.Friedel_coverage                 . 
_reflns.number_gt                        . 
_reflns.threshold_expression             . 
_reflns.pdbx_redundancy                  3.560 
_reflns.pdbx_Rmerge_I_obs                0.072 
_reflns.pdbx_Rmerge_I_all                . 
_reflns.pdbx_Rsym_value                  . 
_reflns.pdbx_netI_over_av_sigmaI         . 
_reflns.pdbx_netI_over_sigmaI            7.600 
_reflns.pdbx_res_netI_over_av_sigmaI_2   . 
_reflns.pdbx_res_netI_over_sigmaI_2      . 
_reflns.pdbx_chi_squared                 1.000 
_reflns.pdbx_scaling_rejects             223 
_reflns.pdbx_d_res_high_opt              . 
_reflns.pdbx_d_res_low_opt               . 
_reflns.pdbx_d_res_opt_method            . 
_reflns.phase_calculation_details        . 
_reflns.pdbx_Rrim_I_all                  . 
_reflns.pdbx_Rpim_I_all                  . 
_reflns.pdbx_d_opt                       . 
_reflns.pdbx_number_measured_all         29620 
_reflns.pdbx_diffrn_id                   1 
_reflns.pdbx_ordinal                     1 
# 
loop_
_reflns_shell.d_res_high 
_reflns_shell.d_res_low 
_reflns_shell.meanI_over_sigI_all 
_reflns_shell.meanI_over_sigI_obs 
_reflns_shell.number_measured_all 
_reflns_shell.number_measured_obs 
_reflns_shell.number_possible 
_reflns_shell.number_unique_all 
_reflns_shell.number_unique_obs 
_reflns_shell.percent_possible_all 
_reflns_shell.percent_possible_obs 
_reflns_shell.Rmerge_F_all 
_reflns_shell.Rmerge_F_obs 
_reflns_shell.Rmerge_I_all 
_reflns_shell.Rmerge_I_obs 
_reflns_shell.meanI_over_sigI_gt 
_reflns_shell.meanI_over_uI_all 
_reflns_shell.meanI_over_uI_gt 
_reflns_shell.number_measured_gt 
_reflns_shell.number_unique_gt 
_reflns_shell.percent_possible_gt 
_reflns_shell.Rmerge_F_gt 
_reflns_shell.Rmerge_I_gt 
_reflns_shell.pdbx_redundancy 
_reflns_shell.pdbx_Rsym_value 
_reflns_shell.pdbx_chi_squared 
_reflns_shell.pdbx_netI_over_sigmaI_all 
_reflns_shell.pdbx_netI_over_sigmaI_obs 
_reflns_shell.pdbx_Rrim_I_all 
_reflns_shell.pdbx_Rpim_I_all 
_reflns_shell.pdbx_rejects 
_reflns_shell.pdbx_ordinal 
_reflns_shell.pdbx_diffrn_id 
2.000 2.070  . 2.700  2788 . . 806 . 97.500  . . . . 0.371 . . . . . . . . 3.460 . 1.080 . . . . 3  1  1 
2.070 2.150  . 3.200  2957 . . 812 . 100.000 . . . . 0.324 . . . . . . . . 3.630 . 1.110 . . . . 12 2  1 
2.150 2.250  . 3.500  3023 . . 831 . 100.000 . . . . 0.292 . . . . . . . . 3.630 . 1.070 . . . . 8  3  1 
2.250 2.370  . 3.700  2948 . . 809 . 99.900  . . . . 0.252 . . . . . . . . 3.640 . 1.010 . . . . 3  4  1 
2.370 2.520  . 4.400  3011 . . 825 . 100.000 . . . . 0.205 . . . . . . . . 3.650 . 1.040 . . . . 1  5  1 
2.520 2.710  . 5.300  3076 . . 843 . 100.000 . . . . 0.148 . . . . . . . . 3.640 . 0.920 . . . . 6  6  1 
2.710 2.990  . 7.400  2947 . . 811 . 100.000 . . . . 0.098 . . . . . . . . 3.630 . 0.880 . . . . 6  7  1 
2.990 3.420  . 12.100 3040 . . 838 . 99.800  . . . . 0.060 . . . . . . . . 3.580 . 0.900 . . . . 37 8  1 
3.420 4.310  . 14.800 2986 . . 835 . 99.100  . . . . 0.054 . . . . . . . . 3.510 . 0.960 . . . . 52 9  1 
4.310 44.280 . 19.800 2844 . . 841 . 96.000  . . . . 0.040 . . . . . . . . 3.270 . 1.050 . . . . 95 10 1 
# 
_refine.aniso_B[1][1]                            0.6470 
_refine.aniso_B[1][2]                            0.0000 
_refine.aniso_B[1][3]                            7.1450 
_refine.aniso_B[2][2]                            -1.2060 
_refine.aniso_B[2][3]                            0.0000 
_refine.aniso_B[3][3]                            0.5590 
_refine.B_iso_max                                87.750 
_refine.B_iso_mean                               43.0773 
_refine.B_iso_min                                18.530 
_refine.correlation_coeff_Fo_to_Fc               . 
_refine.correlation_coeff_Fo_to_Fc_free          . 
_refine.details                                  . 
_refine.diff_density_max                         . 
_refine.diff_density_max_esd                     . 
_refine.diff_density_min                         . 
_refine.diff_density_min_esd                     . 
_refine.diff_density_rms                         . 
_refine.diff_density_rms_esd                     . 
_refine.entry_id                                 4P43 
_refine.pdbx_refine_id                           'X-RAY DIFFRACTION' 
_refine.ls_abs_structure_details                 . 
_refine.ls_abs_structure_Flack                   . 
_refine.ls_abs_structure_Flack_esd               . 
_refine.ls_abs_structure_Rogers                  . 
_refine.ls_abs_structure_Rogers_esd              . 
_refine.ls_d_res_high                            2.0000 
_refine.ls_d_res_low                             44.3000 
_refine.ls_extinction_coef                       . 
_refine.ls_extinction_coef_esd                   . 
_refine.ls_extinction_expression                 . 
_refine.ls_extinction_method                     . 
_refine.ls_goodness_of_fit_all                   . 
_refine.ls_goodness_of_fit_all_esd               . 
_refine.ls_goodness_of_fit_obs                   . 
_refine.ls_goodness_of_fit_obs_esd               . 
_refine.ls_hydrogen_treatment                    . 
_refine.ls_matrix_type                           . 
_refine.ls_number_constraints                    . 
_refine.ls_number_parameters                     . 
_refine.ls_number_reflns_all                     . 
_refine.ls_number_reflns_obs                     8250 
_refine.ls_number_reflns_R_free                  878 
_refine.ls_number_reflns_R_work                  7372 
_refine.ls_number_restraints                     . 
_refine.ls_percent_reflns_obs                    99.2000 
_refine.ls_percent_reflns_R_free                 10.6000 
_refine.ls_R_factor_all                          . 
_refine.ls_R_factor_obs                          . 
_refine.ls_R_factor_R_free                       0.2700 
_refine.ls_R_factor_R_free_error                 . 
_refine.ls_R_factor_R_free_error_details         . 
_refine.ls_R_factor_R_work                       0.2457 
_refine.ls_R_Fsqd_factor_obs                     . 
_refine.ls_R_I_factor_obs                        . 
_refine.ls_redundancy_reflns_all                 . 
_refine.ls_redundancy_reflns_obs                 . 
_refine.ls_restrained_S_all                      . 
_refine.ls_restrained_S_obs                      . 
_refine.ls_shift_over_esd_max                    . 
_refine.ls_shift_over_esd_mean                   . 
_refine.ls_structure_factor_coef                 . 
_refine.ls_weighting_details                     . 
_refine.ls_weighting_scheme                      . 
_refine.ls_wR_factor_all                         . 
_refine.ls_wR_factor_obs                         . 
_refine.ls_wR_factor_R_free                      . 
_refine.ls_wR_factor_R_work                      . 
_refine.occupancy_max                            . 
_refine.occupancy_min                            . 
_refine.overall_SU_B                             . 
_refine.overall_SU_ML                            . 
_refine.overall_SU_R_Cruickshank_DPI             . 
_refine.overall_SU_R_free                        . 
_refine.overall_FOM_free_R_set                   . 
_refine.overall_FOM_work_R_set                   0.7803 
_refine.solvent_model_details                    . 
_refine.solvent_model_param_bsol                 74.1715 
_refine.solvent_model_param_ksol                 . 
_refine.ls_R_factor_gt                           . 
_refine.ls_goodness_of_fit_gt                    . 
_refine.ls_goodness_of_fit_ref                   . 
_refine.ls_shift_over_su_max                     . 
_refine.ls_shift_over_su_max_lt                  . 
_refine.ls_shift_over_su_mean                    . 
_refine.ls_shift_over_su_mean_lt                 . 
_refine.pdbx_ls_sigma_I                          . 
_refine.pdbx_ls_sigma_F                          0.000 
_refine.pdbx_ls_sigma_Fsqd                       . 
_refine.pdbx_data_cutoff_high_absF               . 
_refine.pdbx_data_cutoff_high_rms_absF           . 
_refine.pdbx_data_cutoff_low_absF                . 
_refine.pdbx_isotropic_thermal_model             . 
_refine.pdbx_ls_cross_valid_method               'FREE R-VALUE' 
_refine.pdbx_method_to_determine_struct          . 
_refine.pdbx_starting_model                      . 
_refine.pdbx_stereochemistry_target_values       . 
_refine.pdbx_R_Free_selection_details            . 
_refine.pdbx_stereochem_target_val_spec_case     . 
_refine.pdbx_overall_ESU_R                       . 
_refine.pdbx_overall_ESU_R_Free                  . 
_refine.pdbx_solvent_vdw_probe_radii             . 
_refine.pdbx_solvent_ion_probe_radii             . 
_refine.pdbx_solvent_shrinkage_radii             . 
_refine.pdbx_real_space_R                        . 
_refine.pdbx_density_correlation                 . 
_refine.pdbx_pd_number_of_powder_patterns        . 
_refine.pdbx_pd_number_of_points                 . 
_refine.pdbx_pd_meas_number_of_points            . 
_refine.pdbx_pd_proc_ls_prof_R_factor            . 
_refine.pdbx_pd_proc_ls_prof_wR_factor           . 
_refine.pdbx_pd_Marquardt_correlation_coeff      . 
_refine.pdbx_pd_Fsqrd_R_factor                   . 
_refine.pdbx_pd_ls_matrix_band_width             . 
_refine.pdbx_overall_phase_error                 . 
_refine.pdbx_overall_SU_R_free_Cruickshank_DPI   . 
_refine.pdbx_overall_SU_R_free_Blow_DPI          . 
_refine.pdbx_overall_SU_R_Blow_DPI               . 
_refine.pdbx_TLS_residual_ADP_flag               . 
_refine.pdbx_diffrn_id                           1 
# 
_refine_hist.cycle_id                         final 
_refine_hist.pdbx_refine_id                   'X-RAY DIFFRACTION' 
_refine_hist.d_res_high                       2.0000 
_refine_hist.d_res_low                        44.3000 
_refine_hist.pdbx_number_atoms_ligand         4 
_refine_hist.number_atoms_solvent             125 
_refine_hist.number_atoms_total               1060 
_refine_hist.pdbx_number_residues_total       44 
_refine_hist.pdbx_B_iso_mean_ligand           38.34 
_refine_hist.pdbx_B_iso_mean_solvent          47.78 
_refine_hist.pdbx_number_atoms_protein        0 
_refine_hist.pdbx_number_atoms_nucleic_acid   931 
# 
loop_
_refine_ls_restr.pdbx_refine_id 
_refine_ls_restr.criterion 
_refine_ls_restr.dev_ideal 
_refine_ls_restr.dev_ideal_target 
_refine_ls_restr.number 
_refine_ls_restr.rejects 
_refine_ls_restr.type 
_refine_ls_restr.weight 
_refine_ls_restr.pdbx_restraint_function 
'X-RAY DIFFRACTION' . 0.004 .     . . c_bond_d     . . 
'X-RAY DIFFRACTION' . 0.786 .     . . c_angle_d    . . 
'X-RAY DIFFRACTION' . 0.000 1.500 . . c_mcbond_it  . . 
'X-RAY DIFFRACTION' . 1.553 2.000 . . c_scbond_it  . . 
'X-RAY DIFFRACTION' . 0.000 2.000 . . c_mcangle_it . . 
'X-RAY DIFFRACTION' . 2.067 2.500 . . c_scangle_it . . 
# 
loop_
_refine_ls_shell.pdbx_refine_id 
_refine_ls_shell.d_res_high 
_refine_ls_shell.d_res_low 
_refine_ls_shell.number_reflns_all 
_refine_ls_shell.number_reflns_obs 
_refine_ls_shell.number_reflns_R_free 
_refine_ls_shell.number_reflns_R_work 
_refine_ls_shell.percent_reflns_obs 
_refine_ls_shell.percent_reflns_R_free 
_refine_ls_shell.R_factor_all 
_refine_ls_shell.R_factor_obs 
_refine_ls_shell.R_factor_R_free 
_refine_ls_shell.R_factor_R_free_error 
_refine_ls_shell.R_factor_R_work 
_refine_ls_shell.redundancy_reflns_all 
_refine_ls_shell.redundancy_reflns_obs 
_refine_ls_shell.wR_factor_all 
_refine_ls_shell.wR_factor_obs 
_refine_ls_shell.wR_factor_R_free 
_refine_ls_shell.wR_factor_R_work 
_refine_ls_shell.pdbx_total_number_of_bins_used 
_refine_ls_shell.pdbx_phase_error 
'X-RAY DIFFRACTION' 2.0000 2.0700  804 . 86 718 97.5000  . . . 0.3920 . 0.3517 . . . . . . 10 . 
'X-RAY DIFFRACTION' 2.0700 2.1500  811 . 81 730 100.0000 . . . 0.2915 . 0.3131 . . . . . . 10 . 
'X-RAY DIFFRACTION' 2.1500 2.2500  832 . 93 739 100.0000 . . . 0.3142 . 0.3025 . . . . . . 10 . 
'X-RAY DIFFRACTION' 2.2500 2.3700  810 . 97 713 99.9000  . . . 0.3060 . 0.2846 . . . . . . 10 . 
'X-RAY DIFFRACTION' 2.3700 2.5200  825 . 97 728 100.0000 . . . 0.2995 . 0.2807 . . . . . . 10 . 
'X-RAY DIFFRACTION' 2.5200 2.7100  843 . 93 750 100.0000 . . . 0.2697 . 0.2797 . . . . . . 10 . 
'X-RAY DIFFRACTION' 2.7100 2.9900  811 . 84 727 100.0000 . . . 0.3254 . 0.2909 . . . . . . 10 . 
'X-RAY DIFFRACTION' 2.9900 3.4200  838 . 85 753 99.8000  . . . 0.3067 . 0.2146 . . . . . . 10 . 
'X-RAY DIFFRACTION' 3.4200 4.3100  834 . 76 758 99.0000  . . . 0.1654 . 0.1803 . . . . . . 10 . 
'X-RAY DIFFRACTION' 4.3100 44.3000 842 . 86 756 95.9000  . . . 0.2765 . 0.2462 . . . . . . 10 . 
# 
loop_
_pdbx_xplor_file.pdbx_refine_id 
_pdbx_xplor_file.serial_no 
_pdbx_xplor_file.param_file 
_pdbx_xplor_file.topol_file 
'X-RAY DIFFRACTION' 1 dna-rna_free.param         ? 
'X-RAY DIFFRACTION' 2 CNS_TOPPAR:water_rep.param ? 
'X-RAY DIFFRACTION' 3 CNS_TOPPAR:ion.param       ? 
# 
_struct.entry_id                     4P43 
_struct.title                        'Crystal structure of the bacterial A1408U-mutant ribosomal decoding site (C2 form 2)' 
_struct.pdbx_model_details           . 
_struct.pdbx_formula_weight          . 
_struct.pdbx_formula_weight_method   . 
_struct.pdbx_model_type_details      . 
_struct.pdbx_CASP_flag               . 
# 
_struct_keywords.entry_id        4P43 
_struct_keywords.text            'ribosome, antibiotic-resistance, aminoglycoside, decoding, RNA' 
_struct_keywords.pdbx_keywords   RNA 
# 
loop_
_struct_asym.id 
_struct_asym.pdbx_blank_PDB_chainid_flag 
_struct_asym.pdbx_modified 
_struct_asym.entity_id 
_struct_asym.details 
A N N 1 ? 
B N N 1 ? 
C N N 2 ? 
D N N 3 ? 
E N N 2 ? 
F N N 3 ? 
G N N 4 ? 
H N N 4 ? 
# 
_struct_ref.id                         1 
_struct_ref.db_name                    PDB 
_struct_ref.db_code                    4P43 
_struct_ref.pdbx_db_accession          4P43 
_struct_ref.entity_id                  1 
_struct_ref.pdbx_seq_one_letter_code   ? 
_struct_ref.pdbx_align_begin           ? 
_struct_ref.pdbx_db_isoform            ? 
# 
loop_
_struct_ref_seq.align_id 
_struct_ref_seq.ref_id 
_struct_ref_seq.pdbx_PDB_id_code 
_struct_ref_seq.pdbx_strand_id 
_struct_ref_seq.seq_align_beg 
_struct_ref_seq.pdbx_seq_align_beg_ins_code 
_struct_ref_seq.seq_align_end 
_struct_ref_seq.pdbx_seq_align_end_ins_code 
_struct_ref_seq.pdbx_db_accession 
_struct_ref_seq.db_align_beg 
_struct_ref_seq.pdbx_db_align_beg_ins_code 
_struct_ref_seq.db_align_end 
_struct_ref_seq.pdbx_db_align_end_ins_code 
_struct_ref_seq.pdbx_auth_seq_align_beg 
_struct_ref_seq.pdbx_auth_seq_align_end 
1 1 4P43 A 1 ? 23 ? 4P43 1  ? 23 ? 1  23 
2 1 4P43 B 1 ? 23 ? 4P43 24 ? 46 ? 24 46 
# 
_pdbx_struct_assembly.id                   1 
_pdbx_struct_assembly.details              author_and_software_defined_assembly 
_pdbx_struct_assembly.method_details       PISA 
_pdbx_struct_assembly.oligomeric_details   dimeric 
_pdbx_struct_assembly.oligomeric_count     2 
# 
loop_
_pdbx_struct_assembly_prop.biol_id 
_pdbx_struct_assembly_prop.type 
_pdbx_struct_assembly_prop.value 
_pdbx_struct_assembly_prop.details 
1 'ABSA (A^2)' 2340 ? 
1 MORE         -50  ? 
1 'SSA (A^2)'  8150 ? 
# 
_pdbx_struct_assembly_gen.assembly_id       1 
_pdbx_struct_assembly_gen.oper_expression   1 
_pdbx_struct_assembly_gen.asym_id_list      A,B,C,D,E,F,G,H 
# 
_pdbx_struct_oper_list.id                   1 
_pdbx_struct_oper_list.type                 'identity operation' 
_pdbx_struct_oper_list.name                 1_555 
_pdbx_struct_oper_list.symmetry_operation   x,y,z 
_pdbx_struct_oper_list.matrix[1][1]         1.0000000000 
_pdbx_struct_oper_list.matrix[1][2]         0.0000000000 
_pdbx_struct_oper_list.matrix[1][3]         0.0000000000 
_pdbx_struct_oper_list.vector[1]            0.0000000000 
_pdbx_struct_oper_list.matrix[2][1]         0.0000000000 
_pdbx_struct_oper_list.matrix[2][2]         1.0000000000 
_pdbx_struct_oper_list.matrix[2][3]         0.0000000000 
_pdbx_struct_oper_list.vector[2]            0.0000000000 
_pdbx_struct_oper_list.matrix[3][1]         0.0000000000 
_pdbx_struct_oper_list.matrix[3][2]         0.0000000000 
_pdbx_struct_oper_list.matrix[3][3]         1.0000000000 
_pdbx_struct_oper_list.vector[3]            0.0000000000 
# 
loop_
_struct_conn.id 
_struct_conn.conn_type_id 
_struct_conn.pdbx_leaving_atom_flag 
_struct_conn.pdbx_PDB_id 
_struct_conn.ptnr1_label_asym_id 
_struct_conn.ptnr1_label_comp_id 
_struct_conn.ptnr1_label_seq_id 
_struct_conn.ptnr1_label_atom_id 
_struct_conn.pdbx_ptnr1_label_alt_id 
_struct_conn.pdbx_ptnr1_PDB_ins_code 
_struct_conn.pdbx_ptnr1_standard_comp_id 
_struct_conn.ptnr1_symmetry 
_struct_conn.ptnr2_label_asym_id 
_struct_conn.ptnr2_label_comp_id 
_struct_conn.ptnr2_label_seq_id 
_struct_conn.ptnr2_label_atom_id 
_struct_conn.pdbx_ptnr2_label_alt_id 
_struct_conn.pdbx_ptnr2_PDB_ins_code 
_struct_conn.ptnr1_auth_asym_id 
_struct_conn.ptnr1_auth_comp_id 
_struct_conn.ptnr1_auth_seq_id 
_struct_conn.ptnr2_auth_asym_id 
_struct_conn.ptnr2_auth_comp_id 
_struct_conn.ptnr2_auth_seq_id 
_struct_conn.ptnr2_symmetry 
_struct_conn.pdbx_ptnr3_label_atom_id 
_struct_conn.pdbx_ptnr3_label_seq_id 
_struct_conn.pdbx_ptnr3_label_comp_id 
_struct_conn.pdbx_ptnr3_label_asym_id 
_struct_conn.pdbx_ptnr3_label_alt_id 
_struct_conn.pdbx_ptnr3_PDB_ins_code 
_struct_conn.details 
_struct_conn.pdbx_dist_value 
_struct_conn.pdbx_value_order 
_struct_conn.pdbx_role 
metalc1  metalc ? ? A C   9  "O2'" ? ? ? 1_555 D NA  .  NA    ? ? A C   9   A NA  102 1_555 ? ? ? ? ? ? ?            2.768 ? ? 
metalc2  metalc ? ? A C   15 "O3'" ? ? ? 1_555 F NA  .  NA    ? ? A C   15  B NA  102 4_545 ? ? ? ? ? ? ?            3.157 ? ? 
metalc3  metalc ? ? A C   15 "O2'" ? ? ? 1_555 F NA  .  NA    ? ? A C   15  B NA  102 4_545 ? ? ? ? ? ? ?            2.982 ? ? 
metalc4  metalc ? ? A A   18 OP2   ? ? ? 1_555 C CA  .  CA    ? ? A A   18  A CA  101 1_555 ? ? ? ? ? ? ?            2.448 ? ? 
metalc5  metalc ? ? A G   19 OP1   ? ? ? 1_555 C CA  .  CA    ? ? A G   19  A CA  101 1_555 ? ? ? ? ? ? ?            2.140 ? ? 
metalc6  metalc ? ? C CA  .  CA    ? ? ? 1_555 G HOH .  O     ? ? A CA  101 A HOH 252 1_555 ? ? ? ? ? ? ?            2.448 ? ? 
metalc7  metalc ? ? C CA  .  CA    ? ? ? 1_555 G HOH .  O     ? ? A CA  101 A HOH 253 1_555 ? ? ? ? ? ? ?            2.432 ? ? 
metalc8  metalc ? ? D NA  .  NA    ? ? ? 4_546 B C   15 "O2'" ? ? A NA  102 B C   38  1_555 ? ? ? ? ? ? ?            2.963 ? ? 
metalc9  metalc ? ? G HOH .  O     ? ? ? 1_555 F NA  .  NA    ? ? A HOH 214 B NA  102 1_555 ? ? ? ? ? ? ?            3.012 ? ? 
metalc10 metalc ? ? B C   9  "O2'" ? ? ? 1_555 F NA  .  NA    ? ? B C   32  B NA  102 1_555 ? ? ? ? ? ? ?            2.735 ? ? 
metalc11 metalc ? ? B A   18 OP2   ? ? ? 1_555 E CA  .  CA    ? ? B A   41  B CA  101 1_555 ? ? ? ? ? ? ?            2.426 ? ? 
metalc12 metalc ? ? B G   19 OP1   ? ? ? 1_555 E CA  .  CA    ? ? B G   42  B CA  101 1_555 ? ? ? ? ? ? ?            2.118 ? ? 
metalc13 metalc ? ? E CA  .  CA    ? ? ? 1_555 H HOH .  O     ? ? B CA  101 B HOH 243 1_555 ? ? ? ? ? ? ?            2.543 ? ? 
metalc14 metalc ? ? E CA  .  CA    ? ? ? 1_555 H HOH .  O     ? ? B CA  101 B HOH 244 1_555 ? ? ? ? ? ? ?            2.573 ? ? 
metalc15 metalc ? ? E CA  .  CA    ? ? ? 1_555 H HOH .  O     ? ? B CA  101 B HOH 245 1_555 ? ? ? ? ? ? ?            2.376 ? ? 
hydrog1  hydrog ? ? A G   3  N1    ? ? ? 1_555 B C   23 N3    ? ? A G   3   B C   46  1_555 ? ? ? ? ? ? WATSON-CRICK ?     ? ? 
hydrog2  hydrog ? ? A G   3  N2    ? ? ? 1_555 B C   23 O2    ? ? A G   3   B C   46  1_555 ? ? ? ? ? ? WATSON-CRICK ?     ? ? 
hydrog3  hydrog ? ? A G   3  O6    ? ? ? 1_555 B C   23 N4    ? ? A G   3   B C   46  1_555 ? ? ? ? ? ? WATSON-CRICK ?     ? ? 
hydrog4  hydrog ? ? A C   4  N3    ? ? ? 1_555 B G   22 N1    ? ? A C   4   B G   45  1_555 ? ? ? ? ? ? WATSON-CRICK ?     ? ? 
hydrog5  hydrog ? ? A C   4  N4    ? ? ? 1_555 B G   22 O6    ? ? A C   4   B G   45  1_555 ? ? ? ? ? ? WATSON-CRICK ?     ? ? 
hydrog6  hydrog ? ? A C   4  O2    ? ? ? 1_555 B G   22 N2    ? ? A C   4   B G   45  1_555 ? ? ? ? ? ? WATSON-CRICK ?     ? ? 
hydrog7  hydrog ? ? A G   5  N1    ? ? ? 1_555 B C   21 N3    ? ? A G   5   B C   44  1_555 ? ? ? ? ? ? WATSON-CRICK ?     ? ? 
hydrog8  hydrog ? ? A G   5  N2    ? ? ? 1_555 B C   21 O2    ? ? A G   5   B C   44  1_555 ? ? ? ? ? ? WATSON-CRICK ?     ? ? 
hydrog9  hydrog ? ? A G   5  O6    ? ? ? 1_555 B C   21 N4    ? ? A G   5   B C   44  1_555 ? ? ? ? ? ? WATSON-CRICK ?     ? ? 
hydrog10 hydrog ? ? A U   6  N3    ? ? ? 1_555 B U   20 O4    ? ? A U   6   B U   43  1_555 ? ? ? ? ? ? TYPE_16_PAIR ?     ? ? 
hydrog11 hydrog ? ? A U   6  O2    ? ? ? 1_555 B U   20 N3    ? ? A U   6   B U   43  1_555 ? ? ? ? ? ? TYPE_16_PAIR ?     ? ? 
hydrog12 hydrog ? ? A C   7  N3    ? ? ? 1_555 B G   19 N1    ? ? A C   7   B G   42  1_555 ? ? ? ? ? ? WATSON-CRICK ?     ? ? 
hydrog13 hydrog ? ? A C   7  N4    ? ? ? 1_555 B G   19 O6    ? ? A C   7   B G   42  1_555 ? ? ? ? ? ? WATSON-CRICK ?     ? ? 
hydrog14 hydrog ? ? A C   7  O2    ? ? ? 1_555 B G   19 N2    ? ? A C   7   B G   42  1_555 ? ? ? ? ? ? WATSON-CRICK ?     ? ? 
hydrog15 hydrog ? ? A U   8  N3    ? ? ? 1_555 B A   17 N1    ? ? A U   8   B A   40  1_555 ? ? ? ? ? ? WATSON-CRICK ?     ? ? 
hydrog16 hydrog ? ? A U   8  O4    ? ? ? 1_555 B A   17 N6    ? ? A U   8   B A   40  1_555 ? ? ? ? ? ? WATSON-CRICK ?     ? ? 
hydrog17 hydrog ? ? A C   9  N3    ? ? ? 1_555 B G   16 N1    ? ? A C   9   B G   39  1_555 ? ? ? ? ? ? WATSON-CRICK ?     ? ? 
hydrog18 hydrog ? ? A C   9  N4    ? ? ? 1_555 B G   16 O6    ? ? A C   9   B G   39  1_555 ? ? ? ? ? ? WATSON-CRICK ?     ? ? 
hydrog19 hydrog ? ? A C   9  O2    ? ? ? 1_555 B G   16 N2    ? ? A C   9   B G   39  1_555 ? ? ? ? ? ? WATSON-CRICK ?     ? ? 
hydrog20 hydrog ? ? A G   10 N1    ? ? ? 1_555 B C   15 N3    ? ? A G   10  B C   38  1_555 ? ? ? ? ? ? WATSON-CRICK ?     ? ? 
hydrog21 hydrog ? ? A G   10 N2    ? ? ? 1_555 B C   15 O2    ? ? A G   10  B C   38  1_555 ? ? ? ? ? ? WATSON-CRICK ?     ? ? 
hydrog22 hydrog ? ? A G   10 O6    ? ? ? 1_555 B C   15 N4    ? ? A G   10  B C   38  1_555 ? ? ? ? ? ? WATSON-CRICK ?     ? ? 
hydrog23 hydrog ? ? A U   11 N3    ? ? ? 1_555 B A   14 N1    ? ? A U   11  B A   37  1_555 ? ? ? ? ? ? WATSON-CRICK ?     ? ? 
hydrog24 hydrog ? ? A U   11 O4    ? ? ? 1_555 B A   14 N6    ? ? A U   11  B A   37  1_555 ? ? ? ? ? ? WATSON-CRICK ?     ? ? 
hydrog25 hydrog ? ? A C   12 N3    ? ? ? 1_555 B G   13 N1    ? ? A C   12  B G   36  1_555 ? ? ? ? ? ? WATSON-CRICK ?     ? ? 
hydrog26 hydrog ? ? A C   12 N4    ? ? ? 1_555 B G   13 O6    ? ? A C   12  B G   36  1_555 ? ? ? ? ? ? WATSON-CRICK ?     ? ? 
hydrog27 hydrog ? ? A C   12 O2    ? ? ? 1_555 B G   13 N2    ? ? A C   12  B G   36  1_555 ? ? ? ? ? ? WATSON-CRICK ?     ? ? 
hydrog28 hydrog ? ? A G   13 N1    ? ? ? 1_555 B C   12 N3    ? ? A G   13  B C   35  1_555 ? ? ? ? ? ? WATSON-CRICK ?     ? ? 
hydrog29 hydrog ? ? A G   13 N2    ? ? ? 1_555 B C   12 O2    ? ? A G   13  B C   35  1_555 ? ? ? ? ? ? WATSON-CRICK ?     ? ? 
hydrog30 hydrog ? ? A G   13 O6    ? ? ? 1_555 B C   12 N4    ? ? A G   13  B C   35  1_555 ? ? ? ? ? ? WATSON-CRICK ?     ? ? 
hydrog31 hydrog ? ? A A   14 N1    ? ? ? 1_555 B U   11 N3    ? ? A A   14  B U   34  1_555 ? ? ? ? ? ? WATSON-CRICK ?     ? ? 
hydrog32 hydrog ? ? A A   14 N6    ? ? ? 1_555 B U   11 O4    ? ? A A   14  B U   34  1_555 ? ? ? ? ? ? WATSON-CRICK ?     ? ? 
hydrog33 hydrog ? ? A C   15 N3    ? ? ? 1_555 B G   10 N1    ? ? A C   15  B G   33  1_555 ? ? ? ? ? ? WATSON-CRICK ?     ? ? 
hydrog34 hydrog ? ? A C   15 N4    ? ? ? 1_555 B G   10 O6    ? ? A C   15  B G   33  1_555 ? ? ? ? ? ? WATSON-CRICK ?     ? ? 
hydrog35 hydrog ? ? A C   15 O2    ? ? ? 1_555 B G   10 N2    ? ? A C   15  B G   33  1_555 ? ? ? ? ? ? WATSON-CRICK ?     ? ? 
hydrog36 hydrog ? ? A G   16 N1    ? ? ? 1_555 B C   9  N3    ? ? A G   16  B C   32  1_555 ? ? ? ? ? ? WATSON-CRICK ?     ? ? 
hydrog37 hydrog ? ? A G   16 N2    ? ? ? 1_555 B C   9  O2    ? ? A G   16  B C   32  1_555 ? ? ? ? ? ? WATSON-CRICK ?     ? ? 
hydrog38 hydrog ? ? A G   16 O6    ? ? ? 1_555 B C   9  N4    ? ? A G   16  B C   32  1_555 ? ? ? ? ? ? WATSON-CRICK ?     ? ? 
hydrog39 hydrog ? ? A A   17 N1    ? ? ? 1_555 B U   8  N3    ? ? A A   17  B U   31  1_555 ? ? ? ? ? ? WATSON-CRICK ?     ? ? 
hydrog40 hydrog ? ? A A   17 N6    ? ? ? 1_555 B U   8  O4    ? ? A A   17  B U   31  1_555 ? ? ? ? ? ? WATSON-CRICK ?     ? ? 
hydrog41 hydrog ? ? A G   19 N1    ? ? ? 1_555 B C   7  N3    ? ? A G   19  B C   30  1_555 ? ? ? ? ? ? WATSON-CRICK ?     ? ? 
hydrog42 hydrog ? ? A G   19 N2    ? ? ? 1_555 B C   7  O2    ? ? A G   19  B C   30  1_555 ? ? ? ? ? ? WATSON-CRICK ?     ? ? 
hydrog43 hydrog ? ? A G   19 O6    ? ? ? 1_555 B C   7  N4    ? ? A G   19  B C   30  1_555 ? ? ? ? ? ? WATSON-CRICK ?     ? ? 
hydrog44 hydrog ? ? A U   20 N3    ? ? ? 1_555 B U   6  O4    ? ? A U   20  B U   29  1_555 ? ? ? ? ? ? TYPE_16_PAIR ?     ? ? 
hydrog45 hydrog ? ? A U   20 O2    ? ? ? 1_555 B U   6  N3    ? ? A U   20  B U   29  1_555 ? ? ? ? ? ? TYPE_16_PAIR ?     ? ? 
hydrog46 hydrog ? ? A C   21 N3    ? ? ? 1_555 B G   5  N1    ? ? A C   21  B G   28  1_555 ? ? ? ? ? ? WATSON-CRICK ?     ? ? 
hydrog47 hydrog ? ? A C   21 N4    ? ? ? 1_555 B G   5  O6    ? ? A C   21  B G   28  1_555 ? ? ? ? ? ? WATSON-CRICK ?     ? ? 
hydrog48 hydrog ? ? A C   21 O2    ? ? ? 1_555 B G   5  N2    ? ? A C   21  B G   28  1_555 ? ? ? ? ? ? WATSON-CRICK ?     ? ? 
hydrog49 hydrog ? ? A G   22 N1    ? ? ? 1_555 B C   4  N3    ? ? A G   22  B C   27  1_555 ? ? ? ? ? ? WATSON-CRICK ?     ? ? 
hydrog50 hydrog ? ? A G   22 N2    ? ? ? 1_555 B C   4  O2    ? ? A G   22  B C   27  1_555 ? ? ? ? ? ? WATSON-CRICK ?     ? ? 
hydrog51 hydrog ? ? A G   22 O6    ? ? ? 1_555 B C   4  N4    ? ? A G   22  B C   27  1_555 ? ? ? ? ? ? WATSON-CRICK ?     ? ? 
hydrog52 hydrog ? ? A C   23 N3    ? ? ? 1_555 B G   3  N1    ? ? A C   23  B G   26  1_555 ? ? ? ? ? ? WATSON-CRICK ?     ? ? 
hydrog53 hydrog ? ? A C   23 N4    ? ? ? 1_555 B G   3  O6    ? ? A C   23  B G   26  1_555 ? ? ? ? ? ? WATSON-CRICK ?     ? ? 
hydrog54 hydrog ? ? A C   23 O2    ? ? ? 1_555 B G   3  N2    ? ? A C   23  B G   26  1_555 ? ? ? ? ? ? WATSON-CRICK ?     ? ? 
# 
loop_
_struct_conn_type.id 
_struct_conn_type.criteria 
_struct_conn_type.reference 
metalc ? ? 
hydrog ? ? 
# 
loop_
_pdbx_struct_conn_angle.id 
_pdbx_struct_conn_angle.ptnr1_label_atom_id 
_pdbx_struct_conn_angle.ptnr1_label_alt_id 
_pdbx_struct_conn_angle.ptnr1_label_asym_id 
_pdbx_struct_conn_angle.ptnr1_label_comp_id 
_pdbx_struct_conn_angle.ptnr1_label_seq_id 
_pdbx_struct_conn_angle.ptnr1_auth_atom_id 
_pdbx_struct_conn_angle.ptnr1_auth_asym_id 
_pdbx_struct_conn_angle.ptnr1_auth_comp_id 
_pdbx_struct_conn_angle.ptnr1_auth_seq_id 
_pdbx_struct_conn_angle.ptnr1_PDB_ins_code 
_pdbx_struct_conn_angle.ptnr1_symmetry 
_pdbx_struct_conn_angle.ptnr2_label_atom_id 
_pdbx_struct_conn_angle.ptnr2_label_alt_id 
_pdbx_struct_conn_angle.ptnr2_label_asym_id 
_pdbx_struct_conn_angle.ptnr2_label_comp_id 
_pdbx_struct_conn_angle.ptnr2_label_seq_id 
_pdbx_struct_conn_angle.ptnr2_auth_atom_id 
_pdbx_struct_conn_angle.ptnr2_auth_asym_id 
_pdbx_struct_conn_angle.ptnr2_auth_comp_id 
_pdbx_struct_conn_angle.ptnr2_auth_seq_id 
_pdbx_struct_conn_angle.ptnr2_PDB_ins_code 
_pdbx_struct_conn_angle.ptnr2_symmetry 
_pdbx_struct_conn_angle.ptnr3_label_atom_id 
_pdbx_struct_conn_angle.ptnr3_label_alt_id 
_pdbx_struct_conn_angle.ptnr3_label_asym_id 
_pdbx_struct_conn_angle.ptnr3_label_comp_id 
_pdbx_struct_conn_angle.ptnr3_label_seq_id 
_pdbx_struct_conn_angle.ptnr3_auth_atom_id 
_pdbx_struct_conn_angle.ptnr3_auth_asym_id 
_pdbx_struct_conn_angle.ptnr3_auth_comp_id 
_pdbx_struct_conn_angle.ptnr3_auth_seq_id 
_pdbx_struct_conn_angle.ptnr3_PDB_ins_code 
_pdbx_struct_conn_angle.ptnr3_symmetry 
_pdbx_struct_conn_angle.value 
_pdbx_struct_conn_angle.value_esd 
1  "O2'" ? A C   9  ? A C   9   ? 1_555 NA ? D NA . ? A NA 102 ? 1_555 "O2'" ? B C   15 ? B C   38  ? 1_555 114.6 ? 
2  "O3'" ? A C   15 ? A C   15  ? 1_555 NA ? F NA . ? B NA 102 ? 4_545 "O2'" ? A C   15 ? A C   15  ? 1_555 54.8  ? 
3  "O3'" ? A C   15 ? A C   15  ? 1_555 NA ? F NA . ? B NA 102 ? 4_545 O     ? G HOH .  ? A HOH 214 ? 1_555 66.3  ? 
4  "O2'" ? A C   15 ? A C   15  ? 1_555 NA ? F NA . ? B NA 102 ? 4_545 O     ? G HOH .  ? A HOH 214 ? 1_555 32.5  ? 
5  "O3'" ? A C   15 ? A C   15  ? 1_555 NA ? F NA . ? B NA 102 ? 4_545 "O2'" ? B C   9  ? B C   32  ? 1_555 57.9  ? 
6  "O2'" ? A C   15 ? A C   15  ? 1_555 NA ? F NA . ? B NA 102 ? 4_545 "O2'" ? B C   9  ? B C   32  ? 1_555 22.3  ? 
7  O     ? G HOH .  ? A HOH 214 ? 1_555 NA ? F NA . ? B NA 102 ? 4_545 "O2'" ? B C   9  ? B C   32  ? 1_555 11.3  ? 
8  OP2   ? A A   18 ? A A   18  ? 1_555 CA ? C CA . ? A CA 101 ? 1_555 OP1   ? A G   19 ? A G   19  ? 1_555 88.4  ? 
9  OP2   ? A A   18 ? A A   18  ? 1_555 CA ? C CA . ? A CA 101 ? 1_555 O     ? G HOH .  ? A HOH 252 ? 1_555 110.0 ? 
10 OP1   ? A G   19 ? A G   19  ? 1_555 CA ? C CA . ? A CA 101 ? 1_555 O     ? G HOH .  ? A HOH 252 ? 1_555 83.3  ? 
11 OP2   ? A A   18 ? A A   18  ? 1_555 CA ? C CA . ? A CA 101 ? 1_555 O     ? G HOH .  ? A HOH 253 ? 1_555 75.7  ? 
12 OP1   ? A G   19 ? A G   19  ? 1_555 CA ? C CA . ? A CA 101 ? 1_555 O     ? G HOH .  ? A HOH 253 ? 1_555 120.7 ? 
13 O     ? G HOH .  ? A HOH 252 ? 1_555 CA ? C CA . ? A CA 101 ? 1_555 O     ? G HOH .  ? A HOH 253 ? 1_555 155.8 ? 
14 OP2   ? B A   18 ? B A   41  ? 1_555 CA ? E CA . ? B CA 101 ? 1_555 OP1   ? B G   19 ? B G   42  ? 1_555 87.4  ? 
15 OP2   ? B A   18 ? B A   41  ? 1_555 CA ? E CA . ? B CA 101 ? 1_555 O     ? H HOH .  ? B HOH 243 ? 1_555 170.0 ? 
16 OP1   ? B G   19 ? B G   42  ? 1_555 CA ? E CA . ? B CA 101 ? 1_555 O     ? H HOH .  ? B HOH 243 ? 1_555 95.4  ? 
17 OP2   ? B A   18 ? B A   41  ? 1_555 CA ? E CA . ? B CA 101 ? 1_555 O     ? H HOH .  ? B HOH 244 ? 1_555 99.7  ? 
18 OP1   ? B G   19 ? B G   42  ? 1_555 CA ? E CA . ? B CA 101 ? 1_555 O     ? H HOH .  ? B HOH 244 ? 1_555 81.0  ? 
19 O     ? H HOH .  ? B HOH 243 ? 1_555 CA ? E CA . ? B CA 101 ? 1_555 O     ? H HOH .  ? B HOH 244 ? 1_555 90.2  ? 
20 OP2   ? B A   18 ? B A   41  ? 1_555 CA ? E CA . ? B CA 101 ? 1_555 O     ? H HOH .  ? B HOH 245 ? 1_555 89.9  ? 
21 OP1   ? B G   19 ? B G   42  ? 1_555 CA ? E CA . ? B CA 101 ? 1_555 O     ? H HOH .  ? B HOH 245 ? 1_555 157.4 ? 
22 O     ? H HOH .  ? B HOH 243 ? 1_555 CA ? E CA . ? B CA 101 ? 1_555 O     ? H HOH .  ? B HOH 245 ? 1_555 91.1  ? 
23 O     ? H HOH .  ? B HOH 244 ? 1_555 CA ? E CA . ? B CA 101 ? 1_555 O     ? H HOH .  ? B HOH 245 ? 1_555 77.4  ? 
# 
loop_
_struct_site.id 
_struct_site.pdbx_evidence_code 
_struct_site.pdbx_auth_asym_id 
_struct_site.pdbx_auth_comp_id 
_struct_site.pdbx_auth_seq_id 
_struct_site.pdbx_auth_ins_code 
_struct_site.pdbx_num_residues 
_struct_site.details 
AC1 Software A CA 101 ? 4 'binding site for residue CA A 101' 
AC2 Software A NA 102 ? 3 'binding site for residue NA A 102' 
AC3 Software B CA 101 ? 5 'binding site for residue CA B 101' 
AC4 Software B NA 102 ? 4 'binding site for residue NA B 102' 
# 
loop_
_struct_site_gen.id 
_struct_site_gen.site_id 
_struct_site_gen.pdbx_num_res 
_struct_site_gen.label_comp_id 
_struct_site_gen.label_asym_id 
_struct_site_gen.label_seq_id 
_struct_site_gen.pdbx_auth_ins_code 
_struct_site_gen.auth_comp_id 
_struct_site_gen.auth_asym_id 
_struct_site_gen.auth_seq_id 
_struct_site_gen.label_atom_id 
_struct_site_gen.label_alt_id 
_struct_site_gen.symmetry 
_struct_site_gen.details 
1  AC1 4 A   A 18 ? A   A 18  . ? 1_555 ? 
2  AC1 4 G   A 19 ? G   A 19  . ? 1_555 ? 
3  AC1 4 HOH G .  ? HOH A 252 . ? 1_555 ? 
4  AC1 4 HOH G .  ? HOH A 253 . ? 1_555 ? 
5  AC2 3 C   A 9  ? C   A 9   . ? 1_555 ? 
6  AC2 3 G   A 10 ? G   A 10  . ? 1_555 ? 
7  AC2 3 C   B 15 ? C   B 38  . ? 4_556 ? 
8  AC3 5 A   B 18 ? A   B 41  . ? 1_555 ? 
9  AC3 5 G   B 19 ? G   B 42  . ? 1_555 ? 
10 AC3 5 HOH H .  ? HOH B 243 . ? 1_555 ? 
11 AC3 5 HOH H .  ? HOH B 244 . ? 1_555 ? 
12 AC3 5 HOH H .  ? HOH B 245 . ? 1_555 ? 
13 AC4 4 C   A 15 ? C   A 15  . ? 4_555 ? 
14 AC4 4 HOH G .  ? HOH A 214 . ? 1_555 ? 
15 AC4 4 C   B 9  ? C   B 32  . ? 1_555 ? 
16 AC4 4 G   B 10 ? G   B 33  . ? 1_555 ? 
# 
_pdbx_distant_solvent_atoms.id                                1 
_pdbx_distant_solvent_atoms.PDB_model_num                     1 
_pdbx_distant_solvent_atoms.auth_atom_id                      O 
_pdbx_distant_solvent_atoms.label_alt_id                      ? 
_pdbx_distant_solvent_atoms.auth_asym_id                      A 
_pdbx_distant_solvent_atoms.auth_comp_id                      HOH 
_pdbx_distant_solvent_atoms.auth_seq_id                       258 
_pdbx_distant_solvent_atoms.PDB_ins_code                      ? 
_pdbx_distant_solvent_atoms.neighbor_macromolecule_distance   5.96 
_pdbx_distant_solvent_atoms.neighbor_ligand_distance          . 
# 
loop_
_pdbx_unobs_or_zero_occ_residues.id 
_pdbx_unobs_or_zero_occ_residues.PDB_model_num 
_pdbx_unobs_or_zero_occ_residues.polymer_flag 
_pdbx_unobs_or_zero_occ_residues.occupancy_flag 
_pdbx_unobs_or_zero_occ_residues.auth_asym_id 
_pdbx_unobs_or_zero_occ_residues.auth_comp_id 
_pdbx_unobs_or_zero_occ_residues.auth_seq_id 
_pdbx_unobs_or_zero_occ_residues.PDB_ins_code 
_pdbx_unobs_or_zero_occ_residues.label_asym_id 
_pdbx_unobs_or_zero_occ_residues.label_comp_id 
_pdbx_unobs_or_zero_occ_residues.label_seq_id 
1 1 Y 1 A U 1 ? A U 1 
2 1 Y 1 A U 2 ? A U 2 
# 
loop_
_chem_comp_atom.comp_id 
_chem_comp_atom.atom_id 
_chem_comp_atom.type_symbol 
_chem_comp_atom.pdbx_aromatic_flag 
_chem_comp_atom.pdbx_stereo_config 
_chem_comp_atom.pdbx_ordinal 
A   OP3    O  N N 1   
A   P      P  N N 2   
A   OP1    O  N N 3   
A   OP2    O  N N 4   
A   "O5'"  O  N N 5   
A   "C5'"  C  N N 6   
A   "C4'"  C  N R 7   
A   "O4'"  O  N N 8   
A   "C3'"  C  N S 9   
A   "O3'"  O  N N 10  
A   "C2'"  C  N R 11  
A   "O2'"  O  N N 12  
A   "C1'"  C  N R 13  
A   N9     N  Y N 14  
A   C8     C  Y N 15  
A   N7     N  Y N 16  
A   C5     C  Y N 17  
A   C6     C  Y N 18  
A   N6     N  N N 19  
A   N1     N  Y N 20  
A   C2     C  Y N 21  
A   N3     N  Y N 22  
A   C4     C  Y N 23  
A   HOP3   H  N N 24  
A   HOP2   H  N N 25  
A   "H5'"  H  N N 26  
A   "H5''" H  N N 27  
A   "H4'"  H  N N 28  
A   "H3'"  H  N N 29  
A   "HO3'" H  N N 30  
A   "H2'"  H  N N 31  
A   "HO2'" H  N N 32  
A   "H1'"  H  N N 33  
A   H8     H  N N 34  
A   H61    H  N N 35  
A   H62    H  N N 36  
A   H2     H  N N 37  
C   OP3    O  N N 38  
C   P      P  N N 39  
C   OP1    O  N N 40  
C   OP2    O  N N 41  
C   "O5'"  O  N N 42  
C   "C5'"  C  N N 43  
C   "C4'"  C  N R 44  
C   "O4'"  O  N N 45  
C   "C3'"  C  N S 46  
C   "O3'"  O  N N 47  
C   "C2'"  C  N R 48  
C   "O2'"  O  N N 49  
C   "C1'"  C  N R 50  
C   N1     N  N N 51  
C   C2     C  N N 52  
C   O2     O  N N 53  
C   N3     N  N N 54  
C   C4     C  N N 55  
C   N4     N  N N 56  
C   C5     C  N N 57  
C   C6     C  N N 58  
C   HOP3   H  N N 59  
C   HOP2   H  N N 60  
C   "H5'"  H  N N 61  
C   "H5''" H  N N 62  
C   "H4'"  H  N N 63  
C   "H3'"  H  N N 64  
C   "HO3'" H  N N 65  
C   "H2'"  H  N N 66  
C   "HO2'" H  N N 67  
C   "H1'"  H  N N 68  
C   H41    H  N N 69  
C   H42    H  N N 70  
C   H5     H  N N 71  
C   H6     H  N N 72  
CA  CA     CA N N 73  
G   OP3    O  N N 74  
G   P      P  N N 75  
G   OP1    O  N N 76  
G   OP2    O  N N 77  
G   "O5'"  O  N N 78  
G   "C5'"  C  N N 79  
G   "C4'"  C  N R 80  
G   "O4'"  O  N N 81  
G   "C3'"  C  N S 82  
G   "O3'"  O  N N 83  
G   "C2'"  C  N R 84  
G   "O2'"  O  N N 85  
G   "C1'"  C  N R 86  
G   N9     N  Y N 87  
G   C8     C  Y N 88  
G   N7     N  Y N 89  
G   C5     C  Y N 90  
G   C6     C  N N 91  
G   O6     O  N N 92  
G   N1     N  N N 93  
G   C2     C  N N 94  
G   N2     N  N N 95  
G   N3     N  N N 96  
G   C4     C  Y N 97  
G   HOP3   H  N N 98  
G   HOP2   H  N N 99  
G   "H5'"  H  N N 100 
G   "H5''" H  N N 101 
G   "H4'"  H  N N 102 
G   "H3'"  H  N N 103 
G   "HO3'" H  N N 104 
G   "H2'"  H  N N 105 
G   "HO2'" H  N N 106 
G   "H1'"  H  N N 107 
G   H8     H  N N 108 
G   H1     H  N N 109 
G   H21    H  N N 110 
G   H22    H  N N 111 
HOH O      O  N N 112 
HOH H1     H  N N 113 
HOH H2     H  N N 114 
NA  NA     NA N N 115 
U   OP3    O  N N 116 
U   P      P  N N 117 
U   OP1    O  N N 118 
U   OP2    O  N N 119 
U   "O5'"  O  N N 120 
U   "C5'"  C  N N 121 
U   "C4'"  C  N R 122 
U   "O4'"  O  N N 123 
U   "C3'"  C  N S 124 
U   "O3'"  O  N N 125 
U   "C2'"  C  N R 126 
U   "O2'"  O  N N 127 
U   "C1'"  C  N R 128 
U   N1     N  N N 129 
U   C2     C  N N 130 
U   O2     O  N N 131 
U   N3     N  N N 132 
U   C4     C  N N 133 
U   O4     O  N N 134 
U   C5     C  N N 135 
U   C6     C  N N 136 
U   HOP3   H  N N 137 
U   HOP2   H  N N 138 
U   "H5'"  H  N N 139 
U   "H5''" H  N N 140 
U   "H4'"  H  N N 141 
U   "H3'"  H  N N 142 
U   "HO3'" H  N N 143 
U   "H2'"  H  N N 144 
U   "HO2'" H  N N 145 
U   "H1'"  H  N N 146 
U   H3     H  N N 147 
U   H5     H  N N 148 
U   H6     H  N N 149 
# 
loop_
_chem_comp_bond.comp_id 
_chem_comp_bond.atom_id_1 
_chem_comp_bond.atom_id_2 
_chem_comp_bond.value_order 
_chem_comp_bond.pdbx_aromatic_flag 
_chem_comp_bond.pdbx_stereo_config 
_chem_comp_bond.pdbx_ordinal 
A   OP3   P      sing N N 1   
A   OP3   HOP3   sing N N 2   
A   P     OP1    doub N N 3   
A   P     OP2    sing N N 4   
A   P     "O5'"  sing N N 5   
A   OP2   HOP2   sing N N 6   
A   "O5'" "C5'"  sing N N 7   
A   "C5'" "C4'"  sing N N 8   
A   "C5'" "H5'"  sing N N 9   
A   "C5'" "H5''" sing N N 10  
A   "C4'" "O4'"  sing N N 11  
A   "C4'" "C3'"  sing N N 12  
A   "C4'" "H4'"  sing N N 13  
A   "O4'" "C1'"  sing N N 14  
A   "C3'" "O3'"  sing N N 15  
A   "C3'" "C2'"  sing N N 16  
A   "C3'" "H3'"  sing N N 17  
A   "O3'" "HO3'" sing N N 18  
A   "C2'" "O2'"  sing N N 19  
A   "C2'" "C1'"  sing N N 20  
A   "C2'" "H2'"  sing N N 21  
A   "O2'" "HO2'" sing N N 22  
A   "C1'" N9     sing N N 23  
A   "C1'" "H1'"  sing N N 24  
A   N9    C8     sing Y N 25  
A   N9    C4     sing Y N 26  
A   C8    N7     doub Y N 27  
A   C8    H8     sing N N 28  
A   N7    C5     sing Y N 29  
A   C5    C6     sing Y N 30  
A   C5    C4     doub Y N 31  
A   C6    N6     sing N N 32  
A   C6    N1     doub Y N 33  
A   N6    H61    sing N N 34  
A   N6    H62    sing N N 35  
A   N1    C2     sing Y N 36  
A   C2    N3     doub Y N 37  
A   C2    H2     sing N N 38  
A   N3    C4     sing Y N 39  
C   OP3   P      sing N N 40  
C   OP3   HOP3   sing N N 41  
C   P     OP1    doub N N 42  
C   P     OP2    sing N N 43  
C   P     "O5'"  sing N N 44  
C   OP2   HOP2   sing N N 45  
C   "O5'" "C5'"  sing N N 46  
C   "C5'" "C4'"  sing N N 47  
C   "C5'" "H5'"  sing N N 48  
C   "C5'" "H5''" sing N N 49  
C   "C4'" "O4'"  sing N N 50  
C   "C4'" "C3'"  sing N N 51  
C   "C4'" "H4'"  sing N N 52  
C   "O4'" "C1'"  sing N N 53  
C   "C3'" "O3'"  sing N N 54  
C   "C3'" "C2'"  sing N N 55  
C   "C3'" "H3'"  sing N N 56  
C   "O3'" "HO3'" sing N N 57  
C   "C2'" "O2'"  sing N N 58  
C   "C2'" "C1'"  sing N N 59  
C   "C2'" "H2'"  sing N N 60  
C   "O2'" "HO2'" sing N N 61  
C   "C1'" N1     sing N N 62  
C   "C1'" "H1'"  sing N N 63  
C   N1    C2     sing N N 64  
C   N1    C6     sing N N 65  
C   C2    O2     doub N N 66  
C   C2    N3     sing N N 67  
C   N3    C4     doub N N 68  
C   C4    N4     sing N N 69  
C   C4    C5     sing N N 70  
C   N4    H41    sing N N 71  
C   N4    H42    sing N N 72  
C   C5    C6     doub N N 73  
C   C5    H5     sing N N 74  
C   C6    H6     sing N N 75  
G   OP3   P      sing N N 76  
G   OP3   HOP3   sing N N 77  
G   P     OP1    doub N N 78  
G   P     OP2    sing N N 79  
G   P     "O5'"  sing N N 80  
G   OP2   HOP2   sing N N 81  
G   "O5'" "C5'"  sing N N 82  
G   "C5'" "C4'"  sing N N 83  
G   "C5'" "H5'"  sing N N 84  
G   "C5'" "H5''" sing N N 85  
G   "C4'" "O4'"  sing N N 86  
G   "C4'" "C3'"  sing N N 87  
G   "C4'" "H4'"  sing N N 88  
G   "O4'" "C1'"  sing N N 89  
G   "C3'" "O3'"  sing N N 90  
G   "C3'" "C2'"  sing N N 91  
G   "C3'" "H3'"  sing N N 92  
G   "O3'" "HO3'" sing N N 93  
G   "C2'" "O2'"  sing N N 94  
G   "C2'" "C1'"  sing N N 95  
G   "C2'" "H2'"  sing N N 96  
G   "O2'" "HO2'" sing N N 97  
G   "C1'" N9     sing N N 98  
G   "C1'" "H1'"  sing N N 99  
G   N9    C8     sing Y N 100 
G   N9    C4     sing Y N 101 
G   C8    N7     doub Y N 102 
G   C8    H8     sing N N 103 
G   N7    C5     sing Y N 104 
G   C5    C6     sing N N 105 
G   C5    C4     doub Y N 106 
G   C6    O6     doub N N 107 
G   C6    N1     sing N N 108 
G   N1    C2     sing N N 109 
G   N1    H1     sing N N 110 
G   C2    N2     sing N N 111 
G   C2    N3     doub N N 112 
G   N2    H21    sing N N 113 
G   N2    H22    sing N N 114 
G   N3    C4     sing N N 115 
HOH O     H1     sing N N 116 
HOH O     H2     sing N N 117 
U   OP3   P      sing N N 118 
U   OP3   HOP3   sing N N 119 
U   P     OP1    doub N N 120 
U   P     OP2    sing N N 121 
U   P     "O5'"  sing N N 122 
U   OP2   HOP2   sing N N 123 
U   "O5'" "C5'"  sing N N 124 
U   "C5'" "C4'"  sing N N 125 
U   "C5'" "H5'"  sing N N 126 
U   "C5'" "H5''" sing N N 127 
U   "C4'" "O4'"  sing N N 128 
U   "C4'" "C3'"  sing N N 129 
U   "C4'" "H4'"  sing N N 130 
U   "O4'" "C1'"  sing N N 131 
U   "C3'" "O3'"  sing N N 132 
U   "C3'" "C2'"  sing N N 133 
U   "C3'" "H3'"  sing N N 134 
U   "O3'" "HO3'" sing N N 135 
U   "C2'" "O2'"  sing N N 136 
U   "C2'" "C1'"  sing N N 137 
U   "C2'" "H2'"  sing N N 138 
U   "O2'" "HO2'" sing N N 139 
U   "C1'" N1     sing N N 140 
U   "C1'" "H1'"  sing N N 141 
U   N1    C2     sing N N 142 
U   N1    C6     sing N N 143 
U   C2    O2     doub N N 144 
U   C2    N3     sing N N 145 
U   N3    C4     sing N N 146 
U   N3    H3     sing N N 147 
U   C4    O4     doub N N 148 
U   C4    C5     sing N N 149 
U   C5    C6     doub N N 150 
U   C5    H5     sing N N 151 
U   C6    H6     sing N N 152 
# 
loop_
_ndb_struct_conf_na.entry_id 
_ndb_struct_conf_na.feature 
4P43 'double helix'        
4P43 'a-form double helix' 
# 
loop_
_ndb_struct_na_base_pair.model_number 
_ndb_struct_na_base_pair.i_label_asym_id 
_ndb_struct_na_base_pair.i_label_comp_id 
_ndb_struct_na_base_pair.i_label_seq_id 
_ndb_struct_na_base_pair.i_symmetry 
_ndb_struct_na_base_pair.j_label_asym_id 
_ndb_struct_na_base_pair.j_label_comp_id 
_ndb_struct_na_base_pair.j_label_seq_id 
_ndb_struct_na_base_pair.j_symmetry 
_ndb_struct_na_base_pair.shear 
_ndb_struct_na_base_pair.stretch 
_ndb_struct_na_base_pair.stagger 
_ndb_struct_na_base_pair.buckle 
_ndb_struct_na_base_pair.propeller 
_ndb_struct_na_base_pair.opening 
_ndb_struct_na_base_pair.pair_number 
_ndb_struct_na_base_pair.pair_name 
_ndb_struct_na_base_pair.i_auth_asym_id 
_ndb_struct_na_base_pair.i_auth_seq_id 
_ndb_struct_na_base_pair.i_PDB_ins_code 
_ndb_struct_na_base_pair.j_auth_asym_id 
_ndb_struct_na_base_pair.j_auth_seq_id 
_ndb_struct_na_base_pair.j_PDB_ins_code 
_ndb_struct_na_base_pair.hbond_type_28 
_ndb_struct_na_base_pair.hbond_type_12 
1 A G 3  1_555 B C 23 1_555 -0.290 0.161  -0.095 -3.614  -2.363  7.797  1  A_G3:C46_B  A 3  ? B 46 ? 19 1 
1 A C 4  1_555 B G 22 1_555 -0.649 0.048  0.217  2.599   3.716   2.865  2  A_C4:G45_B  A 4  ? B 45 ? 19 1 
1 A G 5  1_555 B C 21 1_555 0.219  -0.285 0.133  2.537   -8.329  3.033  3  A_G5:C44_B  A 5  ? B 44 ? 19 1 
1 A U 6  1_555 B U 20 1_555 2.100  -1.456 0.342  12.859  -10.167 7.012  4  A_U6:U43_B  A 6  ? B 43 ? 16 1 
1 A C 7  1_555 B G 19 1_555 0.241  -0.133 -0.285 17.934  -9.836  4.143  5  A_C7:G42_B  A 7  ? B 42 ? 19 1 
1 A U 8  1_555 B A 17 1_555 -0.226 -0.122 -0.034 -3.351  -15.995 0.694  6  A_U8:A40_B  A 8  ? B 40 ? 20 1 
1 A C 9  1_555 B G 16 1_555 0.189  -0.245 0.147  9.405   -15.977 -0.807 7  A_C9:G39_B  A 9  ? B 39 ? 19 1 
1 A G 10 1_555 B C 15 1_555 -0.246 -0.068 0.102  0.574   -13.737 1.365  8  A_G10:C38_B A 10 ? B 38 ? 19 1 
1 A U 11 1_555 B A 14 1_555 0.119  -0.060 0.245  -3.744  -15.082 6.665  9  A_U11:A37_B A 11 ? B 37 ? 20 1 
1 A C 12 1_555 B G 13 1_555 0.070  -0.228 -0.170 7.580   -19.248 -0.903 10 A_C12:G36_B A 12 ? B 36 ? 19 1 
1 A G 13 1_555 B C 12 1_555 -0.104 -0.231 0.038  2.329   -10.971 -0.097 11 A_G13:C35_B A 13 ? B 35 ? 19 1 
1 A A 14 1_555 B U 11 1_555 -0.112 -0.068 0.301  8.262   -17.366 3.105  12 A_A14:U34_B A 14 ? B 34 ? 20 1 
1 A C 15 1_555 B G 10 1_555 0.288  -0.162 -0.032 5.279   -16.418 2.502  13 A_C15:G33_B A 15 ? B 33 ? 19 1 
1 A G 16 1_555 B C 9  1_555 -0.083 -0.241 0.441  -2.588  -13.566 -1.370 14 A_G16:C32_B A 16 ? B 32 ? 19 1 
1 A A 17 1_555 B U 8  1_555 0.221  -0.158 0.048  3.203   -18.191 0.706  15 A_A17:U31_B A 17 ? B 31 ? 20 1 
1 A G 19 1_555 B C 7  1_555 -0.148 -0.043 -0.338 -15.387 -11.393 4.901  16 A_G19:C30_B A 19 ? B 30 ? 19 1 
1 A U 20 1_555 B U 6  1_555 2.627  -1.619 -0.184 -15.065 -11.452 5.367  17 A_U20:U29_B A 20 ? B 29 ? 16 1 
1 A C 21 1_555 B G 5  1_555 0.775  -0.186 0.075  0.176   -6.267  7.157  18 A_C21:G28_B A 21 ? B 28 ? 19 1 
1 A G 22 1_555 B C 4  1_555 -0.045 -0.344 0.093  0.534   -10.212 -0.781 19 A_G22:C27_B A 22 ? B 27 ? 19 1 
1 A C 23 1_555 B G 3  1_555 0.072  -0.219 0.390  -6.429  -13.707 -0.162 20 A_C23:G26_B A 23 ? B 26 ? 19 1 
# 
loop_
_ndb_struct_na_base_pair_step.model_number 
_ndb_struct_na_base_pair_step.i_label_asym_id_1 
_ndb_struct_na_base_pair_step.i_label_comp_id_1 
_ndb_struct_na_base_pair_step.i_label_seq_id_1 
_ndb_struct_na_base_pair_step.i_symmetry_1 
_ndb_struct_na_base_pair_step.j_label_asym_id_1 
_ndb_struct_na_base_pair_step.j_label_comp_id_1 
_ndb_struct_na_base_pair_step.j_label_seq_id_1 
_ndb_struct_na_base_pair_step.j_symmetry_1 
_ndb_struct_na_base_pair_step.i_label_asym_id_2 
_ndb_struct_na_base_pair_step.i_label_comp_id_2 
_ndb_struct_na_base_pair_step.i_label_seq_id_2 
_ndb_struct_na_base_pair_step.i_symmetry_2 
_ndb_struct_na_base_pair_step.j_label_asym_id_2 
_ndb_struct_na_base_pair_step.j_label_comp_id_2 
_ndb_struct_na_base_pair_step.j_label_seq_id_2 
_ndb_struct_na_base_pair_step.j_symmetry_2 
_ndb_struct_na_base_pair_step.shift 
_ndb_struct_na_base_pair_step.slide 
_ndb_struct_na_base_pair_step.rise 
_ndb_struct_na_base_pair_step.tilt 
_ndb_struct_na_base_pair_step.roll 
_ndb_struct_na_base_pair_step.twist 
_ndb_struct_na_base_pair_step.x_displacement 
_ndb_struct_na_base_pair_step.y_displacement 
_ndb_struct_na_base_pair_step.helical_rise 
_ndb_struct_na_base_pair_step.inclination 
_ndb_struct_na_base_pair_step.tip 
_ndb_struct_na_base_pair_step.helical_twist 
_ndb_struct_na_base_pair_step.step_number 
_ndb_struct_na_base_pair_step.step_name 
_ndb_struct_na_base_pair_step.i_auth_asym_id_1 
_ndb_struct_na_base_pair_step.i_auth_seq_id_1 
_ndb_struct_na_base_pair_step.i_PDB_ins_code_1 
_ndb_struct_na_base_pair_step.j_auth_asym_id_1 
_ndb_struct_na_base_pair_step.j_auth_seq_id_1 
_ndb_struct_na_base_pair_step.j_PDB_ins_code_1 
_ndb_struct_na_base_pair_step.i_auth_asym_id_2 
_ndb_struct_na_base_pair_step.i_auth_seq_id_2 
_ndb_struct_na_base_pair_step.i_PDB_ins_code_2 
_ndb_struct_na_base_pair_step.j_auth_asym_id_2 
_ndb_struct_na_base_pair_step.j_auth_seq_id_2 
_ndb_struct_na_base_pair_step.j_PDB_ins_code_2 
1 A G 3  1_555 B C 23 1_555 A C 4  1_555 B G 22 1_555 -0.531 -2.244 3.277 -4.268 -3.295 24.538 -4.131 -0.114 3.582 -7.635 9.889   
25.115 1  AA_G3C4:G45C46_BB   A 3  ? B 46 ? A 4  ? B 45 ? 
1 A C 4  1_555 B G 22 1_555 A G 5  1_555 B C 21 1_555 -0.231 -1.755 3.094 1.247  11.035 35.551 -4.027 0.506  2.450 17.553 -1.983  
37.191 2  AA_C4G5:C44G45_BB   A 4  ? B 45 ? A 5  ? B 44 ? 
1 A G 5  1_555 B C 21 1_555 A U 6  1_555 B U 20 1_555 0.579  -0.908 3.011 -0.243 2.495  38.805 -1.641 -0.897 2.946 3.750  0.366   
38.882 3  AA_G5U6:U43C44_BB   A 5  ? B 44 ? A 6  ? B 43 ? 
1 A U 6  1_555 B U 20 1_555 A C 7  1_555 B G 19 1_555 0.119  -1.499 3.230 7.753  4.426  27.197 -3.997 1.444  2.879 9.105  -15.951 
28.599 4  AA_U6C7:G42U43_BB   A 6  ? B 43 ? A 7  ? B 42 ? 
1 A C 7  1_555 B G 19 1_555 A U 8  1_555 B A 17 1_555 1.406  -1.435 3.562 3.467  9.411  43.832 -2.784 -1.508 3.298 12.413 -4.573  
44.910 5  AA_C7U8:A40G42_BB   A 7  ? B 42 ? A 8  ? B 40 ? 
1 A U 8  1_555 B A 17 1_555 A C 9  1_555 B G 16 1_555 -0.162 -1.259 3.053 -3.288 2.489  33.292 -2.559 -0.217 2.956 4.323  5.712   
33.539 6  AA_U8C9:G39A40_BB   A 8  ? B 40 ? A 9  ? B 39 ? 
1 A C 9  1_555 B G 16 1_555 A G 10 1_555 B C 15 1_555 -0.144 -1.754 3.263 -2.032 15.263 29.628 -5.289 -0.046 2.134 27.622 3.677   
33.311 7  AA_C9G10:C38G39_BB  A 9  ? B 39 ? A 10 ? B 38 ? 
1 A G 10 1_555 B C 15 1_555 A U 11 1_555 B A 14 1_555 0.263  -1.205 3.355 -1.543 9.365  33.987 -3.349 -0.657 2.917 15.646 2.579   
35.249 8  AA_G10U11:A37C38_BB A 10 ? B 38 ? A 11 ? B 37 ? 
1 A U 11 1_555 B A 14 1_555 A C 12 1_555 B G 13 1_555 -0.344 -0.898 2.898 2.861  2.282  31.038 -2.044 1.111  2.784 4.246  -5.323  
31.247 9  AA_U11C12:G36A37_BB A 11 ? B 37 ? A 12 ? B 36 ? 
1 A C 12 1_555 B G 13 1_555 A G 13 1_555 B C 12 1_555 -0.230 -1.424 3.302 -2.924 14.384 31.115 -4.495 -0.033 2.439 25.137 5.109   
34.326 10 AA_C12G13:C35G36_BB A 12 ? B 36 ? A 13 ? B 35 ? 
1 A G 13 1_555 B C 12 1_555 A A 14 1_555 B U 11 1_555 0.104  -0.993 2.966 -0.970 4.376  32.740 -2.403 -0.329 2.810 7.718  1.710   
33.037 11 AA_G13A14:U34C35_BB A 13 ? B 35 ? A 14 ? B 34 ? 
1 A A 14 1_555 B U 11 1_555 A C 15 1_555 B G 10 1_555 0.184  -1.202 3.296 3.226  8.795  34.377 -3.204 0.153  2.915 14.549 -5.337  
35.593 12 AA_A14C15:G33U34_BB A 14 ? B 34 ? A 15 ? B 33 ? 
1 A C 15 1_555 B G 10 1_555 A G 16 1_555 B C 9  1_555 0.004  -1.885 3.199 -1.311 15.821 30.398 -5.315 -0.182 2.000 27.909 2.313   
34.207 13 AA_C15G16:C32G33_BB A 15 ? B 33 ? A 16 ? B 32 ? 
1 A G 16 1_555 B C 9  1_555 A A 17 1_555 B U 8  1_555 0.062  -1.336 3.139 5.363  5.818  33.504 -3.102 0.672  2.850 9.921  -9.146  
34.400 14 AA_G16A17:U31C32_BB A 16 ? B 32 ? A 17 ? B 31 ? 
1 A A 17 1_555 B U 8  1_555 A G 19 1_555 B C 7  1_555 -1.361 -1.369 3.324 -4.104 13.034 44.067 -2.850 1.395  2.936 16.895 5.320   
46.036 15 AA_A17G19:C30U31_BB A 17 ? B 31 ? A 19 ? B 30 ? 
1 A G 19 1_555 B C 7  1_555 A U 20 1_555 B U 6  1_555 -0.128 -1.696 3.393 3.979  3.689  44.695 -2.553 0.531  3.228 4.829  -5.209  
45.007 16 AA_G19U20:U29C30_BB A 19 ? B 30 ? A 20 ? B 29 ? 
1 A U 20 1_555 B U 6  1_555 A C 21 1_555 B G 5  1_555 0.302  -1.783 2.681 4.935  4.575  21.221 -5.953 0.656  2.262 12.040 -12.985 
22.251 17 AA_U20C21:G28U29_BB A 20 ? B 29 ? A 21 ? B 28 ? 
1 A C 21 1_555 B G 5  1_555 A G 22 1_555 B C 4  1_555 -0.534 -1.972 3.030 0.085  7.992  24.405 -6.318 1.221  2.278 18.288 -0.194  
25.662 18 AA_C21G22:C27G28_BB A 21 ? B 28 ? A 22 ? B 27 ? 
1 A G 22 1_555 B C 4  1_555 A C 23 1_555 B G 3  1_555 -0.036 -1.623 3.433 -0.259 2.032  34.905 -3.018 0.019  3.336 3.384  0.432   
34.964 19 AA_G22C23:G26C27_BB A 22 ? B 27 ? A 23 ? B 26 ? 
# 
_pdbx_audit_support.funding_organization   MEXT 
_pdbx_audit_support.country                Japan 
_pdbx_audit_support.grant_number           23790054 
_pdbx_audit_support.ordinal                1 
# 
_atom_sites.entry_id                    4P43 
_atom_sites.fract_transf_matrix[1][1]   -0.01038070 
_atom_sites.fract_transf_matrix[1][2]   0.00461744 
_atom_sites.fract_transf_matrix[1][3]   -0.00612489 
_atom_sites.fract_transf_matrix[2][1]   0.00075962 
_atom_sites.fract_transf_matrix[2][2]   -0.02455823 
_atom_sites.fract_transf_matrix[2][3]   -0.01980145 
_atom_sites.fract_transf_matrix[3][1]   -0.02007703 
_atom_sites.fract_transf_matrix[3][2]   -0.00686054 
_atom_sites.fract_transf_matrix[3][3]   0.00773841 
_atom_sites.fract_transf_vector[1]      0.253833 
_atom_sites.fract_transf_vector[2]      -0.052372 
_atom_sites.fract_transf_vector[3]      0.243424 
# 
loop_
_atom_type.symbol 
C  
CA 
N  
NA 
O  
P  
# 
loop_
_atom_site.group_PDB 
_atom_site.id 
_atom_site.type_symbol 
_atom_site.label_atom_id 
_atom_site.label_alt_id 
_atom_site.label_comp_id 
_atom_site.label_asym_id 
_atom_site.label_entity_id 
_atom_site.label_seq_id 
_atom_site.pdbx_PDB_ins_code 
_atom_site.Cartn_x 
_atom_site.Cartn_y 
_atom_site.Cartn_z 
_atom_site.occupancy 
_atom_site.B_iso_or_equiv 
_atom_site.pdbx_formal_charge 
_atom_site.auth_seq_id 
_atom_site.auth_comp_id 
_atom_site.auth_asym_id 
_atom_site.auth_atom_id 
_atom_site.pdbx_PDB_model_num 
ATOM   1    P  P     . G   A 1 3  ? -5.271  -13.878 22.832  1.00 87.50 ? 3   G   A P     1 
ATOM   2    O  OP1   . G   A 1 3  ? -5.083  -15.095 21.941  1.00 87.61 ? 3   G   A OP1   1 
ATOM   3    O  OP2   . G   A 1 3  ? -5.885  -12.701 22.091  1.00 87.75 ? 3   G   A OP2   1 
ATOM   4    O  "O5'" . G   A 1 3  ? -3.773  -13.400 23.250  1.00 87.26 ? 3   G   A "O5'" 1 
ATOM   5    C  "C5'" . G   A 1 3  ? -3.569  -12.365 24.229  1.00 86.21 ? 3   G   A "C5'" 1 
ATOM   6    C  "C4'" . G   A 1 3  ? -2.125  -12.348 24.665  1.00 85.88 ? 3   G   A "C4'" 1 
ATOM   7    O  "O4'" . G   A 1 3  ? -1.758  -13.682 25.125  1.00 85.42 ? 3   G   A "O4'" 1 
ATOM   8    C  "C3'" . G   A 1 3  ? -1.118  -12.025 23.568  1.00 85.11 ? 3   G   A "C3'" 1 
ATOM   9    O  "O3'" . G   A 1 3  ? -0.909  -10.623 23.451  1.00 84.88 ? 3   G   A "O3'" 1 
ATOM   10   C  "C2'" . G   A 1 3  ? 0.130   -12.744 24.059  1.00 84.76 ? 3   G   A "C2'" 1 
ATOM   11   O  "O2'" . G   A 1 3  ? 0.811   -12.039 25.078  1.00 84.95 ? 3   G   A "O2'" 1 
ATOM   12   C  "C1'" . G   A 1 3  ? -0.477  -14.028 24.622  1.00 84.52 ? 3   G   A "C1'" 1 
ATOM   13   N  N9    . G   A 1 3  ? -0.642  -15.085 23.625  1.00 83.15 ? 3   G   A N9    1 
ATOM   14   C  C8    . G   A 1 3  ? -1.816  -15.517 23.058  1.00 82.76 ? 3   G   A C8    1 
ATOM   15   N  N7    . G   A 1 3  ? -1.648  -16.497 22.211  1.00 81.94 ? 3   G   A N7    1 
ATOM   16   C  C5    . G   A 1 3  ? -0.279  -16.724 22.215  1.00 81.24 ? 3   G   A C5    1 
ATOM   17   C  C6    . G   A 1 3  ? 0.499   -17.673 21.498  1.00 80.51 ? 3   G   A C6    1 
ATOM   18   O  O6    . G   A 1 3  ? 0.121   -18.537 20.693  1.00 79.11 ? 3   G   A O6    1 
ATOM   19   N  N1    . G   A 1 3  ? 1.851   -17.553 21.800  1.00 79.90 ? 3   G   A N1    1 
ATOM   20   C  C2    . G   A 1 3  ? 2.388   -16.647 22.678  1.00 80.43 ? 3   G   A C2    1 
ATOM   21   N  N2    . G   A 1 3  ? 3.717   -16.690 22.833  1.00 80.11 ? 3   G   A N2    1 
ATOM   22   N  N3    . G   A 1 3  ? 1.675   -15.763 23.354  1.00 80.86 ? 3   G   A N3    1 
ATOM   23   C  C4    . G   A 1 3  ? 0.358   -15.857 23.077  1.00 81.95 ? 3   G   A C4    1 
ATOM   24   P  P     . C   A 1 4  ? -0.478  -10.000 22.031  1.00 84.93 ? 4   C   A P     1 
ATOM   25   O  OP1   . C   A 1 4  ? -0.557  -8.519  22.143  1.00 85.49 ? 4   C   A OP1   1 
ATOM   26   O  OP2   . C   A 1 4  ? -1.253  -10.696 20.972  1.00 85.04 ? 4   C   A OP2   1 
ATOM   27   O  "O5'" . C   A 1 4  ? 1.055   -10.419 21.877  1.00 83.89 ? 4   C   A "O5'" 1 
ATOM   28   C  "C5'" . C   A 1 4  ? 2.021   -10.019 22.845  1.00 81.26 ? 4   C   A "C5'" 1 
ATOM   29   C  "C4'" . C   A 1 4  ? 3.344   -10.703 22.586  1.00 80.57 ? 4   C   A "C4'" 1 
ATOM   30   O  "O4'" . C   A 1 4  ? 3.216   -12.143 22.748  1.00 80.38 ? 4   C   A "O4'" 1 
ATOM   31   C  "C3'" . C   A 1 4  ? 3.926   -10.580 21.188  1.00 80.18 ? 4   C   A "C3'" 1 
ATOM   32   O  "O3'" . C   A 1 4  ? 4.532   -9.317  20.963  1.00 79.51 ? 4   C   A "O3'" 1 
ATOM   33   C  "C2'" . C   A 1 4  ? 4.959   -11.696 21.202  1.00 80.47 ? 4   C   A "C2'" 1 
ATOM   34   O  "O2'" . C   A 1 4  ? 6.129   -11.359 21.920  1.00 80.44 ? 4   C   A "O2'" 1 
ATOM   35   C  "C1'" . C   A 1 4  ? 4.193   -12.794 21.943  1.00 80.50 ? 4   C   A "C1'" 1 
ATOM   36   N  N1    . C   A 1 4  ? 3.511   -13.714 21.014  1.00 80.16 ? 4   C   A N1    1 
ATOM   37   C  C2    . C   A 1 4  ? 4.285   -14.624 20.281  1.00 79.75 ? 4   C   A C2    1 
ATOM   38   O  O2    . C   A 1 4  ? 5.518   -14.634 20.444  1.00 79.02 ? 4   C   A O2    1 
ATOM   39   N  N3    . C   A 1 4  ? 3.673   -15.465 19.415  1.00 79.28 ? 4   C   A N3    1 
ATOM   40   C  C4    . C   A 1 4  ? 2.346   -15.421 19.269  1.00 79.39 ? 4   C   A C4    1 
ATOM   41   N  N4    . C   A 1 4  ? 1.785   -16.264 18.400  1.00 79.39 ? 4   C   A N4    1 
ATOM   42   C  C5    . C   A 1 4  ? 1.535   -14.510 20.006  1.00 79.45 ? 4   C   A C5    1 
ATOM   43   C  C6    . C   A 1 4  ? 2.153   -13.683 20.860  1.00 80.26 ? 4   C   A C6    1 
ATOM   44   P  P     . G   A 1 5  ? 4.765   -8.811  19.454  1.00 79.65 ? 5   G   A P     1 
ATOM   45   O  OP1   . G   A 1 5  ? 5.359   -7.451  19.530  1.00 80.69 ? 5   G   A OP1   1 
ATOM   46   O  OP2   . G   A 1 5  ? 3.509   -9.020  18.695  1.00 80.44 ? 5   G   A OP2   1 
ATOM   47   O  "O5'" . G   A 1 5  ? 5.861   -9.806  18.865  1.00 78.68 ? 5   G   A "O5'" 1 
ATOM   48   C  "C5'" . G   A 1 5  ? 7.230   -9.690  19.241  1.00 77.03 ? 5   G   A "C5'" 1 
ATOM   49   C  "C4'" . G   A 1 5  ? 8.086   -10.600 18.393  1.00 75.68 ? 5   G   A "C4'" 1 
ATOM   50   O  "O4'" . G   A 1 5  ? 7.722   -11.984 18.637  1.00 74.69 ? 5   G   A "O4'" 1 
ATOM   51   C  "C3'" . G   A 1 5  ? 7.947   -10.437 16.888  1.00 75.79 ? 5   G   A "C3'" 1 
ATOM   52   O  "O3'" . G   A 1 5  ? 8.761   -9.374  16.409  1.00 76.74 ? 5   G   A "O3'" 1 
ATOM   53   C  "C2'" . G   A 1 5  ? 8.430   -11.789 16.379  1.00 74.40 ? 5   G   A "C2'" 1 
ATOM   54   O  "O2'" . G   A 1 5  ? 9.836   -11.902 16.305  1.00 74.91 ? 5   G   A "O2'" 1 
ATOM   55   C  "C1'" . G   A 1 5  ? 7.862   -12.732 17.440  1.00 73.28 ? 5   G   A "C1'" 1 
ATOM   56   N  N9    . G   A 1 5  ? 6.548   -13.241 17.062  1.00 71.11 ? 5   G   A N9    1 
ATOM   57   C  C8    . G   A 1 5  ? 5.324   -12.770 17.470  1.00 69.80 ? 5   G   A C8    1 
ATOM   58   N  N7    . G   A 1 5  ? 4.324   -13.415 16.933  1.00 68.90 ? 5   G   A N7    1 
ATOM   59   C  C5    . G   A 1 5  ? 4.926   -14.374 16.127  1.00 68.39 ? 5   G   A C5    1 
ATOM   60   C  C6    . G   A 1 5  ? 4.352   -15.370 15.282  1.00 66.70 ? 5   G   A C6    1 
ATOM   61   O  O6    . G   A 1 5  ? 3.158   -15.609 15.069  1.00 64.47 ? 5   G   A O6    1 
ATOM   62   N  N1    . G   A 1 5  ? 5.331   -16.127 14.650  1.00 66.20 ? 5   G   A N1    1 
ATOM   63   C  C2    . G   A 1 5  ? 6.683   -15.957 14.805  1.00 66.92 ? 5   G   A C2    1 
ATOM   64   N  N2    . G   A 1 5  ? 7.464   -16.793 14.115  1.00 66.52 ? 5   G   A N2    1 
ATOM   65   N  N3    . G   A 1 5  ? 7.229   -15.036 15.581  1.00 67.67 ? 5   G   A N3    1 
ATOM   66   C  C4    . G   A 1 5  ? 6.299   -14.285 16.206  1.00 69.21 ? 5   G   A C4    1 
ATOM   67   P  P     . U   A 1 6  ? 8.265   -8.500  15.155  1.00 78.08 ? 6   U   A P     1 
ATOM   68   O  OP1   . U   A 1 6  ? 9.198   -7.352  15.003  1.00 77.75 ? 6   U   A OP1   1 
ATOM   69   O  OP2   . U   A 1 6  ? 6.812   -8.249  15.339  1.00 77.43 ? 6   U   A OP2   1 
ATOM   70   O  "O5'" . U   A 1 6  ? 8.454   -9.474  13.906  1.00 76.73 ? 6   U   A "O5'" 1 
ATOM   71   C  "C5'" . U   A 1 6  ? 9.697   -10.137 13.678  1.00 74.31 ? 6   U   A "C5'" 1 
ATOM   72   C  "C4'" . U   A 1 6  ? 9.502   -11.324 12.763  1.00 72.45 ? 6   U   A "C4'" 1 
ATOM   73   O  "O4'" . U   A 1 6  ? 8.647   -12.306 13.401  1.00 72.59 ? 6   U   A "O4'" 1 
ATOM   74   C  "C3'" . U   A 1 6  ? 8.828   -11.030 11.434  1.00 71.81 ? 6   U   A "C3'" 1 
ATOM   75   O  "O3'" . U   A 1 6  ? 9.801   -10.605 10.487  1.00 71.24 ? 6   U   A "O3'" 1 
ATOM   76   C  "C2'" . U   A 1 6  ? 8.236   -12.387 11.057  1.00 70.60 ? 6   U   A "C2'" 1 
ATOM   77   O  "O2'" . U   A 1 6  ? 9.145   -13.242 10.397  1.00 69.61 ? 6   U   A "O2'" 1 
ATOM   78   C  "C1'" . U   A 1 6  ? 7.858   -12.964 12.424  1.00 70.42 ? 6   U   A "C1'" 1 
ATOM   79   N  N1    . U   A 1 6  ? 6.444   -12.771 12.772  1.00 68.86 ? 6   U   A N1    1 
ATOM   80   C  C2    . U   A 1 6  ? 5.524   -13.680 12.275  1.00 68.30 ? 6   U   A C2    1 
ATOM   81   O  O2    . U   A 1 6  ? 5.837   -14.625 11.569  1.00 67.07 ? 6   U   A O2    1 
ATOM   82   N  N3    . U   A 1 6  ? 4.220   -13.441 12.639  1.00 66.84 ? 6   U   A N3    1 
ATOM   83   C  C4    . U   A 1 6  ? 3.757   -12.411 13.432  1.00 67.09 ? 6   U   A C4    1 
ATOM   84   O  O4    . U   A 1 6  ? 2.554   -12.324 13.669  1.00 66.59 ? 6   U   A O4    1 
ATOM   85   C  C5    . U   A 1 6  ? 4.770   -11.517 13.904  1.00 67.70 ? 6   U   A C5    1 
ATOM   86   C  C6    . U   A 1 6  ? 6.045   -11.722 13.565  1.00 68.03 ? 6   U   A C6    1 
ATOM   87   P  P     . C   A 1 7  ? 9.570   -9.246  9.661   1.00 72.92 ? 7   C   A P     1 
ATOM   88   O  OP1   . C   A 1 7  ? 10.914  -8.696  9.338   1.00 73.39 ? 7   C   A OP1   1 
ATOM   89   O  OP2   . C   A 1 7  ? 8.592   -8.403  10.401  1.00 72.73 ? 7   C   A OP2   1 
ATOM   90   O  "O5'" . C   A 1 7  ? 8.896   -9.730  8.298   1.00 69.27 ? 7   C   A "O5'" 1 
ATOM   91   C  "C5'" . C   A 1 7  ? 9.655   -10.433 7.320   1.00 61.95 ? 7   C   A "C5'" 1 
ATOM   92   C  "C4'" . C   A 1 7  ? 8.811   -11.503 6.675   1.00 57.53 ? 7   C   A "C4'" 1 
ATOM   93   O  "O4'" . C   A 1 7  ? 8.185   -12.293 7.719   1.00 56.64 ? 7   C   A "O4'" 1 
ATOM   94   C  "C3'" . C   A 1 7  ? 7.619   -11.042 5.856   1.00 55.39 ? 7   C   A "C3'" 1 
ATOM   95   O  "O3'" . C   A 1 7  ? 7.999   -10.680 4.541   1.00 52.05 ? 7   C   A "O3'" 1 
ATOM   96   C  "C2'" . C   A 1 7  ? 6.779   -12.308 5.817   1.00 54.56 ? 7   C   A "C2'" 1 
ATOM   97   O  "O2'" . C   A 1 7  ? 7.286   -13.261 4.907   1.00 54.49 ? 7   C   A "O2'" 1 
ATOM   98   C  "C1'" . C   A 1 7  ? 6.949   -12.810 7.248   1.00 52.91 ? 7   C   A "C1'" 1 
ATOM   99   N  N1    . C   A 1 7  ? 5.874   -12.335 8.126   1.00 50.73 ? 7   C   A N1    1 
ATOM   100  C  C2    . C   A 1 7  ? 4.694   -13.073 8.186   1.00 50.07 ? 7   C   A C2    1 
ATOM   101  O  O2    . C   A 1 7  ? 4.601   -14.102 7.497   1.00 48.03 ? 7   C   A O2    1 
ATOM   102  N  N3    . C   A 1 7  ? 3.689   -12.652 8.987   1.00 48.70 ? 7   C   A N3    1 
ATOM   103  C  C4    . C   A 1 7  ? 3.833   -11.535 9.705   1.00 49.93 ? 7   C   A C4    1 
ATOM   104  N  N4    . C   A 1 7  ? 2.811   -11.150 10.472  1.00 49.47 ? 7   C   A N4    1 
ATOM   105  C  C5    . C   A 1 7  ? 5.030   -10.763 9.667   1.00 49.14 ? 7   C   A C5    1 
ATOM   106  C  C6    . C   A 1 7  ? 6.015   -11.195 8.869   1.00 51.33 ? 7   C   A C6    1 
ATOM   107  P  P     . U   A 1 8  ? 7.024   -9.761  3.667   1.00 48.61 ? 8   U   A P     1 
ATOM   108  O  OP1   . U   A 1 8  ? 7.647   -9.586  2.331   1.00 50.75 ? 8   U   A OP1   1 
ATOM   109  O  OP2   . U   A 1 8  ? 6.664   -8.572  4.469   1.00 51.51 ? 8   U   A OP2   1 
ATOM   110  O  "O5'" . U   A 1 8  ? 5.709   -10.640 3.498   1.00 47.84 ? 8   U   A "O5'" 1 
ATOM   111  C  "C5'" . U   A 1 8  ? 5.699   -11.810 2.689   1.00 42.50 ? 8   U   A "C5'" 1 
ATOM   112  C  "C4'" . U   A 1 8  ? 4.318   -12.417 2.686   1.00 39.72 ? 8   U   A "C4'" 1 
ATOM   113  O  "O4'" . U   A 1 8  ? 3.971   -12.796 4.045   1.00 38.55 ? 8   U   A "O4'" 1 
ATOM   114  C  "C3'" . U   A 1 8  ? 3.196   -11.475 2.274   1.00 38.42 ? 8   U   A "C3'" 1 
ATOM   115  O  "O3'" . U   A 1 8  ? 3.033   -11.452 0.867   1.00 37.86 ? 8   U   A "O3'" 1 
ATOM   116  C  "C2'" . U   A 1 8  ? 1.987   -12.114 2.940   1.00 38.04 ? 8   U   A "C2'" 1 
ATOM   117  O  "O2'" . U   A 1 8  ? 1.497   -13.212 2.205   1.00 37.96 ? 8   U   A "O2'" 1 
ATOM   118  C  "C1'" . U   A 1 8  ? 2.586   -12.584 4.264   1.00 36.53 ? 8   U   A "C1'" 1 
ATOM   119  N  N1    . U   A 1 8  ? 2.431   -11.600 5.344   1.00 35.49 ? 8   U   A N1    1 
ATOM   120  C  C2    . U   A 1 8  ? 1.210   -11.554 6.007   1.00 35.24 ? 8   U   A C2    1 
ATOM   121  O  O2    . U   A 1 8  ? 0.277   -12.298 5.737   1.00 32.15 ? 8   U   A O2    1 
ATOM   122  N  N3    . U   A 1 8  ? 1.125   -10.609 6.999   1.00 32.68 ? 8   U   A N3    1 
ATOM   123  C  C4    . U   A 1 8  ? 2.106   -9.727  7.390   1.00 36.12 ? 8   U   A C4    1 
ATOM   124  O  O4    . U   A 1 8  ? 1.879   -8.942  8.310   1.00 36.51 ? 8   U   A O4    1 
ATOM   125  C  C5    . U   A 1 8  ? 3.336   -9.837  6.663   1.00 36.02 ? 8   U   A C5    1 
ATOM   126  C  C6    . U   A 1 8  ? 3.452   -10.746 5.688   1.00 36.10 ? 8   U   A C6    1 
ATOM   127  P  P     . C   A 1 9  ? 2.455   -10.131 0.161   1.00 40.29 ? 9   C   A P     1 
ATOM   128  O  OP1   . C   A 1 9  ? 2.598   -10.274 -1.310  1.00 41.94 ? 9   C   A OP1   1 
ATOM   129  O  OP2   . C   A 1 9  ? 3.055   -8.962  0.845   1.00 39.32 ? 9   C   A OP2   1 
ATOM   130  O  "O5'" . C   A 1 9  ? 0.899   -10.189 0.486   1.00 38.99 ? 9   C   A "O5'" 1 
ATOM   131  C  "C5'" . C   A 1 9  ? 0.122   -11.299 0.071   1.00 35.90 ? 9   C   A "C5'" 1 
ATOM   132  C  "C4'" . C   A 1 9  ? -1.245  -11.234 0.691   1.00 33.42 ? 9   C   A "C4'" 1 
ATOM   133  O  "O4'" . C   A 1 9  ? -1.137  -11.418 2.122   1.00 34.51 ? 9   C   A "O4'" 1 
ATOM   134  C  "C3'" . C   A 1 9  ? -1.964  -9.907  0.569   1.00 33.90 ? 9   C   A "C3'" 1 
ATOM   135  O  "O3'" . C   A 1 9  ? -2.568  -9.744  -0.698  1.00 35.05 ? 9   C   A "O3'" 1 
ATOM   136  C  "C2'" . C   A 1 9  ? -2.995  -10.017 1.678   1.00 33.47 ? 9   C   A "C2'" 1 
ATOM   137  O  "O2'" . C   A 1 9  ? -4.103  -10.815 1.322   1.00 32.90 ? 9   C   A "O2'" 1 
ATOM   138  C  "C1'" . C   A 1 9  ? -2.169  -10.695 2.772   1.00 32.61 ? 9   C   A "C1'" 1 
ATOM   139  N  N1    . C   A 1 9  ? -1.544  -9.715  3.668   1.00 32.92 ? 9   C   A N1    1 
ATOM   140  C  C2    . C   A 1 9  ? -2.267  -9.264  4.766   1.00 32.91 ? 9   C   A C2    1 
ATOM   141  O  O2    . C   A 1 9  ? -3.419  -9.708  4.947   1.00 32.18 ? 9   C   A O2    1 
ATOM   142  N  N3    . C   A 1 9  ? -1.705  -8.358  5.601   1.00 33.38 ? 9   C   A N3    1 
ATOM   143  C  C4    . C   A 1 9  ? -0.470  -7.906  5.361   1.00 32.80 ? 9   C   A C4    1 
ATOM   144  N  N4    . C   A 1 9  ? 0.049   -7.018  6.211   1.00 32.47 ? 9   C   A N4    1 
ATOM   145  C  C5    . C   A 1 9  ? 0.288   -8.350  4.241   1.00 33.59 ? 9   C   A C5    1 
ATOM   146  C  C6    . C   A 1 9  ? -0.281  -9.246  3.430   1.00 32.87 ? 9   C   A C6    1 
ATOM   147  P  P     . G   A 1 10 ? -2.886  -8.264  -1.231  1.00 37.53 ? 10  G   A P     1 
ATOM   148  O  OP1   . G   A 1 10 ? -3.440  -8.379  -2.603  1.00 38.22 ? 10  G   A OP1   1 
ATOM   149  O  OP2   . G   A 1 10 ? -1.680  -7.437  -0.994  1.00 38.24 ? 10  G   A OP2   1 
ATOM   150  O  "O5'" . G   A 1 10 ? -4.061  -7.774  -0.274  1.00 38.46 ? 10  G   A "O5'" 1 
ATOM   151  C  "C5'" . G   A 1 10 ? -5.311  -8.458  -0.263  1.00 35.17 ? 10  G   A "C5'" 1 
ATOM   152  C  "C4'" . G   A 1 10 ? -6.250  -7.812  0.720   1.00 34.75 ? 10  G   A "C4'" 1 
ATOM   153  O  "O4'" . G   A 1 10 ? -5.813  -8.065  2.078   1.00 33.26 ? 10  G   A "O4'" 1 
ATOM   154  C  "C3'" . G   A 1 10 ? -6.357  -6.299  0.626   1.00 34.53 ? 10  G   A "C3'" 1 
ATOM   155  O  "O3'" . G   A 1 10 ? -7.322  -5.956  -0.349  1.00 34.71 ? 10  G   A "O3'" 1 
ATOM   156  C  "C2'" . G   A 1 10 ? -6.859  -5.930  2.013   1.00 33.75 ? 10  G   A "C2'" 1 
ATOM   157  O  "O2'" . G   A 1 10 ? -8.256  -6.067  2.141   1.00 34.87 ? 10  G   A "O2'" 1 
ATOM   158  C  "C1'" . G   A 1 10 ? -6.125  -6.949  2.888   1.00 31.73 ? 10  G   A "C1'" 1 
ATOM   159  N  N9    . G   A 1 10 ? -4.879  -6.414  3.418   1.00 29.82 ? 10  G   A N9    1 
ATOM   160  C  C8    . G   A 1 10 ? -3.609  -6.626  2.937   1.00 27.80 ? 10  G   A C8    1 
ATOM   161  N  N7    . G   A 1 10 ? -2.691  -6.026  3.643   1.00 28.69 ? 10  G   A N7    1 
ATOM   162  C  C5    . G   A 1 10 ? -3.401  -5.375  4.647   1.00 26.57 ? 10  G   A C5    1 
ATOM   163  C  C6    . G   A 1 10 ? -2.945  -4.560  5.720   1.00 27.84 ? 10  G   A C6    1 
ATOM   164  O  O6    . G   A 1 10 ? -1.774  -4.231  6.006   1.00 25.30 ? 10  G   A O6    1 
ATOM   165  N  N1    . G   A 1 10 ? -4.007  -4.112  6.501   1.00 26.39 ? 10  G   A N1    1 
ATOM   166  C  C2    . G   A 1 10 ? -5.336  -4.404  6.273   1.00 27.97 ? 10  G   A C2    1 
ATOM   167  N  N2    . G   A 1 10 ? -6.222  -3.902  7.138   1.00 24.79 ? 10  G   A N2    1 
ATOM   168  N  N3    . G   A 1 10 ? -5.763  -5.145  5.271   1.00 26.75 ? 10  G   A N3    1 
ATOM   169  C  C4    . G   A 1 10 ? -4.750  -5.599  4.511   1.00 27.94 ? 10  G   A C4    1 
ATOM   170  P  P     . U   A 1 11 ? -7.224  -4.543  -1.100  1.00 38.97 ? 11  U   A P     1 
ATOM   171  O  OP1   . U   A 1 11 ? -8.359  -4.496  -2.066  1.00 38.60 ? 11  U   A OP1   1 
ATOM   172  O  OP2   . U   A 1 11 ? -5.835  -4.387  -1.581  1.00 34.72 ? 11  U   A OP2   1 
ATOM   173  O  "O5'" . U   A 1 11 ? -7.513  -3.477  0.048   1.00 34.95 ? 11  U   A "O5'" 1 
ATOM   174  C  "C5'" . U   A 1 11 ? -8.804  -3.386  0.627   1.00 35.01 ? 11  U   A "C5'" 1 
ATOM   175  C  "C4'" . U   A 1 11 ? -8.798  -2.418  1.781   1.00 34.80 ? 11  U   A "C4'" 1 
ATOM   176  O  "O4'" . U   A 1 11 ? -7.960  -2.912  2.862   1.00 34.16 ? 11  U   A "O4'" 1 
ATOM   177  C  "C3'" . U   A 1 11 ? -8.242  -1.034  1.501   1.00 35.40 ? 11  U   A "C3'" 1 
ATOM   178  O  "O3'" . U   A 1 11 ? -9.219  -0.219  0.865   1.00 35.58 ? 11  U   A "O3'" 1 
ATOM   179  C  "C2'" . U   A 1 11 ? -7.979  -0.546  2.913   1.00 34.88 ? 11  U   A "C2'" 1 
ATOM   180  O  "O2'" . U   A 1 11 ? -9.208  -0.200  3.522   1.00 34.03 ? 11  U   A "O2'" 1 
ATOM   181  C  "C1'" . U   A 1 11 ? -7.397  -1.808  3.559   1.00 33.89 ? 11  U   A "C1'" 1 
ATOM   182  N  N1    . U   A 1 11 ? -5.932  -1.920  3.473   1.00 34.92 ? 11  U   A N1    1 
ATOM   183  C  C2    . U   A 1 11 ? -5.163  -1.233  4.399   1.00 32.27 ? 11  U   A C2    1 
ATOM   184  O  O2    . U   A 1 11 ? -5.638  -0.500  5.241   1.00 33.67 ? 11  U   A O2    1 
ATOM   185  N  N3    . U   A 1 11 ? -3.812  -1.433  4.291   1.00 32.79 ? 11  U   A N3    1 
ATOM   186  C  C4    . U   A 1 11 ? -3.159  -2.214  3.361   1.00 34.96 ? 11  U   A C4    1 
ATOM   187  O  O4    . U   A 1 11 ? -1.927  -2.296  3.394   1.00 34.15 ? 11  U   A O4    1 
ATOM   188  C  C5    . U   A 1 11 ? -4.020  -2.868  2.423   1.00 34.36 ? 11  U   A C5    1 
ATOM   189  C  C6    . U   A 1 11 ? -5.339  -2.704  2.509   1.00 33.60 ? 11  U   A C6    1 
ATOM   190  P  P     . C   A 1 12 ? -8.757  0.868   -0.221  1.00 37.50 ? 12  C   A P     1 
ATOM   191  O  OP1   . C   A 1 12 ? -9.928  1.202   -1.071  1.00 36.38 ? 12  C   A OP1   1 
ATOM   192  O  OP2   . C   A 1 12 ? -7.492  0.404   -0.853  1.00 34.42 ? 12  C   A OP2   1 
ATOM   193  O  "O5'" . C   A 1 12 ? -8.403  2.152   0.650   1.00 34.67 ? 12  C   A "O5'" 1 
ATOM   194  C  "C5'" . C   A 1 12 ? -9.337  2.692   1.565   1.00 32.17 ? 12  C   A "C5'" 1 
ATOM   195  C  "C4'" . C   A 1 12 ? -8.610  3.424   2.663   1.00 30.92 ? 12  C   A "C4'" 1 
ATOM   196  O  "O4'" . C   A 1 12 ? -7.763  2.488   3.383   1.00 28.23 ? 12  C   A "O4'" 1 
ATOM   197  C  "C3'" . C   A 1 12 ? -7.617  4.489   2.223   1.00 29.28 ? 12  C   A "C3'" 1 
ATOM   198  O  "O3'" . C   A 1 12 ? -8.275  5.697   1.857   1.00 27.19 ? 12  C   A "O3'" 1 
ATOM   199  C  "C2'" . C   A 1 12 ? -6.791  4.641   3.493   1.00 26.42 ? 12  C   A "C2'" 1 
ATOM   200  O  "O2'" . C   A 1 12 ? -7.476  5.344   4.511   1.00 27.65 ? 12  C   A "O2'" 1 
ATOM   201  C  "C1'" . C   A 1 12 ? -6.652  3.179   3.925   1.00 26.76 ? 12  C   A "C1'" 1 
ATOM   202  N  N1    . C   A 1 12 ? -5.414  2.538   3.447   1.00 25.69 ? 12  C   A N1    1 
ATOM   203  C  C2    . C   A 1 12 ? -4.257  2.663   4.220   1.00 26.23 ? 12  C   A C2    1 
ATOM   204  O  O2    . C   A 1 12 ? -4.309  3.313   5.265   1.00 26.44 ? 12  C   A O2    1 
ATOM   205  N  N3    . C   A 1 12 ? -3.113  2.078   3.806   1.00 26.75 ? 12  C   A N3    1 
ATOM   206  C  C4    . C   A 1 12 ? -3.091  1.398   2.663   1.00 26.44 ? 12  C   A C4    1 
ATOM   207  N  N4    . C   A 1 12 ? -1.931  0.843   2.291   1.00 24.34 ? 12  C   A N4    1 
ATOM   208  C  C5    . C   A 1 12 ? -4.253  1.256   1.850   1.00 27.11 ? 12  C   A C5    1 
ATOM   209  C  C6    . C   A 1 12 ? -5.385  1.836   2.278   1.00 26.26 ? 12  C   A C6    1 
ATOM   210  P  P     . G   A 1 13 ? -7.574  6.721   0.828   1.00 27.19 ? 13  G   A P     1 
ATOM   211  O  OP1   . G   A 1 13 ? -8.600  7.741   0.489   1.00 26.86 ? 13  G   A OP1   1 
ATOM   212  O  OP2   . G   A 1 13 ? -6.914  5.950   -0.251  1.00 27.90 ? 13  G   A OP2   1 
ATOM   213  O  "O5'" . G   A 1 13 ? -6.402  7.415   1.656   1.00 24.29 ? 13  G   A "O5'" 1 
ATOM   214  C  "C5'" . G   A 1 13 ? -6.674  8.232   2.775   1.00 24.93 ? 13  G   A "C5'" 1 
ATOM   215  C  "C4'" . G   A 1 13 ? -5.384  8.622   3.455   1.00 25.99 ? 13  G   A "C4'" 1 
ATOM   216  O  "O4'" . G   A 1 13 ? -4.744  7.445   4.016   1.00 27.11 ? 13  G   A "O4'" 1 
ATOM   217  C  "C3'" . G   A 1 13 ? -4.313  9.223   2.563   1.00 25.91 ? 13  G   A "C3'" 1 
ATOM   218  O  "O3'" . G   A 1 13 ? -4.564  10.599  2.302   1.00 25.40 ? 13  G   A "O3'" 1 
ATOM   219  C  "C2'" . G   A 1 13 ? -3.059  9.000   3.401   1.00 25.41 ? 13  G   A "C2'" 1 
ATOM   220  O  "O2'" . G   A 1 13 ? -2.907  9.937   4.455   1.00 24.97 ? 13  G   A "O2'" 1 
ATOM   221  C  "C1'" . G   A 1 13 ? -3.334  7.609   3.975   1.00 26.05 ? 13  G   A "C1'" 1 
ATOM   222  N  N9    . G   A 1 13 ? -2.764  6.523   3.183   1.00 25.48 ? 13  G   A N9    1 
ATOM   223  C  C8    . G   A 1 13 ? -3.417  5.720   2.279   1.00 24.05 ? 13  G   A C8    1 
ATOM   224  N  N7    . G   A 1 13 ? -2.653  4.789   1.778   1.00 26.34 ? 13  G   A N7    1 
ATOM   225  C  C5    . G   A 1 13 ? -1.413  4.999   2.371   1.00 26.51 ? 13  G   A C5    1 
ATOM   226  C  C6    . G   A 1 13 ? -0.189  4.293   2.226   1.00 28.06 ? 13  G   A C6    1 
ATOM   227  O  O6    . G   A 1 13 ? 0.051   3.295   1.528   1.00 27.34 ? 13  G   A O6    1 
ATOM   228  N  N1    . G   A 1 13 ? 0.820   4.853   3.004   1.00 24.70 ? 13  G   A N1    1 
ATOM   229  C  C2    . G   A 1 13 ? 0.673   5.937   3.820   1.00 24.64 ? 13  G   A C2    1 
ATOM   230  N  N2    . G   A 1 13 ? 1.766   6.320   4.492   1.00 23.05 ? 13  G   A N2    1 
ATOM   231  N  N3    . G   A 1 13 ? -0.466  6.600   3.975   1.00 24.90 ? 13  G   A N3    1 
ATOM   232  C  C4    . G   A 1 13 ? -1.460  6.079   3.225   1.00 25.51 ? 13  G   A C4    1 
ATOM   233  P  P     . A   A 1 14 ? -4.006  11.276  0.949   1.00 28.02 ? 14  A   A P     1 
ATOM   234  O  OP1   . A   A 1 14 ? -4.569  12.644  0.887   1.00 28.98 ? 14  A   A OP1   1 
ATOM   235  O  OP2   . A   A 1 14 ? -4.218  10.355  -0.190  1.00 26.68 ? 14  A   A OP2   1 
ATOM   236  O  "O5'" . A   A 1 14 ? -2.443  11.418  1.220   1.00 26.53 ? 14  A   A "O5'" 1 
ATOM   237  C  "C5'" . A   A 1 14 ? -1.966  12.264  2.261   1.00 27.71 ? 14  A   A "C5'" 1 
ATOM   238  C  "C4'" . A   A 1 14 ? -0.491  12.047  2.473   1.00 24.61 ? 14  A   A "C4'" 1 
ATOM   239  O  "O4'" . A   A 1 14 ? -0.262  10.695  2.957   1.00 29.07 ? 14  A   A "O4'" 1 
ATOM   240  C  "C3'" . A   A 1 14 ? 0.357   12.149  1.216   1.00 25.44 ? 14  A   A "C3'" 1 
ATOM   241  O  "O3'" . A   A 1 14 ? 0.665   13.516  0.923   1.00 23.86 ? 14  A   A "O3'" 1 
ATOM   242  C  "C2'" . A   A 1 14 ? 1.582   11.321  1.595   1.00 25.58 ? 14  A   A "C2'" 1 
ATOM   243  O  "O2'" . A   A 1 14 ? 2.488   12.016  2.427   1.00 25.37 ? 14  A   A "O2'" 1 
ATOM   244  C  "C1'" . A   A 1 14 ? 0.941   10.187  2.400   1.00 24.47 ? 14  A   A "C1'" 1 
ATOM   245  N  N9    . A   A 1 14 ? 0.620   9.036   1.557   1.00 24.64 ? 14  A   A N9    1 
ATOM   246  C  C8    . A   A 1 14 ? -0.560  8.757   0.918   1.00 25.99 ? 14  A   A C8    1 
ATOM   247  N  N7    . A   A 1 14 ? -0.524  7.660   0.203   1.00 24.18 ? 14  A   A N7    1 
ATOM   248  C  C5    . A   A 1 14 ? 0.763   7.180   0.391   1.00 22.44 ? 14  A   A C5    1 
ATOM   249  C  C6    . A   A 1 14 ? 1.434   6.043   -0.107  1.00 23.80 ? 14  A   A C6    1 
ATOM   250  N  N6    . A   A 1 14 ? 0.884   5.161   -0.952  1.00 21.81 ? 14  A   A N6    1 
ATOM   251  N  N1    . A   A 1 14 ? 2.708   5.845   0.289   1.00 25.74 ? 14  A   A N1    1 
ATOM   252  C  C2    . A   A 1 14 ? 3.272   6.747   1.107   1.00 26.29 ? 14  A   A C2    1 
ATOM   253  N  N3    . A   A 1 14 ? 2.752   7.860   1.622   1.00 24.40 ? 14  A   A N3    1 
ATOM   254  C  C4    . A   A 1 14 ? 1.479   8.015   1.225   1.00 24.11 ? 14  A   A C4    1 
ATOM   255  P  P     . C   A 1 15 ? 0.795   13.992  -0.608  1.00 30.33 ? 15  C   A P     1 
ATOM   256  O  OP1   . C   A 1 15 ? 0.891   15.473  -0.604  1.00 29.34 ? 15  C   A OP1   1 
ATOM   257  O  OP2   . C   A 1 15 ? -0.250  13.330  -1.427  1.00 25.71 ? 15  C   A OP2   1 
ATOM   258  O  "O5'" . C   A 1 15 ? 2.194   13.408  -1.093  1.00 23.57 ? 15  C   A "O5'" 1 
ATOM   259  C  "C5'" . C   A 1 15 ? 3.409   13.817  -0.481  1.00 27.36 ? 15  C   A "C5'" 1 
ATOM   260  C  "C4'" . C   A 1 15 ? 4.529   12.877  -0.872  1.00 26.13 ? 15  C   A "C4'" 1 
ATOM   261  O  "O4'" . C   A 1 15 ? 4.300   11.553  -0.306  1.00 26.45 ? 15  C   A "O4'" 1 
ATOM   262  C  "C3'" . C   A 1 15 ? 4.661   12.578  -2.356  1.00 25.83 ? 15  C   A "C3'" 1 
ATOM   263  O  "O3'" . C   A 1 15 ? 5.243   13.638  -3.092  1.00 25.68 ? 15  C   A "O3'" 1 
ATOM   264  C  "C2'" . C   A 1 15 ? 5.516   11.319  -2.329  1.00 26.85 ? 15  C   A "C2'" 1 
ATOM   265  O  "O2'" . C   A 1 15 ? 6.879   11.573  -2.067  1.00 28.01 ? 15  C   A "O2'" 1 
ATOM   266  C  "C1'" . C   A 1 15 ? 4.868   10.566  -1.165  1.00 26.95 ? 15  C   A "C1'" 1 
ATOM   267  N  N1    . C   A 1 15 ? 3.795   9.696   -1.668  1.00 26.51 ? 15  C   A N1    1 
ATOM   268  C  C2    . C   A 1 15 ? 4.125   8.403   -2.101  1.00 24.59 ? 15  C   A C2    1 
ATOM   269  O  O2    . C   A 1 15 ? 5.291   8.010   -1.980  1.00 25.30 ? 15  C   A O2    1 
ATOM   270  N  N3    . C   A 1 15 ? 3.164   7.616   -2.633  1.00 25.13 ? 15  C   A N3    1 
ATOM   271  C  C4    . C   A 1 15 ? 1.911   8.064   -2.729  1.00 25.69 ? 15  C   A C4    1 
ATOM   272  N  N4    . C   A 1 15 ? 1.005   7.261   -3.291  1.00 24.86 ? 15  C   A N4    1 
ATOM   273  C  C5    . C   A 1 15 ? 1.533   9.364   -2.258  1.00 25.66 ? 15  C   A C5    1 
ATOM   274  C  C6    . C   A 1 15 ? 2.501   10.140  -1.743  1.00 25.81 ? 15  C   A C6    1 
ATOM   275  P  P     . G   A 1 16 ? 4.839   13.843  -4.638  1.00 31.20 ? 16  G   A P     1 
ATOM   276  O  OP1   . G   A 1 16 ? 5.354   15.159  -5.093  1.00 31.01 ? 16  G   A OP1   1 
ATOM   277  O  OP2   . G   A 1 16 ? 3.397   13.544  -4.774  1.00 30.46 ? 16  G   A OP2   1 
ATOM   278  O  "O5'" . G   A 1 16 ? 5.663   12.710  -5.404  1.00 28.90 ? 16  G   A "O5'" 1 
ATOM   279  C  "C5'" . G   A 1 16 ? 7.064   12.562  -5.198  1.00 26.20 ? 16  G   A "C5'" 1 
ATOM   280  C  "C4'" . G   A 1 16 ? 7.560   11.290  -5.839  1.00 25.92 ? 16  G   A "C4'" 1 
ATOM   281  O  "O4'" . G   A 1 16 ? 7.026   10.136  -5.142  1.00 27.46 ? 16  G   A "O4'" 1 
ATOM   282  C  "C3'" . G   A 1 16 ? 7.160   11.058  -7.286  1.00 27.00 ? 16  G   A "C3'" 1 
ATOM   283  O  "O3'" . G   A 1 16 ? 8.019   11.753  -8.176  1.00 29.81 ? 16  G   A "O3'" 1 
ATOM   284  C  "C2'" . G   A 1 16 ? 7.343   9.555   -7.424  1.00 24.84 ? 16  G   A "C2'" 1 
ATOM   285  O  "O2'" . G   A 1 16 ? 8.682   9.167   -7.629  1.00 25.99 ? 16  G   A "O2'" 1 
ATOM   286  C  "C1'" . G   A 1 16 ? 6.863   9.064   -6.058  1.00 26.19 ? 16  G   A "C1'" 1 
ATOM   287  N  N9    . G   A 1 16 ? 5.456   8.686   -6.083  1.00 25.79 ? 16  G   A N9    1 
ATOM   288  C  C8    . G   A 1 16 ? 4.396   9.421   -5.614  1.00 21.91 ? 16  G   A C8    1 
ATOM   289  N  N7    . G   A 1 16 ? 3.249   8.820   -5.769  1.00 25.38 ? 16  G   A N7    1 
ATOM   290  C  C5    . G   A 1 16 ? 3.569   7.614   -6.377  1.00 23.30 ? 16  G   A C5    1 
ATOM   291  C  C6    . G   A 1 16 ? 2.735   6.542   -6.783  1.00 25.74 ? 16  G   A C6    1 
ATOM   292  O  O6    . G   A 1 16 ? 1.510   6.435   -6.668  1.00 25.83 ? 16  G   A O6    1 
ATOM   293  N  N1    . G   A 1 16 ? 3.467   5.517   -7.370  1.00 24.05 ? 16  G   A N1    1 
ATOM   294  C  C2    . G   A 1 16 ? 4.823   5.515   -7.537  1.00 23.53 ? 16  G   A C2    1 
ATOM   295  N  N2    . G   A 1 16 ? 5.329   4.421   -8.117  1.00 24.58 ? 16  G   A N2    1 
ATOM   296  N  N3    . G   A 1 16 ? 5.620   6.508   -7.159  1.00 23.31 ? 16  G   A N3    1 
ATOM   297  C  C4    . G   A 1 16 ? 4.927   7.517   -6.587  1.00 24.72 ? 16  G   A C4    1 
ATOM   298  P  P     . A   A 1 17 ? 7.453   12.279  -9.587  1.00 31.31 ? 17  A   A P     1 
ATOM   299  O  OP1   . A   A 1 17 ? 8.519   13.115  -10.198 1.00 32.76 ? 17  A   A OP1   1 
ATOM   300  O  OP2   . A   A 1 17 ? 6.107   12.861  -9.370  1.00 33.33 ? 17  A   A OP2   1 
ATOM   301  O  "O5'" . A   A 1 17 ? 7.282   10.953  -10.460 1.00 30.53 ? 17  A   A "O5'" 1 
ATOM   302  C  "C5'" . A   A 1 17 ? 8.404   10.133  -10.784 1.00 32.13 ? 17  A   A "C5'" 1 
ATOM   303  C  "C4'" . A   A 1 17 ? 7.956   8.857   -11.471 1.00 30.36 ? 17  A   A "C4'" 1 
ATOM   304  O  "O4'" . A   A 1 17 ? 7.235   7.987   -10.551 1.00 30.85 ? 17  A   A "O4'" 1 
ATOM   305  C  "C3'" . A   A 1 17 ? 7.020   9.016   -12.657 1.00 28.52 ? 17  A   A "C3'" 1 
ATOM   306  O  "O3'" . A   A 1 17 ? 7.762   9.294   -13.837 1.00 31.47 ? 17  A   A "O3'" 1 
ATOM   307  C  "C2'" . A   A 1 17 ? 6.397   7.626   -12.754 1.00 28.49 ? 17  A   A "C2'" 1 
ATOM   308  O  "O2'" . A   A 1 17 ? 7.221   6.711   -13.444 1.00 27.79 ? 17  A   A "O2'" 1 
ATOM   309  C  "C1'" . A   A 1 17 ? 6.277   7.225   -11.279 1.00 28.75 ? 17  A   A "C1'" 1 
ATOM   310  N  N9    . A   A 1 17 ? 4.944   7.516   -10.749 1.00 27.51 ? 17  A   A N9    1 
ATOM   311  C  C8    . A   A 1 17 ? 4.502   8.703   -10.228 1.00 27.93 ? 17  A   A C8    1 
ATOM   312  N  N7    . A   A 1 17 ? 3.247   8.679   -9.848  1.00 29.34 ? 17  A   A N7    1 
ATOM   313  C  C5    . A   A 1 17 ? 2.836   7.388   -10.126 1.00 29.50 ? 17  A   A C5    1 
ATOM   314  C  C6    . A   A 1 17 ? 1.609   6.724   -9.934  1.00 30.23 ? 17  A   A C6    1 
ATOM   315  N  N6    . A   A 1 17 ? 0.539   7.299   -9.381  1.00 31.23 ? 17  A   A N6    1 
ATOM   316  N  N1    . A   A 1 17 ? 1.524   5.434   -10.325 1.00 29.34 ? 17  A   A N1    1 
ATOM   317  C  C2    . A   A 1 17 ? 2.612   4.856   -10.864 1.00 30.39 ? 17  A   A C2    1 
ATOM   318  N  N3    . A   A 1 17 ? 3.822   5.374   -11.081 1.00 25.22 ? 17  A   A N3    1 
ATOM   319  C  C4    . A   A 1 17 ? 3.870   6.656   -10.687 1.00 27.60 ? 17  A   A C4    1 
ATOM   320  P  P     . A   A 1 18 ? 7.516   10.674  -14.628 1.00 34.83 ? 18  A   A P     1 
ATOM   321  O  OP1   . A   A 1 18 ? 7.955   11.783  -13.738 1.00 36.78 ? 18  A   A OP1   1 
ATOM   322  O  OP2   . A   A 1 18 ? 6.139   10.673  -15.166 1.00 35.99 ? 18  A   A OP2   1 
ATOM   323  O  "O5'" . A   A 1 18 ? 8.528   10.608  -15.857 1.00 34.98 ? 18  A   A "O5'" 1 
ATOM   324  C  "C5'" . A   A 1 18 ? 8.051   10.499  -17.190 1.00 32.54 ? 18  A   A "C5'" 1 
ATOM   325  C  "C4'" . A   A 1 18 ? 8.537   9.216   -17.803 1.00 32.58 ? 18  A   A "C4'" 1 
ATOM   326  O  "O4'" . A   A 1 18 ? 9.982   9.199   -17.709 1.00 31.15 ? 18  A   A "O4'" 1 
ATOM   327  C  "C3'" . A   A 1 18 ? 8.083   7.950   -17.087 1.00 32.23 ? 18  A   A "C3'" 1 
ATOM   328  O  "O3'" . A   A 1 18 ? 6.848   7.497   -17.639 1.00 30.05 ? 18  A   A "O3'" 1 
ATOM   329  C  "C2'" . A   A 1 18 ? 9.209   6.966   -17.398 1.00 31.75 ? 18  A   A "C2'" 1 
ATOM   330  O  "O2'" . A   A 1 18 ? 9.023   6.303   -18.635 1.00 31.10 ? 18  A   A "O2'" 1 
ATOM   331  C  "C1'" . A   A 1 18 ? 10.436  7.885   -17.466 1.00 30.58 ? 18  A   A "C1'" 1 
ATOM   332  N  N9    . A   A 1 18 ? 11.253  7.912   -16.254 1.00 31.46 ? 18  A   A N9    1 
ATOM   333  C  C8    . A   A 1 18 ? 10.830  8.052   -14.957 1.00 33.10 ? 18  A   A C8    1 
ATOM   334  N  N7    . A   A 1 18 ? 11.805  8.056   -14.078 1.00 32.53 ? 18  A   A N7    1 
ATOM   335  C  C5    . A   A 1 18 ? 12.946  7.911   -14.848 1.00 30.94 ? 18  A   A C5    1 
ATOM   336  C  C6    . A   A 1 18 ? 14.305  7.846   -14.512 1.00 31.39 ? 18  A   A C6    1 
ATOM   337  N  N6    . A   A 1 18 ? 14.757  7.942   -13.265 1.00 29.43 ? 18  A   A N6    1 
ATOM   338  N  N1    . A   A 1 18 ? 15.194  7.685   -15.515 1.00 30.44 ? 18  A   A N1    1 
ATOM   339  C  C2    . A   A 1 18 ? 14.734  7.610   -16.767 1.00 30.33 ? 18  A   A C2    1 
ATOM   340  N  N3    . A   A 1 18 ? 13.478  7.668   -17.211 1.00 29.35 ? 18  A   A N3    1 
ATOM   341  C  C4    . A   A 1 18 ? 12.623  7.817   -16.190 1.00 30.17 ? 18  A   A C4    1 
ATOM   342  P  P     . G   A 1 19 ? 5.702   6.900   -16.670 1.00 31.72 ? 19  G   A P     1 
ATOM   343  O  OP1   . G   A 1 19 ? 4.775   8.000   -16.298 1.00 33.64 ? 19  G   A OP1   1 
ATOM   344  O  OP2   . G   A 1 19 ? 6.341   6.084   -15.609 1.00 29.96 ? 19  G   A OP2   1 
ATOM   345  O  "O5'" . G   A 1 19 ? 4.900   5.915   -17.617 1.00 30.12 ? 19  G   A "O5'" 1 
ATOM   346  C  "C5'" . G   A 1 19 ? 5.477   4.704   -18.068 1.00 30.23 ? 19  G   A "C5'" 1 
ATOM   347  C  "C4'" . G   A 1 19 ? 4.497   3.581   -17.869 1.00 32.65 ? 19  G   A "C4'" 1 
ATOM   348  O  "O4'" . G   A 1 19 ? 4.430   3.242   -16.456 1.00 30.71 ? 19  G   A "O4'" 1 
ATOM   349  C  "C3'" . G   A 1 19 ? 3.055   3.905   -18.246 1.00 32.94 ? 19  G   A "C3'" 1 
ATOM   350  O  "O3'" . G   A 1 19 ? 2.791   3.700   -19.624 1.00 35.10 ? 19  G   A "O3'" 1 
ATOM   351  C  "C2'" . G   A 1 19 ? 2.287   2.905   -17.401 1.00 31.49 ? 19  G   A "C2'" 1 
ATOM   352  O  "O2'" . G   A 1 19 ? 2.278   1.611   -17.976 1.00 30.29 ? 19  G   A "O2'" 1 
ATOM   353  C  "C1'" . G   A 1 19 ? 3.086   2.961   -16.095 1.00 31.59 ? 19  G   A "C1'" 1 
ATOM   354  N  N9    . G   A 1 19 ? 2.617   4.038   -15.232 1.00 32.30 ? 19  G   A N9    1 
ATOM   355  C  C8    . G   A 1 19 ? 3.352   5.088   -14.728 1.00 33.20 ? 19  G   A C8    1 
ATOM   356  N  N7    . G   A 1 19 ? 2.643   5.908   -14.001 1.00 33.17 ? 19  G   A N7    1 
ATOM   357  C  C5    . G   A 1 19 ? 1.363   5.363   -14.022 1.00 34.30 ? 19  G   A C5    1 
ATOM   358  C  C6    . G   A 1 19 ? 0.162   5.805   -13.407 1.00 34.49 ? 19  G   A C6    1 
ATOM   359  O  O6    . G   A 1 19 ? -0.023  6.811   -12.708 1.00 33.64 ? 19  G   A O6    1 
ATOM   360  N  N1    . G   A 1 19 ? -0.895  4.940   -13.673 1.00 34.55 ? 19  G   A N1    1 
ATOM   361  C  C2    . G   A 1 19 ? -0.812  3.801   -14.436 1.00 34.43 ? 19  G   A C2    1 
ATOM   362  N  N2    . G   A 1 19 ? -1.935  3.085   -14.561 1.00 33.65 ? 19  G   A N2    1 
ATOM   363  N  N3    . G   A 1 19 ? 0.293   3.388   -15.025 1.00 35.01 ? 19  G   A N3    1 
ATOM   364  C  C4    . G   A 1 19 ? 1.337   4.208   -14.773 1.00 33.23 ? 19  G   A C4    1 
ATOM   365  P  P     . U   A 1 20 ? 1.889   4.764   -20.421 1.00 40.71 ? 20  U   A P     1 
ATOM   366  O  OP1   . U   A 1 20 ? 1.804   4.284   -21.824 1.00 39.89 ? 20  U   A OP1   1 
ATOM   367  O  OP2   . U   A 1 20 ? 2.413   6.130   -20.137 1.00 38.76 ? 20  U   A OP2   1 
ATOM   368  O  "O5'" . U   A 1 20 ? 0.444   4.669   -19.741 1.00 42.75 ? 20  U   A "O5'" 1 
ATOM   369  C  "C5'" . U   A 1 20 ? -0.399  3.532   -19.923 1.00 44.49 ? 20  U   A "C5'" 1 
ATOM   370  C  "C4'" . U   A 1 20 ? -1.749  3.762   -19.264 1.00 45.07 ? 20  U   A "C4'" 1 
ATOM   371  O  "O4'" . U   A 1 20 ? -1.582  3.945   -17.832 1.00 44.03 ? 20  U   A "O4'" 1 
ATOM   372  C  "C3'" . U   A 1 20 ? -2.527  5.006   -19.677 1.00 45.72 ? 20  U   A "C3'" 1 
ATOM   373  O  "O3'" . U   A 1 20 ? -3.205  4.818   -20.913 1.00 48.99 ? 20  U   A "O3'" 1 
ATOM   374  C  "C2'" . U   A 1 20 ? -3.515  5.139   -18.524 1.00 44.50 ? 20  U   A "C2'" 1 
ATOM   375  O  "O2'" . U   A 1 20 ? -4.597  4.236   -18.615 1.00 41.46 ? 20  U   A "O2'" 1 
ATOM   376  C  "C1'" . U   A 1 20 ? -2.630  4.770   -17.332 1.00 44.47 ? 20  U   A "C1'" 1 
ATOM   377  N  N1    . U   A 1 20 ? -2.030  5.958   -16.709 1.00 44.43 ? 20  U   A N1    1 
ATOM   378  C  C2    . U   A 1 20 ? -2.800  6.674   -15.804 1.00 44.78 ? 20  U   A C2    1 
ATOM   379  O  O2    . U   A 1 20 ? -3.939  6.353   -15.497 1.00 45.90 ? 20  U   A O2    1 
ATOM   380  N  N3    . U   A 1 20 ? -2.187  7.781   -15.273 1.00 42.95 ? 20  U   A N3    1 
ATOM   381  C  C4    . U   A 1 20 ? -0.914  8.234   -15.548 1.00 44.27 ? 20  U   A C4    1 
ATOM   382  O  O4    . U   A 1 20 ? -0.514  9.269   -15.018 1.00 44.90 ? 20  U   A O4    1 
ATOM   383  C  C5    . U   A 1 20 ? -0.184  7.435   -16.487 1.00 44.80 ? 20  U   A C5    1 
ATOM   384  C  C6    . U   A 1 20 ? -0.753  6.350   -17.020 1.00 43.69 ? 20  U   A C6    1 
ATOM   385  P  P     . C   A 1 21 ? -3.275  6.024   -21.976 1.00 51.44 ? 21  C   A P     1 
ATOM   386  O  OP1   . C   A 1 21 ? -3.315  5.411   -23.330 1.00 52.93 ? 21  C   A OP1   1 
ATOM   387  O  OP2   . C   A 1 21 ? -2.219  7.016   -21.652 1.00 51.47 ? 21  C   A OP2   1 
ATOM   388  O  "O5'" . C   A 1 21 ? -4.673  6.734   -21.695 1.00 51.59 ? 21  C   A "O5'" 1 
ATOM   389  C  "C5'" . C   A 1 21 ? -5.882  5.996   -21.693 1.00 52.05 ? 21  C   A "C5'" 1 
ATOM   390  C  "C4'" . C   A 1 21 ? -6.831  6.588   -20.689 1.00 53.28 ? 21  C   A "C4'" 1 
ATOM   391  O  "O4'" . C   A 1 21 ? -6.155  6.616   -19.406 1.00 54.24 ? 21  C   A "O4'" 1 
ATOM   392  C  "C3'" . C   A 1 21 ? -7.196  8.051   -20.893 1.00 54.37 ? 21  C   A "C3'" 1 
ATOM   393  O  "O3'" . C   A 1 21 ? -8.239  8.223   -21.849 1.00 54.24 ? 21  C   A "O3'" 1 
ATOM   394  C  "C2'" . C   A 1 21 ? -7.661  8.452   -19.500 1.00 54.62 ? 21  C   A "C2'" 1 
ATOM   395  O  "O2'" . C   A 1 21 ? -8.995  8.074   -19.216 1.00 54.86 ? 21  C   A "O2'" 1 
ATOM   396  C  "C1'" . C   A 1 21 ? -6.685  7.667   -18.621 1.00 54.26 ? 21  C   A "C1'" 1 
ATOM   397  N  N1    . C   A 1 21 ? -5.581  8.508   -18.145 1.00 53.15 ? 21  C   A N1    1 
ATOM   398  C  C2    . C   A 1 21 ? -5.789  9.274   -17.005 1.00 52.62 ? 21  C   A C2    1 
ATOM   399  O  O2    . C   A 1 21 ? -6.887  9.201   -16.437 1.00 52.85 ? 21  C   A O2    1 
ATOM   400  N  N3    . C   A 1 21 ? -4.796  10.073  -16.548 1.00 51.79 ? 21  C   A N3    1 
ATOM   401  C  C4    . C   A 1 21 ? -3.629  10.116  -17.195 1.00 51.45 ? 21  C   A C4    1 
ATOM   402  N  N4    . C   A 1 21 ? -2.679  10.924  -16.713 1.00 50.83 ? 21  C   A N4    1 
ATOM   403  C  C5    . C   A 1 21 ? -3.385  9.335   -18.365 1.00 51.50 ? 21  C   A C5    1 
ATOM   404  C  C6    . C   A 1 21 ? -4.381  8.551   -18.801 1.00 52.67 ? 21  C   A C6    1 
ATOM   405  P  P     . G   A 1 22 ? -8.498  9.677   -22.488 1.00 53.06 ? 22  G   A P     1 
ATOM   406  O  OP1   . G   A 1 22 ? -9.450  9.498   -23.611 1.00 54.21 ? 22  G   A OP1   1 
ATOM   407  O  OP2   . G   A 1 22 ? -7.180  10.314  -22.739 1.00 52.52 ? 22  G   A OP2   1 
ATOM   408  O  "O5'" . G   A 1 22 ? -9.226  10.499  -21.330 1.00 54.18 ? 22  G   A "O5'" 1 
ATOM   409  C  "C5'" . G   A 1 22 ? -10.485 10.080  -20.810 1.00 53.51 ? 22  G   A "C5'" 1 
ATOM   410  C  "C4'" . G   A 1 22 ? -10.819 10.843  -19.545 1.00 54.13 ? 22  G   A "C4'" 1 
ATOM   411  O  "O4'" . G   A 1 22 ? -9.753  10.663  -18.581 1.00 53.26 ? 22  G   A "O4'" 1 
ATOM   412  C  "C3'" . G   A 1 22 ? -10.936 12.359  -19.645 1.00 54.02 ? 22  G   A "C3'" 1 
ATOM   413  O  "O3'" . G   A 1 22 ? -12.228 12.742  -20.101 1.00 54.77 ? 22  G   A "O3'" 1 
ATOM   414  C  "C2'" . G   A 1 22 ? -10.760 12.784  -18.191 1.00 53.32 ? 22  G   A "C2'" 1 
ATOM   415  O  "O2'" . G   A 1 22 ? -11.960 12.679  -17.449 1.00 54.26 ? 22  G   A "O2'" 1 
ATOM   416  C  "C1'" . G   A 1 22 ? -9.755  11.752  -17.679 1.00 53.30 ? 22  G   A "C1'" 1 
ATOM   417  N  N9    . G   A 1 22 ? -8.394  12.270  -17.565 1.00 51.04 ? 22  G   A N9    1 
ATOM   418  C  C8    . G   A 1 22 ? -7.326  12.005  -18.388 1.00 51.14 ? 22  G   A C8    1 
ATOM   419  N  N7    . G   A 1 22 ? -6.230  12.607  -18.011 1.00 51.55 ? 22  G   A N7    1 
ATOM   420  C  C5    . G   A 1 22 ? -6.602  13.314  -16.875 1.00 50.74 ? 22  G   A C5    1 
ATOM   421  C  C6    . G   A 1 22 ? -5.838  14.151  -16.022 1.00 49.21 ? 22  G   A C6    1 
ATOM   422  O  O6    . G   A 1 22 ? -4.644  14.433  -16.095 1.00 49.10 ? 22  G   A O6    1 
ATOM   423  N  N1    . G   A 1 22 ? -6.612  14.675  -14.992 1.00 48.61 ? 22  G   A N1    1 
ATOM   424  C  C2    . G   A 1 22 ? -7.950  14.420  -14.803 1.00 48.43 ? 22  G   A C2    1 
ATOM   425  N  N2    . G   A 1 22 ? -8.526  15.022  -13.754 1.00 46.85 ? 22  G   A N2    1 
ATOM   426  N  N3    . G   A 1 22 ? -8.668  13.635  -15.583 1.00 48.83 ? 22  G   A N3    1 
ATOM   427  C  C4    . G   A 1 22 ? -7.936  13.121  -16.593 1.00 50.46 ? 22  G   A C4    1 
ATOM   428  P  P     . C   A 1 23 ? -12.455 14.216  -20.713 1.00 55.74 ? 23  C   A P     1 
ATOM   429  O  OP1   . C   A 1 23 ? -13.860 14.276  -21.198 1.00 56.73 ? 23  C   A OP1   1 
ATOM   430  O  OP2   . C   A 1 23 ? -11.338 14.506  -21.654 1.00 54.50 ? 23  C   A OP2   1 
ATOM   431  O  "O5'" . C   A 1 23 ? -12.323 15.196  -19.459 1.00 54.37 ? 23  C   A "O5'" 1 
ATOM   432  C  "C5'" . C   A 1 23 ? -13.313 15.211  -18.428 1.00 52.51 ? 23  C   A "C5'" 1 
ATOM   433  C  "C4'" . C   A 1 23 ? -12.899 16.146  -17.311 1.00 51.20 ? 23  C   A "C4'" 1 
ATOM   434  O  "O4'" . C   A 1 23 ? -11.621 15.721  -16.765 1.00 49.92 ? 23  C   A "O4'" 1 
ATOM   435  C  "C3'" . C   A 1 23 ? -12.647 17.594  -17.703 1.00 50.46 ? 23  C   A "C3'" 1 
ATOM   436  O  "O3'" . C   A 1 23 ? -13.837 18.358  -17.884 1.00 48.74 ? 23  C   A "O3'" 1 
ATOM   437  C  "C2'" . C   A 1 23 ? -11.771 18.092  -16.559 1.00 50.00 ? 23  C   A "C2'" 1 
ATOM   438  O  "O2'" . C   A 1 23 ? -12.524 18.433  -15.414 1.00 50.36 ? 23  C   A "O2'" 1 
ATOM   439  C  "C1'" . C   A 1 23 ? -10.925 16.851  -16.258 1.00 48.43 ? 23  C   A "C1'" 1 
ATOM   440  N  N1    . C   A 1 23 ? -9.575  16.881  -16.850 1.00 46.69 ? 23  C   A N1    1 
ATOM   441  C  C2    . C   A 1 23 ? -8.589  17.644  -16.222 1.00 46.74 ? 23  C   A C2    1 
ATOM   442  O  O2    . C   A 1 23 ? -8.892  18.289  -15.211 1.00 47.57 ? 23  C   A O2    1 
ATOM   443  N  N3    . C   A 1 23 ? -7.335  17.661  -16.733 1.00 46.72 ? 23  C   A N3    1 
ATOM   444  C  C4    . C   A 1 23 ? -7.052  16.953  -17.827 1.00 46.50 ? 23  C   A C4    1 
ATOM   445  N  N4    . C   A 1 23 ? -5.794  16.977  -18.281 1.00 45.89 ? 23  C   A N4    1 
ATOM   446  C  C5    . C   A 1 23 ? -8.046  16.179  -18.501 1.00 46.71 ? 23  C   A C5    1 
ATOM   447  C  C6    . C   A 1 23 ? -9.282  16.171  -17.982 1.00 46.37 ? 23  C   A C6    1 
ATOM   448  O  "O5'" . U   B 1 1  ? 2.332   20.173  -20.721 1.00 53.64 ? 24  U   B "O5'" 1 
ATOM   449  C  "C5'" . U   B 1 1  ? 3.666   20.287  -21.228 1.00 54.85 ? 24  U   B "C5'" 1 
ATOM   450  C  "C4'" . U   B 1 1  ? 4.390   21.467  -20.622 1.00 55.01 ? 24  U   B "C4'" 1 
ATOM   451  O  "O4'" . U   B 1 1  ? 3.778   22.702  -21.079 1.00 54.79 ? 24  U   B "O4'" 1 
ATOM   452  C  "C3'" . U   B 1 1  ? 4.325   21.561  -19.106 1.00 56.23 ? 24  U   B "C3'" 1 
ATOM   453  O  "O3'" . U   B 1 1  ? 5.296   20.725  -18.487 1.00 55.51 ? 24  U   B "O3'" 1 
ATOM   454  C  "C2'" . U   B 1 1  ? 4.565   23.047  -18.867 1.00 56.60 ? 24  U   B "C2'" 1 
ATOM   455  O  "O2'" . U   B 1 1  ? 5.921   23.448  -18.933 1.00 56.93 ? 24  U   B "O2'" 1 
ATOM   456  C  "C1'" . U   B 1 1  ? 3.778   23.657  -20.027 1.00 56.30 ? 24  U   B "C1'" 1 
ATOM   457  N  N1    . U   B 1 1  ? 2.385   23.964  -19.671 1.00 57.17 ? 24  U   B N1    1 
ATOM   458  C  C2    . U   B 1 1  ? 2.160   25.082  -18.894 1.00 58.21 ? 24  U   B C2    1 
ATOM   459  O  O2    . U   B 1 1  ? 3.063   25.802  -18.495 1.00 59.43 ? 24  U   B O2    1 
ATOM   460  N  N3    . U   B 1 1  ? 0.842   25.327  -18.598 1.00 58.61 ? 24  U   B N3    1 
ATOM   461  C  C4    . U   B 1 1  ? -0.252  24.580  -18.994 1.00 57.76 ? 24  U   B C4    1 
ATOM   462  O  O4    . U   B 1 1  ? -1.381  24.932  -18.650 1.00 56.40 ? 24  U   B O4    1 
ATOM   463  C  C5    . U   B 1 1  ? 0.065   23.434  -19.792 1.00 56.97 ? 24  U   B C5    1 
ATOM   464  C  C6    . U   B 1 1  ? 1.341   23.172  -20.095 1.00 56.43 ? 24  U   B C6    1 
ATOM   465  P  P     . U   B 1 2  ? 4.825   19.626  -17.412 1.00 55.68 ? 25  U   B P     1 
ATOM   466  O  OP1   . U   B 1 2  ? 6.052   19.084  -16.783 1.00 55.35 ? 25  U   B OP1   1 
ATOM   467  O  OP2   . U   B 1 2  ? 3.873   18.699  -18.081 1.00 54.58 ? 25  U   B OP2   1 
ATOM   468  O  "O5'" . U   B 1 2  ? 4.036   20.481  -16.322 1.00 55.44 ? 25  U   B "O5'" 1 
ATOM   469  C  "C5'" . U   B 1 2  ? 4.682   21.557  -15.648 1.00 55.46 ? 25  U   B "C5'" 1 
ATOM   470  C  "C4'" . U   B 1 2  ? 3.668   22.534  -15.108 1.00 55.56 ? 25  U   B "C4'" 1 
ATOM   471  O  "O4'" . U   B 1 2  ? 2.858   23.074  -16.189 1.00 55.73 ? 25  U   B "O4'" 1 
ATOM   472  C  "C3'" . U   B 1 2  ? 2.630   21.992  -14.138 1.00 55.96 ? 25  U   B "C3'" 1 
ATOM   473  O  "O3'" . U   B 1 2  ? 3.167   21.842  -12.828 1.00 58.34 ? 25  U   B "O3'" 1 
ATOM   474  C  "C2'" . U   B 1 2  ? 1.591   23.102  -14.188 1.00 55.71 ? 25  U   B "C2'" 1 
ATOM   475  O  "O2'" . U   B 1 2  ? 1.974   24.248  -13.458 1.00 54.79 ? 25  U   B "O2'" 1 
ATOM   476  C  "C1'" . U   B 1 2  ? 1.569   23.406  -15.688 1.00 55.81 ? 25  U   B "C1'" 1 
ATOM   477  N  N1    . U   B 1 2  ? 0.572   22.578  -16.379 1.00 55.40 ? 25  U   B N1    1 
ATOM   478  C  C2    . U   B 1 2  ? -0.755  22.949  -16.268 1.00 54.99 ? 25  U   B C2    1 
ATOM   479  O  O2    . U   B 1 2  ? -1.116  23.944  -15.659 1.00 53.46 ? 25  U   B O2    1 
ATOM   480  N  N3    . U   B 1 2  ? -1.645  22.113  -16.898 1.00 54.56 ? 25  U   B N3    1 
ATOM   481  C  C4    . U   B 1 2  ? -1.346  20.974  -17.616 1.00 55.12 ? 25  U   B C4    1 
ATOM   482  O  O4    . U   B 1 2  ? -2.262  20.302  -18.089 1.00 54.28 ? 25  U   B O4    1 
ATOM   483  C  C5    . U   B 1 2  ? 0.049   20.667  -17.698 1.00 55.02 ? 25  U   B C5    1 
ATOM   484  C  C6    . U   B 1 2  ? 0.939   21.462  -17.094 1.00 55.55 ? 25  U   B C6    1 
ATOM   485  P  P     . G   B 1 3  ? 2.629   20.660  -11.876 1.00 58.21 ? 26  G   B P     1 
ATOM   486  O  OP1   . G   B 1 3  ? 3.354   20.737  -10.582 1.00 59.42 ? 26  G   B OP1   1 
ATOM   487  O  OP2   . G   B 1 3  ? 2.656   19.401  -12.657 1.00 59.49 ? 26  G   B OP2   1 
ATOM   488  O  "O5'" . G   B 1 3  ? 1.105   21.037  -11.619 1.00 57.65 ? 26  G   B "O5'" 1 
ATOM   489  C  "C5'" . G   B 1 3  ? 0.754   22.204  -10.892 1.00 56.89 ? 26  G   B "C5'" 1 
ATOM   490  C  "C4'" . G   B 1 3  ? -0.746  22.324  -10.803 1.00 56.35 ? 26  G   B "C4'" 1 
ATOM   491  O  "O4'" . G   B 1 3  ? -1.300  22.526  -12.132 1.00 56.38 ? 26  G   B "O4'" 1 
ATOM   492  C  "C3'" . G   B 1 3  ? -1.461  21.079  -10.308 1.00 56.08 ? 26  G   B "C3'" 1 
ATOM   493  O  "O3'" . G   B 1 3  ? -1.431  20.982  -8.893  1.00 55.56 ? 26  G   B "O3'" 1 
ATOM   494  C  "C2'" . G   B 1 3  ? -2.869  21.298  -10.840 1.00 55.77 ? 26  G   B "C2'" 1 
ATOM   495  O  "O2'" . G   B 1 3  ? -3.619  22.203  -10.057 1.00 55.02 ? 26  G   B "O2'" 1 
ATOM   496  C  "C1'" . G   B 1 3  ? -2.572  21.902  -12.213 1.00 55.93 ? 26  G   B "C1'" 1 
ATOM   497  N  N9    . G   B 1 3  ? -2.532  20.897  -13.271 1.00 55.52 ? 26  G   B N9    1 
ATOM   498  C  C8    . G   B 1 3  ? -1.421  20.349  -13.869 1.00 55.29 ? 26  G   B C8    1 
ATOM   499  N  N7    . G   B 1 3  ? -1.717  19.476  -14.793 1.00 55.67 ? 26  G   B N7    1 
ATOM   500  C  C5    . G   B 1 3  ? -3.105  19.446  -14.806 1.00 55.33 ? 26  G   B C5    1 
ATOM   501  C  C6    . G   B 1 3  ? -4.007  18.691  -15.609 1.00 55.28 ? 26  G   B C6    1 
ATOM   502  O  O6    . G   B 1 3  ? -3.749  17.877  -16.502 1.00 55.59 ? 26  G   B O6    1 
ATOM   503  N  N1    . G   B 1 3  ? -5.332  18.967  -15.284 1.00 54.60 ? 26  G   B N1    1 
ATOM   504  C  C2    . G   B 1 3  ? -5.740  19.854  -14.319 1.00 55.08 ? 26  G   B C2    1 
ATOM   505  N  N2    . G   B 1 3  ? -7.064  19.987  -14.155 1.00 55.42 ? 26  G   B N2    1 
ATOM   506  N  N3    . G   B 1 3  ? -4.914  20.563  -13.571 1.00 55.30 ? 26  G   B N3    1 
ATOM   507  C  C4    . G   B 1 3  ? -3.621  20.312  -13.867 1.00 55.40 ? 26  G   B C4    1 
ATOM   508  P  P     . C   B 1 4  ? -1.512  19.535  -8.201  1.00 57.24 ? 27  C   B P     1 
ATOM   509  O  OP1   . C   B 1 4  ? -1.313  19.735  -6.740  1.00 56.53 ? 27  C   B OP1   1 
ATOM   510  O  OP2   . C   B 1 4  ? -0.622  18.608  -8.944  1.00 54.50 ? 27  C   B OP2   1 
ATOM   511  O  "O5'" . C   B 1 4  ? -3.017  19.077  -8.450  1.00 55.63 ? 27  C   B "O5'" 1 
ATOM   512  C  "C5'" . C   B 1 4  ? -4.098  19.809  -7.886  1.00 54.13 ? 27  C   B "C5'" 1 
ATOM   513  C  "C4'" . C   B 1 4  ? -5.415  19.284  -8.402  1.00 53.29 ? 27  C   B "C4'" 1 
ATOM   514  O  "O4'" . C   B 1 4  ? -5.556  19.552  -9.828  1.00 51.60 ? 27  C   B "O4'" 1 
ATOM   515  C  "C3'" . C   B 1 4  ? -5.641  17.784  -8.312  1.00 52.28 ? 27  C   B "C3'" 1 
ATOM   516  O  "O3'" . C   B 1 4  ? -5.947  17.354  -6.988  1.00 52.59 ? 27  C   B "O3'" 1 
ATOM   517  C  "C2'" . C   B 1 4  ? -6.810  17.625  -9.271  1.00 53.61 ? 27  C   B "C2'" 1 
ATOM   518  O  "O2'" . C   B 1 4  ? -8.023  18.118  -8.731  1.00 52.75 ? 27  C   B "O2'" 1 
ATOM   519  C  "C1'" . C   B 1 4  ? -6.353  18.528  -10.421 1.00 52.94 ? 27  C   B "C1'" 1 
ATOM   520  N  N1    . C   B 1 4  ? -5.529  17.806  -11.406 1.00 52.89 ? 27  C   B N1    1 
ATOM   521  C  C2    . C   B 1 4  ? -6.161  16.975  -12.336 1.00 52.16 ? 27  C   B C2    1 
ATOM   522  O  O2    . C   B 1 4  ? -7.391  16.882  -12.315 1.00 52.74 ? 27  C   B O2    1 
ATOM   523  N  N3    . C   B 1 4  ? -5.414  16.297  -13.234 1.00 51.81 ? 27  C   B N3    1 
ATOM   524  C  C4    . C   B 1 4  ? -4.086  16.422  -13.224 1.00 51.17 ? 27  C   B C4    1 
ATOM   525  N  N4    . C   B 1 4  ? -3.385  15.726  -14.121 1.00 50.58 ? 27  C   B N4    1 
ATOM   526  C  C5    . C   B 1 4  ? -3.415  17.267  -12.293 1.00 51.50 ? 27  C   B C5    1 
ATOM   527  C  C6    . C   B 1 4  ? -4.169  17.934  -11.411 1.00 52.68 ? 27  C   B C6    1 
ATOM   528  P  P     . G   B 1 5  ? -5.410  15.923  -6.470  1.00 52.61 ? 28  G   B P     1 
ATOM   529  O  OP1   . G   B 1 5  ? -5.645  15.843  -5.005  1.00 51.10 ? 28  G   B OP1   1 
ATOM   530  O  OP2   . G   B 1 5  ? -4.034  15.724  -6.999  1.00 51.25 ? 28  G   B OP2   1 
ATOM   531  O  "O5'" . G   B 1 5  ? -6.373  14.875  -7.192  1.00 50.30 ? 28  G   B "O5'" 1 
ATOM   532  C  "C5'" . G   B 1 5  ? -7.789  14.950  -7.029  1.00 48.89 ? 28  G   B "C5'" 1 
ATOM   533  C  "C4'" . G   B 1 5  ? -8.491  14.093  -8.062  1.00 48.37 ? 28  G   B "C4'" 1 
ATOM   534  O  "O4'" . G   B 1 5  ? -8.262  14.602  -9.406  1.00 47.94 ? 28  G   B "O4'" 1 
ATOM   535  C  "C3'" . G   B 1 5  ? -8.072  12.636  -8.175  1.00 47.61 ? 28  G   B "C3'" 1 
ATOM   536  O  "O3'" . G   B 1 5  ? -8.633  11.858  -7.125  1.00 47.27 ? 28  G   B "O3'" 1 
ATOM   537  C  "C2'" . G   B 1 5  ? -8.673  12.270  -9.526  1.00 47.74 ? 28  G   B "C2'" 1 
ATOM   538  O  "O2'" . G   B 1 5  ? -10.070 12.073  -9.480  1.00 47.29 ? 28  G   B "O2'" 1 
ATOM   539  C  "C1'" . G   B 1 5  ? -8.358  13.530  -10.335 1.00 46.28 ? 28  G   B "C1'" 1 
ATOM   540  N  N9    . G   B 1 5  ? -7.089  13.408  -11.045 1.00 44.84 ? 28  G   B N9    1 
ATOM   541  C  C8    . G   B 1 5  ? -5.890  14.009  -10.738 1.00 43.42 ? 28  G   B C8    1 
ATOM   542  N  N7    . G   B 1 5  ? -4.930  13.685  -11.559 1.00 42.23 ? 28  G   B N7    1 
ATOM   543  C  C5    . G   B 1 5  ? -5.531  12.820  -12.465 1.00 44.03 ? 28  G   B C5    1 
ATOM   544  C  C6    . G   B 1 5  ? -4.989  12.137  -13.596 1.00 43.41 ? 28  G   B C6    1 
ATOM   545  O  O6    . G   B 1 5  ? -3.829  12.161  -14.030 1.00 43.58 ? 28  G   B O6    1 
ATOM   546  N  N1    . G   B 1 5  ? -5.956  11.366  -14.239 1.00 42.85 ? 28  G   B N1    1 
ATOM   547  C  C2    . G   B 1 5  ? -7.271  11.262  -13.847 1.00 43.87 ? 28  G   B C2    1 
ATOM   548  N  N2    . G   B 1 5  ? -8.055  10.471  -14.587 1.00 41.95 ? 28  G   B N2    1 
ATOM   549  N  N3    . G   B 1 5  ? -7.783  11.890  -12.799 1.00 44.58 ? 28  G   B N3    1 
ATOM   550  C  C4    . G   B 1 5  ? -6.864  12.643  -12.161 1.00 43.76 ? 28  G   B C4    1 
ATOM   551  P  P     . U   B 1 6  ? -7.997  10.425  -6.762  1.00 46.13 ? 29  U   B P     1 
ATOM   552  O  OP1   . U   B 1 6  ? -8.684  9.958   -5.531  1.00 47.84 ? 29  U   B OP1   1 
ATOM   553  O  OP2   . U   B 1 6  ? -6.517  10.538  -6.782  1.00 48.21 ? 29  U   B OP2   1 
ATOM   554  O  "O5'" . U   B 1 6  ? -8.436  9.487   -7.968  1.00 47.23 ? 29  U   B "O5'" 1 
ATOM   555  C  "C5'" . U   B 1 6  ? -9.810  9.343   -8.312  1.00 47.01 ? 29  U   B "C5'" 1 
ATOM   556  C  "C4'" . U   B 1 6  ? -9.951  8.419   -9.493  1.00 47.28 ? 29  U   B "C4'" 1 
ATOM   557  O  "O4'" . U   B 1 6  ? -9.427  9.042   -10.692 1.00 46.88 ? 29  U   B "O4'" 1 
ATOM   558  C  "C3'" . U   B 1 6  ? -9.166  7.124   -9.402  1.00 47.16 ? 29  U   B "C3'" 1 
ATOM   559  O  "O3'" . U   B 1 6  ? -9.831  6.185   -8.570  1.00 47.69 ? 29  U   B "O3'" 1 
ATOM   560  C  "C2'" . U   B 1 6  ? -9.107  6.687   -10.862 1.00 47.40 ? 29  U   B "C2'" 1 
ATOM   561  O  "O2'" . U   B 1 6  ? -10.243 5.973   -11.292 1.00 46.14 ? 29  U   B "O2'" 1 
ATOM   562  C  "C1'" . U   B 1 6  ? -8.999  8.032   -11.591 1.00 46.35 ? 29  U   B "C1'" 1 
ATOM   563  N  N1    . U   B 1 6  ? -7.621  8.331   -12.005 1.00 46.76 ? 29  U   B N1    1 
ATOM   564  C  C2    . U   B 1 6  ? -7.164  7.746   -13.172 1.00 46.93 ? 29  U   B C2    1 
ATOM   565  O  O2    . U   B 1 6  ? -7.864  7.029   -13.867 1.00 47.14 ? 29  U   B O2    1 
ATOM   566  N  N3    . U   B 1 6  ? -5.862  8.035   -13.497 1.00 46.43 ? 29  U   B N3    1 
ATOM   567  C  C4    . U   B 1 6  ? -4.988  8.840   -12.791 1.00 46.51 ? 29  U   B C4    1 
ATOM   568  O  O4    . U   B 1 6  ? -3.839  9.010   -13.214 1.00 45.68 ? 29  U   B O4    1 
ATOM   569  C  C5    . U   B 1 6  ? -5.542  9.419   -11.600 1.00 46.13 ? 29  U   B C5    1 
ATOM   570  C  C6    . U   B 1 6  ? -6.808  9.152   -11.258 1.00 45.13 ? 29  U   B C6    1 
ATOM   571  P  P     . C   B 1 7  ? -8.969  5.119   -7.724  1.00 50.08 ? 30  C   B P     1 
ATOM   572  O  OP1   . C   B 1 7  ? -9.927  4.316   -6.922  1.00 50.53 ? 30  C   B OP1   1 
ATOM   573  O  OP2   . C   B 1 7  ? -7.851  5.825   -7.039  1.00 50.92 ? 30  C   B OP2   1 
ATOM   574  O  "O5'" . C   B 1 7  ? -8.343  4.176   -8.845  1.00 49.08 ? 30  C   B "O5'" 1 
ATOM   575  C  "C5'" . C   B 1 7  ? -9.182  3.421   -9.713  1.00 44.63 ? 30  C   B "C5'" 1 
ATOM   576  C  "C4'" . C   B 1 7  ? -8.370  2.819   -10.833 1.00 42.09 ? 30  C   B "C4'" 1 
ATOM   577  O  "O4'" . C   B 1 7  ? -7.906  3.848   -11.746 1.00 42.33 ? 30  C   B "O4'" 1 
ATOM   578  C  "C3'" . C   B 1 7  ? -7.085  2.132   -10.418 1.00 41.86 ? 30  C   B "C3'" 1 
ATOM   579  O  "O3'" . C   B 1 7  ? -7.318  0.843   -9.889  1.00 40.88 ? 30  C   B "O3'" 1 
ATOM   580  C  "C2'" . C   B 1 7  ? -6.340  2.062   -11.741 1.00 41.90 ? 30  C   B "C2'" 1 
ATOM   581  O  "O2'" . C   B 1 7  ? -6.785  0.995   -12.552 1.00 40.21 ? 30  C   B "O2'" 1 
ATOM   582  C  "C1'" . C   B 1 7  ? -6.679  3.432   -12.344 1.00 40.43 ? 30  C   B "C1'" 1 
ATOM   583  N  N1    . C   B 1 7  ? -5.641  4.424   -12.014 1.00 38.11 ? 30  C   B N1    1 
ATOM   584  C  C2    . C   B 1 7  ? -4.477  4.477   -12.797 1.00 36.56 ? 30  C   B C2    1 
ATOM   585  O  O2    . C   B 1 7  ? -4.380  3.722   -13.778 1.00 32.94 ? 30  C   B O2    1 
ATOM   586  N  N3    . C   B 1 7  ? -3.494  5.350   -12.465 1.00 34.72 ? 30  C   B N3    1 
ATOM   587  C  C4    . C   B 1 7  ? -3.647  6.158   -11.412 1.00 35.93 ? 30  C   B C4    1 
ATOM   588  N  N4    . C   B 1 7  ? -2.649  6.999   -11.112 1.00 34.20 ? 30  C   B N4    1 
ATOM   589  C  C5    . C   B 1 7  ? -4.832  6.142   -10.612 1.00 35.40 ? 30  C   B C5    1 
ATOM   590  C  C6    . C   B 1 7  ? -5.793  5.270   -10.947 1.00 37.68 ? 30  C   B C6    1 
ATOM   591  P  P     . U   B 1 8  ? -6.331  0.269   -8.764  1.00 43.34 ? 31  U   B P     1 
ATOM   592  O  OP1   . U   B 1 8  ? -6.901  -1.008  -8.269  1.00 41.27 ? 31  U   B OP1   1 
ATOM   593  O  OP2   . U   B 1 8  ? -6.049  1.369   -7.804  1.00 43.22 ? 31  U   B OP2   1 
ATOM   594  O  "O5'" . U   B 1 8  ? -4.980  -0.031  -9.559  1.00 41.67 ? 31  U   B "O5'" 1 
ATOM   595  C  "C5'" . U   B 1 8  ? -4.961  -0.934  -10.662 1.00 38.10 ? 31  U   B "C5'" 1 
ATOM   596  C  "C4'" . U   B 1 8  ? -3.608  -0.909  -11.335 1.00 35.65 ? 31  U   B "C4'" 1 
ATOM   597  O  "O4'" . U   B 1 8  ? -3.391  0.383   -11.964 1.00 35.47 ? 31  U   B "O4'" 1 
ATOM   598  C  "C3'" . U   B 1 8  ? -2.420  -1.082  -10.403 1.00 35.00 ? 31  U   B "C3'" 1 
ATOM   599  O  "O3'" . U   B 1 8  ? -2.168  -2.454  -10.135 1.00 34.97 ? 31  U   B "O3'" 1 
ATOM   600  C  "C2'" . U   B 1 8  ? -1.294  -0.428  -11.194 1.00 34.94 ? 31  U   B "C2'" 1 
ATOM   601  O  "O2'" . U   B 1 8  ? -0.746  -1.271  -12.185 1.00 36.34 ? 31  U   B "O2'" 1 
ATOM   602  C  "C1'" . U   B 1 8  ? -2.026  0.750   -11.844 1.00 33.72 ? 31  U   B "C1'" 1 
ATOM   603  N  N1    . U   B 1 8  ? -1.939  1.973   -11.031 1.00 32.47 ? 31  U   B N1    1 
ATOM   604  C  C2    . U   B 1 8  ? -0.779  2.726   -11.133 1.00 31.06 ? 31  U   B C2    1 
ATOM   605  O  O2    . U   B 1 8  ? 0.148   2.416   -11.861 1.00 29.78 ? 31  U   B O2    1 
ATOM   606  N  N3    . U   B 1 8  ? -0.745  3.849   -10.346 1.00 30.09 ? 31  U   B N3    1 
ATOM   607  C  C4    . U   B 1 8  ? -1.722  4.287   -9.482  1.00 29.90 ? 31  U   B C4    1 
ATOM   608  O  O4    . U   B 1 8  ? -1.545  5.327   -8.850  1.00 29.87 ? 31  U   B O4    1 
ATOM   609  C  C5    . U   B 1 8  ? -2.889  3.458   -9.427  1.00 32.55 ? 31  U   B C5    1 
ATOM   610  C  C6    . U   B 1 8  ? -2.957  2.357   -10.190 1.00 32.82 ? 31  U   B C6    1 
ATOM   611  P  P     . C   B 1 9  ? -1.676  -2.897  -8.670  1.00 36.98 ? 32  C   B P     1 
ATOM   612  O  OP1   . C   B 1 9  ? -1.793  -4.375  -8.559  1.00 38.17 ? 32  C   B OP1   1 
ATOM   613  O  OP2   . C   B 1 9  ? -2.382  -2.032  -7.694  1.00 38.53 ? 32  C   B OP2   1 
ATOM   614  O  "O5'" . C   B 1 9  ? -0.123  -2.517  -8.665  1.00 36.18 ? 32  C   B "O5'" 1 
ATOM   615  C  "C5'" . C   B 1 9  ? 0.748   -3.034  -9.669  1.00 35.69 ? 32  C   B "C5'" 1 
ATOM   616  C  "C4'" . C   B 1 9  ? 2.043   -2.252  -9.720  1.00 35.50 ? 32  C   B "C4'" 1 
ATOM   617  O  "O4'" . C   B 1 9  ? 1.844   -0.932  -10.289 1.00 35.44 ? 32  C   B "O4'" 1 
ATOM   618  C  "C3'" . C   B 1 9  ? 2.753   -1.984  -8.406  1.00 34.79 ? 32  C   B "C3'" 1 
ATOM   619  O  "O3'" . C   B 1 9  ? 3.492   -3.116  -7.989  1.00 38.80 ? 32  C   B "O3'" 1 
ATOM   620  C  "C2'" . C   B 1 9  ? 3.693   -0.861  -8.805  1.00 34.26 ? 32  C   B "C2'" 1 
ATOM   621  O  "O2'" . C   B 1 9  ? 4.849   -1.323  -9.475  1.00 31.44 ? 32  C   B "O2'" 1 
ATOM   622  C  "C1'" . C   B 1 9  ? 2.793   -0.036  -9.729  1.00 33.63 ? 32  C   B "C1'" 1 
ATOM   623  N  N1    . C   B 1 9  ? 2.076   0.989   -8.959  1.00 32.69 ? 32  C   B N1    1 
ATOM   624  C  C2    . C   B 1 9  ? 2.756   2.160   -8.624  1.00 32.69 ? 32  C   B C2    1 
ATOM   625  O  O2    . C   B 1 9  ? 3.912   2.320   -9.045  1.00 34.35 ? 32  C   B O2    1 
ATOM   626  N  N3    . C   B 1 9  ? 2.140   3.090   -7.857  1.00 31.75 ? 32  C   B N3    1 
ATOM   627  C  C4    . C   B 1 9  ? 0.888   2.888   -7.444  1.00 31.24 ? 32  C   B C4    1 
ATOM   628  N  N4    . C   B 1 9  ? 0.329   3.821   -6.672  1.00 30.19 ? 32  C   B N4    1 
ATOM   629  C  C5    . C   B 1 9  ? 0.156   1.716   -7.801  1.00 33.12 ? 32  C   B C5    1 
ATOM   630  C  C6    . C   B 1 9  ? 0.784   0.800   -8.553  1.00 32.22 ? 32  C   B C6    1 
ATOM   631  P  P     . G   B 1 10 ? 3.842   -3.310  -6.434  1.00 40.25 ? 33  G   B P     1 
ATOM   632  O  OP1   . G   B 1 10 ? 4.534   -4.617  -6.303  1.00 40.45 ? 33  G   B OP1   1 
ATOM   633  O  OP2   . G   B 1 10 ? 2.610   -3.046  -5.656  1.00 40.33 ? 33  G   B OP2   1 
ATOM   634  O  "O5'" . G   B 1 10 ? 4.894   -2.155  -6.116  1.00 39.93 ? 33  G   B "O5'" 1 
ATOM   635  C  "C5'" . G   B 1 10 ? 6.188   -2.165  -6.710  1.00 36.07 ? 33  G   B "C5'" 1 
ATOM   636  C  "C4'" . G   B 1 10 ? 6.971   -0.945  -6.283  1.00 33.81 ? 33  G   B "C4'" 1 
ATOM   637  O  "O4'" . G   B 1 10 ? 6.379   0.258   -6.834  1.00 30.27 ? 33  G   B "O4'" 1 
ATOM   638  C  "C3'" . G   B 1 10 ? 7.022   -0.672  -4.793  1.00 32.29 ? 33  G   B "C3'" 1 
ATOM   639  O  "O3'" . G   B 1 10 ? 8.031   -1.447  -4.184  1.00 33.65 ? 33  G   B "O3'" 1 
ATOM   640  C  "C2'" . G   B 1 10 ? 7.404   0.796   -4.766  1.00 31.51 ? 33  G   B "C2'" 1 
ATOM   641  O  "O2'" . G   B 1 10 ? 8.782   1.018   -4.967  1.00 33.07 ? 33  G   B "O2'" 1 
ATOM   642  C  "C1'" . G   B 1 10 ? 6.588   1.336   -5.940  1.00 31.08 ? 33  G   B "C1'" 1 
ATOM   643  N  N9    . G   B 1 10 ? 5.286   1.836   -5.511  1.00 28.13 ? 33  G   B N9    1 
ATOM   644  C  C8    . G   B 1 10 ? 4.068   1.214   -5.640  1.00 26.44 ? 33  G   B C8    1 
ATOM   645  N  N7    . G   B 1 10 ? 3.079   1.931   -5.183  1.00 29.81 ? 33  G   B N7    1 
ATOM   646  C  C5    . G   B 1 10 ? 3.684   3.095   -4.723  1.00 27.63 ? 33  G   B C5    1 
ATOM   647  C  C6    . G   B 1 10 ? 3.119   4.256   -4.127  1.00 27.91 ? 33  G   B C6    1 
ATOM   648  O  O6    . G   B 1 10 ? 1.928   4.510   -3.910  1.00 27.47 ? 33  G   B O6    1 
ATOM   649  N  N1    . G   B 1 10 ? 4.098   5.183   -3.784  1.00 26.71 ? 33  G   B N1    1 
ATOM   650  C  C2    . G   B 1 10 ? 5.443   5.028   -4.001  1.00 27.18 ? 33  G   B C2    1 
ATOM   651  N  N2    . G   B 1 10 ? 6.233   6.038   -3.593  1.00 25.21 ? 33  G   B N2    1 
ATOM   652  N  N3    . G   B 1 10 ? 5.979   3.963   -4.574  1.00 26.00 ? 33  G   B N3    1 
ATOM   653  C  C4    . G   B 1 10 ? 5.047   3.042   -4.903  1.00 27.70 ? 33  G   B C4    1 
ATOM   654  P  P     . U   B 1 11 ? 7.867   -1.903  -2.656  1.00 35.96 ? 34  U   B P     1 
ATOM   655  O  OP1   . U   B 1 11 ? 8.960   -2.875  -2.392  1.00 38.98 ? 34  U   B OP1   1 
ATOM   656  O  OP2   . U   B 1 11 ? 6.457   -2.306  -2.446  1.00 36.04 ? 34  U   B OP2   1 
ATOM   657  O  "O5'" . U   B 1 11 ? 8.155   -0.575  -1.824  1.00 33.77 ? 34  U   B "O5'" 1 
ATOM   658  C  "C5'" . U   B 1 11 ? 9.439   0.038   -1.864  1.00 33.61 ? 34  U   B "C5'" 1 
ATOM   659  C  "C4'" . U   B 1 11 ? 9.404   1.386   -1.192  1.00 34.51 ? 34  U   B "C4'" 1 
ATOM   660  O  "O4'" . U   B 1 11 ? 8.553   2.311   -1.930  1.00 34.55 ? 34  U   B "O4'" 1 
ATOM   661  C  "C3'" . U   B 1 11 ? 8.854   1.425   0.225   1.00 35.03 ? 34  U   B "C3'" 1 
ATOM   662  O  "O3'" . U   B 1 11 ? 9.862   1.070   1.160   1.00 34.96 ? 34  U   B "O3'" 1 
ATOM   663  C  "C2'" . U   B 1 11 ? 8.503   2.898   0.364   1.00 33.20 ? 34  U   B "C2'" 1 
ATOM   664  O  "O2'" . U   B 1 11 ? 9.659   3.680   0.563   1.00 36.68 ? 34  U   B "O2'" 1 
ATOM   665  C  "C1'" . U   B 1 11 ? 7.915   3.193   -1.017  1.00 33.03 ? 34  U   B "C1'" 1 
ATOM   666  N  N1    . U   B 1 11 ? 6.467   2.956   -1.078  1.00 30.21 ? 34  U   B N1    1 
ATOM   667  C  C2    . U   B 1 11 ? 5.637   3.923   -0.546  1.00 30.66 ? 34  U   B C2    1 
ATOM   668  O  O2    . U   B 1 11 ? 6.056   4.920   0.026   1.00 29.95 ? 34  U   B O2    1 
ATOM   669  N  N3    . U   B 1 11 ? 4.296   3.675   -0.688  1.00 28.38 ? 34  U   B N3    1 
ATOM   670  C  C4    . U   B 1 11 ? 3.711   2.571   -1.272  1.00 31.62 ? 34  U   B C4    1 
ATOM   671  O  O4    . U   B 1 11 ? 2.477   2.506   -1.347  1.00 31.47 ? 34  U   B O4    1 
ATOM   672  C  C5    . U   B 1 11 ? 4.635   1.595   -1.760  1.00 27.97 ? 34  U   B C5    1 
ATOM   673  C  C6    . U   B 1 11 ? 5.951   1.818   -1.653  1.00 31.97 ? 34  U   B C6    1 
ATOM   674  P  P     . C   B 1 12 ? 9.466   0.222   2.461   1.00 37.24 ? 35  C   B P     1 
ATOM   675  O  OP1   . C   B 1 12 ? 10.707  -0.362  3.036   1.00 38.85 ? 35  C   B OP1   1 
ATOM   676  O  OP2   . C   B 1 12 ? 8.341   -0.664  2.069   1.00 34.03 ? 35  C   B OP2   1 
ATOM   677  O  "O5'" . C   B 1 12 ? 8.911   1.309   3.479   1.00 36.09 ? 35  C   B "O5'" 1 
ATOM   678  C  "C5'" . C   B 1 12 ? 9.711   2.416   3.874   1.00 36.01 ? 35  C   B "C5'" 1 
ATOM   679  C  "C4'" . C   B 1 12 ? 8.836   3.507   4.432   1.00 33.72 ? 35  C   B "C4'" 1 
ATOM   680  O  "O4'" . C   B 1 12 ? 8.001   4.051   3.371   1.00 33.70 ? 35  C   B "O4'" 1 
ATOM   681  C  "C3'" . C   B 1 12 ? 7.819   3.069   5.472   1.00 33.36 ? 35  C   B "C3'" 1 
ATOM   682  O  "O3'" . C   B 1 12 ? 8.430   2.898   6.746   1.00 30.86 ? 35  C   B "O3'" 1 
ATOM   683  C  "C2'" . C   B 1 12 ? 6.847   4.241   5.430   1.00 30.47 ? 35  C   B "C2'" 1 
ATOM   684  O  "O2'" . C   B 1 12 ? 7.367   5.388   6.060   1.00 32.29 ? 35  C   B "O2'" 1 
ATOM   685  C  "C1'" . C   B 1 12 ? 6.784   4.514   3.927   1.00 31.35 ? 35  C   B "C1'" 1 
ATOM   686  N  N1    . C   B 1 12 ? 5.677   3.804   3.282   1.00 29.38 ? 35  C   B N1    1 
ATOM   687  C  C2    . C   B 1 12 ? 4.401   4.374   3.339   1.00 28.54 ? 35  C   B C2    1 
ATOM   688  O  O2    . C   B 1 12 ? 4.259   5.456   3.914   1.00 30.76 ? 35  C   B O2    1 
ATOM   689  N  N3    . C   B 1 12 ? 3.365   3.733   2.780   1.00 24.48 ? 35  C   B N3    1 
ATOM   690  C  C4    . C   B 1 12 ? 3.551   2.555   2.187   1.00 24.25 ? 35  C   B C4    1 
ATOM   691  N  N4    . C   B 1 12 ? 2.479   1.944   1.672   1.00 18.53 ? 35  C   B N4    1 
ATOM   692  C  C5    . C   B 1 12 ? 4.842   1.949   2.101   1.00 24.68 ? 35  C   B C5    1 
ATOM   693  C  C6    . C   B 1 12 ? 5.870   2.606   2.654   1.00 29.28 ? 35  C   B C6    1 
ATOM   694  P  P     . G   B 1 13 ? 7.777   1.894   7.829   1.00 33.88 ? 36  G   B P     1 
ATOM   695  O  OP1   . G   B 1 13 ? 8.736   1.877   8.965   1.00 34.39 ? 36  G   B OP1   1 
ATOM   696  O  OP2   . G   B 1 13 ? 7.369   0.618   7.193   1.00 33.09 ? 36  G   B OP2   1 
ATOM   697  O  "O5'" . G   B 1 13 ? 6.447   2.622   8.307   1.00 31.07 ? 36  G   B "O5'" 1 
ATOM   698  C  "C5'" . G   B 1 13 ? 6.504   3.904   8.914   1.00 29.74 ? 36  G   B "C5'" 1 
ATOM   699  C  "C4'" . G   B 1 13 ? 5.125   4.512   8.984   1.00 28.67 ? 36  G   B "C4'" 1 
ATOM   700  O  "O4'" . G   B 1 13 ? 4.598   4.709   7.647   1.00 28.94 ? 36  G   B "O4'" 1 
ATOM   701  C  "C3'" . G   B 1 13 ? 4.055   3.664   9.641   1.00 30.05 ? 36  G   B "C3'" 1 
ATOM   702  O  "O3'" . G   B 1 13 ? 4.162   3.700   11.053  1.00 32.63 ? 36  G   B "O3'" 1 
ATOM   703  C  "C2'" . G   B 1 13 ? 2.790   4.338   9.137   1.00 28.26 ? 36  G   B "C2'" 1 
ATOM   704  O  "O2'" . G   B 1 13 ? 2.492   5.543   9.808   1.00 29.21 ? 36  G   B "O2'" 1 
ATOM   705  C  "C1'" . G   B 1 13 ? 3.178   4.622   7.684   1.00 26.03 ? 36  G   B "C1'" 1 
ATOM   706  N  N9    . G   B 1 13 ? 2.754   3.556   6.783   1.00 25.56 ? 36  G   B N9    1 
ATOM   707  C  C8    . G   B 1 13 ? 3.524   2.548   6.254   1.00 24.86 ? 36  G   B C8    1 
ATOM   708  N  N7    . G   B 1 13 ? 2.858   1.763   5.455   1.00 26.44 ? 36  G   B N7    1 
ATOM   709  C  C5    . G   B 1 13 ? 1.571   2.284   5.458   1.00 25.80 ? 36  G   B C5    1 
ATOM   710  C  C6    . G   B 1 13 ? 0.405   1.874   4.748   1.00 26.32 ? 36  G   B C6    1 
ATOM   711  O  O6    . G   B 1 13 ? 0.278   0.942   3.948   1.00 24.53 ? 36  G   B O6    1 
ATOM   712  N  N1    . G   B 1 13 ? -0.686  2.690   5.043   1.00 23.43 ? 36  G   B N1    1 
ATOM   713  C  C2    . G   B 1 13 ? -0.658  3.758   5.899   1.00 23.41 ? 36  G   B C2    1 
ATOM   714  N  N2    . G   B 1 13 ? -1.799  4.423   6.049   1.00 20.36 ? 36  G   B N2    1 
ATOM   715  N  N3    . G   B 1 13 ? 0.420   4.149   6.560   1.00 25.57 ? 36  G   B N3    1 
ATOM   716  C  C4    . G   B 1 13 ? 1.490   3.377   6.288   1.00 24.29 ? 36  G   B C4    1 
ATOM   717  P  P     . A   B 1 14 ? 3.686   2.432   11.918  1.00 33.58 ? 37  A   B P     1 
ATOM   718  O  OP1   . A   B 1 14 ? 4.181   2.651   13.302  1.00 34.76 ? 37  A   B OP1   1 
ATOM   719  O  OP2   . A   B 1 14 ? 4.047   1.185   11.203  1.00 34.14 ? 37  A   B OP2   1 
ATOM   720  O  "O5'" . A   B 1 14 ? 2.102   2.568   11.932  1.00 31.32 ? 37  A   B "O5'" 1 
ATOM   721  C  "C5'" . A   B 1 14 ? 1.478   3.722   12.483  1.00 30.43 ? 37  A   B "C5'" 1 
ATOM   722  C  "C4'" . A   B 1 14 ? 0.029   3.770   12.069  1.00 28.40 ? 37  A   B "C4'" 1 
ATOM   723  O  "O4'" . A   B 1 14 ? -0.056  3.885   10.618  1.00 29.30 ? 37  A   B "O4'" 1 
ATOM   724  C  "C3'" . A   B 1 14 ? -0.775  2.519   12.383  1.00 28.14 ? 37  A   B "C3'" 1 
ATOM   725  O  "O3'" . A   B 1 14 ? -1.220  2.526   13.737  1.00 29.49 ? 37  A   B "O3'" 1 
ATOM   726  C  "C2'" . A   B 1 14 ? -1.918  2.640   11.385  1.00 28.20 ? 37  A   B "C2'" 1 
ATOM   727  O  "O2'" . A   B 1 14 ? -2.883  3.593   11.777  1.00 27.61 ? 37  A   B "O2'" 1 
ATOM   728  C  "C1'" . A   B 1 14 ? -1.176  3.153   10.146  1.00 28.64 ? 37  A   B "C1'" 1 
ATOM   729  N  N9    . A   B 1 14 ? -0.698  2.085   9.265   1.00 29.48 ? 37  A   B N9    1 
ATOM   730  C  C8    . A   B 1 14 ? 0.540   1.495   9.230   1.00 31.06 ? 37  A   B C8    1 
ATOM   731  N  N7    . A   B 1 14 ? 0.654   0.556   8.322   1.00 33.24 ? 37  A   B N7    1 
ATOM   732  C  C5    . A   B 1 14 ? -0.596  0.525   7.719   1.00 31.13 ? 37  A   B C5    1 
ATOM   733  C  C6    . A   B 1 14 ? -1.135  -0.269  6.683   1.00 32.30 ? 37  A   B C6    1 
ATOM   734  N  N6    . A   B 1 14 ? -0.463  -1.230  6.053   1.00 30.65 ? 37  A   B N6    1 
ATOM   735  N  N1    . A   B 1 14 ? -2.412  -0.042  6.322   1.00 30.38 ? 37  A   B N1    1 
ATOM   736  C  C2    . A   B 1 14 ? -3.101  0.898   6.970   1.00 33.15 ? 37  A   B C2    1 
ATOM   737  N  N3    . A   B 1 14 ? -2.716  1.697   7.963   1.00 32.02 ? 37  A   B N3    1 
ATOM   738  C  C4    . A   B 1 14 ? -1.437  1.458   8.292   1.00 30.49 ? 37  A   B C4    1 
ATOM   739  P  P     . C   B 1 15 ? -1.333  1.141   14.548  1.00 31.10 ? 38  C   B P     1 
ATOM   740  O  OP1   . C   B 1 15 ? -1.495  1.469   15.987  1.00 32.69 ? 38  C   B OP1   1 
ATOM   741  O  OP2   . C   B 1 15 ? -0.233  0.245   14.134  1.00 27.40 ? 38  C   B OP2   1 
ATOM   742  O  "O5'" . C   B 1 15 ? -2.700  0.501   14.033  1.00 26.55 ? 38  C   B "O5'" 1 
ATOM   743  C  "C5'" . C   B 1 15 ? -3.936  1.183   14.209  1.00 28.53 ? 38  C   B "C5'" 1 
ATOM   744  C  "C4'" . C   B 1 15 ? -5.008  0.557   13.342  1.00 28.06 ? 38  C   B "C4'" 1 
ATOM   745  O  "O4'" . C   B 1 15 ? -4.726  0.809   11.933  1.00 29.91 ? 38  C   B "O4'" 1 
ATOM   746  C  "C3'" . C   B 1 15 ? -5.113  -0.959  13.393  1.00 28.42 ? 38  C   B "C3'" 1 
ATOM   747  O  "O3'" . C   B 1 15 ? -5.731  -1.445  14.573  1.00 26.83 ? 38  C   B "O3'" 1 
ATOM   748  C  "C2'" . C   B 1 15 ? -5.898  -1.239  12.122  1.00 28.07 ? 38  C   B "C2'" 1 
ATOM   749  O  "O2'" . C   B 1 15 ? -7.269  -0.917  12.207  1.00 27.06 ? 38  C   B "O2'" 1 
ATOM   750  C  "C1'" . C   B 1 15 ? -5.206  -0.282  11.154  1.00 29.86 ? 38  C   B "C1'" 1 
ATOM   751  N  N1    . C   B 1 15 ? -4.067  -0.950  10.510  1.00 29.50 ? 38  C   B N1    1 
ATOM   752  C  C2    . C   B 1 15 ? -4.317  -1.742  9.387   1.00 29.41 ? 38  C   B C2    1 
ATOM   753  O  O2    . C   B 1 15 ? -5.481  -1.828  8.958   1.00 29.46 ? 38  C   B O2    1 
ATOM   754  N  N3    . C   B 1 15 ? -3.295  -2.394  8.796   1.00 29.31 ? 38  C   B N3    1 
ATOM   755  C  C4    . C   B 1 15 ? -2.059  -2.283  9.284   1.00 30.40 ? 38  C   B C4    1 
ATOM   756  N  N4    . C   B 1 15 ? -1.094  -2.964  8.668   1.00 28.67 ? 38  C   B N4    1 
ATOM   757  C  C5    . C   B 1 15 ? -1.767  -1.472  10.426  1.00 28.86 ? 38  C   B C5    1 
ATOM   758  C  C6    . C   B 1 15 ? -2.793  -0.827  11.001  1.00 30.94 ? 38  C   B C6    1 
ATOM   759  P  P     . G   B 1 16 ? -5.387  -2.926  15.097  1.00 30.64 ? 39  G   B P     1 
ATOM   760  O  OP1   . G   B 1 16 ? -6.081  -3.139  16.385  1.00 29.08 ? 39  G   B OP1   1 
ATOM   761  O  OP2   . G   B 1 16 ? -3.909  -3.100  15.020  1.00 31.40 ? 39  G   B OP2   1 
ATOM   762  O  "O5'" . G   B 1 16 ? -6.072  -3.898  14.030  1.00 29.75 ? 39  G   B "O5'" 1 
ATOM   763  C  "C5'" . G   B 1 16 ? -7.466  -3.814  13.764  1.00 28.13 ? 39  G   B "C5'" 1 
ATOM   764  C  "C4'" . G   B 1 16 ? -7.843  -4.728  12.627  1.00 29.52 ? 39  G   B "C4'" 1 
ATOM   765  O  "O4'" . G   B 1 16 ? -7.199  -4.287  11.402  1.00 30.72 ? 39  G   B "O4'" 1 
ATOM   766  C  "C3'" . G   B 1 16 ? -7.402  -6.177  12.743  1.00 30.29 ? 39  G   B "C3'" 1 
ATOM   767  O  "O3'" . G   B 1 16 ? -8.250  -6.930  13.598  1.00 32.19 ? 39  G   B "O3'" 1 
ATOM   768  C  "C2'" . G   B 1 16 ? -7.494  -6.635  11.296  1.00 29.89 ? 39  G   B "C2'" 1 
ATOM   769  O  "O2'" . G   B 1 16 ? -8.814  -6.892  10.872  1.00 27.55 ? 39  G   B "O2'" 1 
ATOM   770  C  "C1'" . G   B 1 16 ? -6.947  -5.407  10.568  1.00 29.41 ? 39  G   B "C1'" 1 
ATOM   771  N  N9    . G   B 1 16 ? -5.510  -5.496  10.339  1.00 27.62 ? 39  G   B N9    1 
ATOM   772  C  C8    . G   B 1 16 ? -4.513  -4.871  11.047  1.00 28.75 ? 39  G   B C8    1 
ATOM   773  N  N7    . G   B 1 16 ? -3.320  -5.135  10.591  1.00 30.45 ? 39  G   B N7    1 
ATOM   774  C  C5    . G   B 1 16 ? -3.543  -5.989  9.519   1.00 27.04 ? 39  G   B C5    1 
ATOM   775  C  C6    . G   B 1 16 ? -2.625  -6.603  8.624   1.00 27.56 ? 39  G   B C6    1 
ATOM   776  O  O6    . G   B 1 16 ? -1.401  -6.502  8.596   1.00 28.22 ? 39  G   B O6    1 
ATOM   777  N  N1    . G   B 1 16 ? -3.279  -7.399  7.684   1.00 25.69 ? 39  G   B N1    1 
ATOM   778  C  C2    . G   B 1 16 ? -4.640  -7.574  7.614   1.00 25.10 ? 39  G   B C2    1 
ATOM   779  N  N2    . G   B 1 16 ? -5.083  -8.373  6.637   1.00 25.91 ? 39  G   B N2    1 
ATOM   780  N  N3    . G   B 1 16 ? -5.503  -7.005  8.439   1.00 24.17 ? 39  G   B N3    1 
ATOM   781  C  C4    . G   B 1 16 ? -4.889  -6.231  9.357   1.00 27.53 ? 39  G   B C4    1 
ATOM   782  P  P     . A   B 1 17 ? -7.658  -8.197  14.387  1.00 30.99 ? 40  A   B P     1 
ATOM   783  O  OP1   . A   B 1 17 ? -8.712  -8.683  15.319  1.00 35.29 ? 40  A   B OP1   1 
ATOM   784  O  OP2   . A   B 1 17 ? -6.316  -7.854  14.920  1.00 35.92 ? 40  A   B OP2   1 
ATOM   785  O  "O5'" . A   B 1 17 ? -7.450  -9.308  13.265  1.00 34.12 ? 40  A   B "O5'" 1 
ATOM   786  C  "C5'" . A   B 1 17 ? -8.531  -9.754  12.455  1.00 30.62 ? 40  A   B "C5'" 1 
ATOM   787  C  "C4'" . A   B 1 17 ? -8.025  -10.684 11.381  1.00 29.72 ? 40  A   B "C4'" 1 
ATOM   788  O  "O4'" . A   B 1 17 ? -7.192  -9.961  10.431  1.00 29.20 ? 40  A   B "O4'" 1 
ATOM   789  C  "C3'" . A   B 1 17 ? -7.134  -11.815 11.862  1.00 28.64 ? 40  A   B "C3'" 1 
ATOM   790  O  "O3'" . A   B 1 17 ? -7.912  -12.900 12.366  1.00 28.83 ? 40  A   B "O3'" 1 
ATOM   791  C  "C2'" . A   B 1 17 ? -6.403  -12.200 10.581  1.00 27.86 ? 40  A   B "C2'" 1 
ATOM   792  O  "O2'" . A   B 1 17 ? -7.186  -13.031 9.745   1.00 26.23 ? 40  A   B "O2'" 1 
ATOM   793  C  "C1'" . A   B 1 17 ? -6.191  -10.833 9.918   1.00 27.55 ? 40  A   B "C1'" 1 
ATOM   794  N  N9    . A   B 1 17 ? -4.877  -10.264 10.212  1.00 27.53 ? 40  A   B N9    1 
ATOM   795  C  C8    . A   B 1 17 ? -4.512  -9.551  11.324  1.00 27.59 ? 40  A   B C8    1 
ATOM   796  N  N7    . A   B 1 17 ? -3.253  -9.183  11.327  1.00 27.23 ? 40  A   B N7    1 
ATOM   797  C  C5    . A   B 1 17 ? -2.754  -9.680  10.135  1.00 26.32 ? 40  A   B C5    1 
ATOM   798  C  C6    . A   B 1 17 ? -1.470  -9.626  9.547   1.00 28.36 ? 40  A   B C6    1 
ATOM   799  N  N6    . A   B 1 17 ? -0.431  -8.997  10.092  1.00 27.70 ? 40  A   B N6    1 
ATOM   800  N  N1    . A   B 1 17 ? -1.297  -10.241 8.361   1.00 26.23 ? 40  A   B N1    1 
ATOM   801  C  C2    . A   B 1 17 ? -2.351  -10.851 7.803   1.00 29.70 ? 40  A   B C2    1 
ATOM   802  N  N3    . A   B 1 17 ? -3.604  -10.958 8.248   1.00 27.75 ? 40  A   B N3    1 
ATOM   803  C  C4    . A   B 1 17 ? -3.741  -10.348 9.436   1.00 28.43 ? 40  A   B C4    1 
ATOM   804  P  P     . A   B 1 18 ? -7.506  -13.592 13.763  1.00 31.93 ? 41  A   B P     1 
ATOM   805  O  OP1   . A   B 1 18 ? -7.728  -12.604 14.850  1.00 33.19 ? 41  A   B OP1   1 
ATOM   806  O  OP2   . A   B 1 18 ? -6.167  -14.212 13.604  1.00 31.74 ? 41  A   B OP2   1 
ATOM   807  O  "O5'" . A   B 1 18 ? -8.576  -14.760 13.942  1.00 28.79 ? 41  A   B "O5'" 1 
ATOM   808  C  "C5'" . A   B 1 18 ? -8.173  -16.120 14.024  1.00 27.16 ? 41  A   B "C5'" 1 
ATOM   809  C  "C4'" . A   B 1 18 ? -8.611  -16.859 12.784  1.00 29.13 ? 41  A   B "C4'" 1 
ATOM   810  O  "O4'" . A   B 1 18 ? -10.040 -16.685 12.650  1.00 26.20 ? 41  A   B "O4'" 1 
ATOM   811  C  "C3'" . A   B 1 18 ? -8.032  -16.334 11.478  1.00 28.26 ? 41  A   B "C3'" 1 
ATOM   812  O  "O3'" . A   B 1 18 ? -6.797  -16.992 11.186  1.00 31.75 ? 41  A   B "O3'" 1 
ATOM   813  C  "C2'" . A   B 1 18 ? -9.102  -16.708 10.456  1.00 29.93 ? 41  A   B "C2'" 1 
ATOM   814  O  "O2'" . A   B 1 18 ? -8.917  -18.002 9.915   1.00 30.43 ? 41  A   B "O2'" 1 
ATOM   815  C  "C1'" . A   B 1 18 ? -10.392 -16.644 11.285  1.00 30.13 ? 41  A   B "C1'" 1 
ATOM   816  N  N9    . A   B 1 18 ? -11.216 -15.454 11.076  1.00 33.08 ? 41  A   B N9    1 
ATOM   817  C  C8    . A   B 1 18 ? -10.806 -14.155 10.913  1.00 34.28 ? 41  A   B C8    1 
ATOM   818  N  N7    . A   B 1 18 ? -11.795 -13.300 10.774  1.00 33.88 ? 41  A   B N7    1 
ATOM   819  C  C5    . A   B 1 18 ? -12.929 -14.090 10.845  1.00 32.41 ? 41  A   B C5    1 
ATOM   820  C  C6    . A   B 1 18 ? -14.294 -13.782 10.771  1.00 31.75 ? 41  A   B C6    1 
ATOM   821  N  N6    . A   B 1 18 ? -14.758 -12.544 10.630  1.00 30.51 ? 41  A   B N6    1 
ATOM   822  N  N1    . A   B 1 18 ? -15.175 -14.798 10.856  1.00 31.57 ? 41  A   B N1    1 
ATOM   823  C  C2    . A   B 1 18 ? -14.703 -16.038 11.022  1.00 32.84 ? 41  A   B C2    1 
ATOM   824  N  N3    . A   B 1 18 ? -13.439 -16.456 11.123  1.00 32.71 ? 41  A   B N3    1 
ATOM   825  C  C4    . A   B 1 18 ? -12.592 -15.420 11.021  1.00 33.30 ? 41  A   B C4    1 
ATOM   826  P  P     . G   B 1 19 ? -5.637  -16.209 10.375  1.00 32.14 ? 42  G   B P     1 
ATOM   827  O  OP1   . G   B 1 19 ? -4.616  -15.780 11.358  1.00 33.98 ? 42  G   B OP1   1 
ATOM   828  O  OP2   . G   B 1 19 ? -6.239  -15.210 9.463   1.00 31.83 ? 42  G   B OP2   1 
ATOM   829  O  "O5'" . G   B 1 19 ? -4.971  -17.331 9.465   1.00 31.78 ? 42  G   B "O5'" 1 
ATOM   830  C  "C5'" . G   B 1 19 ? -5.557  -17.727 8.230   1.00 34.27 ? 42  G   B "C5'" 1 
ATOM   831  C  "C4'" . G   B 1 19 ? -4.500  -17.767 7.151   1.00 33.95 ? 42  G   B "C4'" 1 
ATOM   832  O  "O4'" . G   B 1 19 ? -4.230  -16.426 6.664   1.00 33.24 ? 42  G   B "O4'" 1 
ATOM   833  C  "C3'" . G   B 1 19 ? -3.147  -18.275 7.630   1.00 35.23 ? 42  G   B "C3'" 1 
ATOM   834  O  "O3'" . G   B 1 19 ? -3.057  -19.681 7.602   1.00 38.51 ? 42  G   B "O3'" 1 
ATOM   835  C  "C2'" . G   B 1 19 ? -2.187  -17.626 6.652   1.00 32.98 ? 42  G   B "C2'" 1 
ATOM   836  O  "O2'" . G   B 1 19 ? -2.133  -18.291 5.409   1.00 31.58 ? 42  G   B "O2'" 1 
ATOM   837  C  "C1'" . G   B 1 19 ? -2.825  -16.245 6.510   1.00 33.55 ? 42  G   B "C1'" 1 
ATOM   838  N  N9    . G   B 1 19 ? -2.355  -15.327 7.545   1.00 33.86 ? 42  G   B N9    1 
ATOM   839  C  C8    . G   B 1 19 ? -3.111  -14.683 8.491   1.00 34.20 ? 42  G   B C8    1 
ATOM   840  N  N7    . G   B 1 19 ? -2.404  -13.918 9.280   1.00 33.61 ? 42  G   B N7    1 
ATOM   841  C  C5    . G   B 1 19 ? -1.100  -14.064 8.827   1.00 33.90 ? 42  G   B C5    1 
ATOM   842  C  C6    . G   B 1 19 ? 0.110   -13.465 9.287   1.00 32.35 ? 42  G   B C6    1 
ATOM   843  O  O6    . G   B 1 19 ? 0.267   -12.646 10.199  1.00 31.93 ? 42  G   B O6    1 
ATOM   844  N  N1    . G   B 1 19 ? 1.209   -13.899 8.550   1.00 31.87 ? 42  G   B N1    1 
ATOM   845  C  C2    . G   B 1 19 ? 1.154   -14.779 7.494   1.00 35.19 ? 42  G   B C2    1 
ATOM   846  N  N2    . G   B 1 19 ? 2.319   -15.059 6.894   1.00 34.56 ? 42  G   B N2    1 
ATOM   847  N  N3    . G   B 1 19 ? 0.033   -15.340 7.053   1.00 36.22 ? 42  G   B N3    1 
ATOM   848  C  C4    . G   B 1 19 ? -1.049  -14.937 7.761   1.00 35.56 ? 42  G   B C4    1 
ATOM   849  P  P     . U   B 1 20 ? -2.119  -20.421 8.669   1.00 43.06 ? 43  U   B P     1 
ATOM   850  O  OP1   . U   B 1 20 ? -2.375  -21.877 8.519   1.00 43.31 ? 43  U   B OP1   1 
ATOM   851  O  OP2   . U   B 1 20 ? -2.291  -19.774 9.994   1.00 41.63 ? 43  U   B OP2   1 
ATOM   852  O  "O5'" . U   B 1 20 ? -0.648  -20.077 8.165   1.00 44.24 ? 43  U   B "O5'" 1 
ATOM   853  C  "C5'" . U   B 1 20 ? -0.204  -20.485 6.875   1.00 44.80 ? 43  U   B "C5'" 1 
ATOM   854  C  "C4'" . U   B 1 20 ? 1.287   -20.305 6.765   1.00 46.15 ? 43  U   B "C4'" 1 
ATOM   855  O  "O4'" . U   B 1 20 ? 1.611   -18.886 6.776   1.00 44.84 ? 43  U   B "O4'" 1 
ATOM   856  C  "C3'" . U   B 1 20 ? 2.088   -20.880 7.923   1.00 47.10 ? 43  U   B "C3'" 1 
ATOM   857  O  "O3'" . U   B 1 20 ? 2.316   -22.273 7.749   1.00 50.44 ? 43  U   B "O3'" 1 
ATOM   858  C  "C2'" . U   B 1 20 ? 3.371   -20.063 7.852   1.00 46.16 ? 43  U   B "C2'" 1 
ATOM   859  O  "O2'" . U   B 1 20 ? 4.261   -20.498 6.840   1.00 43.75 ? 43  U   B "O2'" 1 
ATOM   860  C  "C1'" . U   B 1 20 ? 2.818   -18.681 7.495   1.00 45.17 ? 43  U   B "C1'" 1 
ATOM   861  N  N1    . U   B 1 20 ? 2.536   -17.834 8.662   1.00 43.27 ? 43  U   B N1    1 
ATOM   862  C  C2    . U   B 1 20 ? 3.615   -17.237 9.289   1.00 42.83 ? 43  U   B C2    1 
ATOM   863  O  O2    . U   B 1 20 ? 4.769   -17.425 8.937   1.00 42.06 ? 43  U   B O2    1 
ATOM   864  N  N3    . U   B 1 20 ? 3.297   -16.420 10.344  1.00 41.03 ? 43  U   B N3    1 
ATOM   865  C  C4    . U   B 1 20 ? 2.034   -16.149 10.832  1.00 42.94 ? 43  U   B C4    1 
ATOM   866  O  O4    . U   B 1 20 ? 1.901   -15.350 11.763  1.00 41.94 ? 43  U   B O4    1 
ATOM   867  C  C5    . U   B 1 20 ? 0.970   -16.826 10.145  1.00 42.84 ? 43  U   B C5    1 
ATOM   868  C  C6    . U   B 1 20 ? 1.252   -17.626 9.109   1.00 42.49 ? 43  U   B C6    1 
ATOM   869  P  P     . C   B 1 21 ? 2.393   -23.234 9.035   1.00 53.28 ? 44  C   B P     1 
ATOM   870  O  OP1   . C   B 1 21 ? 2.403   -24.629 8.526   1.00 52.99 ? 44  C   B OP1   1 
ATOM   871  O  OP2   . C   B 1 21 ? 1.337   -22.810 9.996   1.00 53.72 ? 44  C   B OP2   1 
ATOM   872  O  "O5'" . C   B 1 21 ? 3.820   -22.906 9.671   1.00 53.09 ? 44  C   B "O5'" 1 
ATOM   873  C  "C5'" . C   B 1 21 ? 5.017   -23.199 8.957   1.00 50.70 ? 44  C   B "C5'" 1 
ATOM   874  C  "C4'" . C   B 1 21 ? 6.189   -22.470 9.571   1.00 50.21 ? 44  C   B "C4'" 1 
ATOM   875  O  "O4'" . C   B 1 21 ? 6.039   -21.031 9.406   1.00 48.20 ? 44  C   B "O4'" 1 
ATOM   876  C  "C3'" . C   B 1 21 ? 6.385   -22.624 11.070  1.00 51.14 ? 44  C   B "C3'" 1 
ATOM   877  O  "O3'" . C   B 1 21 ? 6.964   -23.868 11.437  1.00 52.11 ? 44  C   B "O3'" 1 
ATOM   878  C  "C2'" . C   B 1 21 ? 7.298   -21.444 11.364  1.00 50.43 ? 44  C   B "C2'" 1 
ATOM   879  O  "O2'" . C   B 1 21 ? 8.636   -21.647 10.941  1.00 49.59 ? 44  C   B "O2'" 1 
ATOM   880  C  "C1'" . C   B 1 21 ? 6.618   -20.363 10.523  1.00 49.31 ? 44  C   B "C1'" 1 
ATOM   881  N  N1    . C   B 1 21 ? 5.545   -19.718 11.290  1.00 48.28 ? 44  C   B N1    1 
ATOM   882  C  C2    . C   B 1 21 ? 5.886   -18.703 12.184  1.00 48.71 ? 44  C   B C2    1 
ATOM   883  O  O2    . C   B 1 21 ? 7.073   -18.368 12.276  1.00 47.68 ? 44  C   B O2    1 
ATOM   884  N  N3    . C   B 1 21 ? 4.918   -18.118 12.923  1.00 49.27 ? 44  C   B N3    1 
ATOM   885  C  C4    . C   B 1 21 ? 3.647   -18.518 12.792  1.00 49.65 ? 44  C   B C4    1 
ATOM   886  N  N4    . C   B 1 21 ? 2.721   -17.927 13.556  1.00 47.43 ? 44  C   B N4    1 
ATOM   887  C  C5    . C   B 1 21 ? 3.270   -19.545 11.875  1.00 48.59 ? 44  C   B C5    1 
ATOM   888  C  C6    . C   B 1 21 ? 4.240   -20.110 11.151  1.00 48.06 ? 44  C   B C6    1 
ATOM   889  P  P     . G   B 1 22 ? 6.598   -24.515 12.864  1.00 55.77 ? 45  G   B P     1 
ATOM   890  O  OP1   . G   B 1 22 ? 7.225   -25.861 12.911  1.00 55.38 ? 45  G   B OP1   1 
ATOM   891  O  OP2   . G   B 1 22 ? 5.130   -24.381 13.071  1.00 54.40 ? 45  G   B OP2   1 
ATOM   892  O  "O5'" . G   B 1 22 ? 7.337   -23.578 13.923  1.00 55.85 ? 45  G   B "O5'" 1 
ATOM   893  C  "C5'" . G   B 1 22 ? 8.762   -23.550 13.996  1.00 57.56 ? 45  G   B "C5'" 1 
ATOM   894  C  "C4'" . G   B 1 22 ? 9.227   -22.531 15.013  1.00 58.47 ? 45  G   B "C4'" 1 
ATOM   895  O  "O4'" . G   B 1 22 ? 8.875   -21.186 14.584  1.00 58.08 ? 45  G   B "O4'" 1 
ATOM   896  C  "C3'" . G   B 1 22 ? 8.669   -22.645 16.425  1.00 59.29 ? 45  G   B "C3'" 1 
ATOM   897  O  "O3'" . G   B 1 22 ? 9.404   -23.599 17.191  1.00 60.74 ? 45  G   B "O3'" 1 
ATOM   898  C  "C2'" . G   B 1 22 ? 8.887   -21.233 16.949  1.00 58.70 ? 45  G   B "C2'" 1 
ATOM   899  O  "O2'" . G   B 1 22 ? 10.218  -20.980 17.349  1.00 58.98 ? 45  G   B "O2'" 1 
ATOM   900  C  "C1'" . G   B 1 22 ? 8.527   -20.405 15.714  1.00 58.45 ? 45  G   B "C1'" 1 
ATOM   901  N  N9    . G   B 1 22 ? 7.095   -20.142 15.663  1.00 58.69 ? 45  G   B N9    1 
ATOM   902  C  C8    . G   B 1 22 ? 6.165   -20.727 14.836  1.00 59.00 ? 45  G   B C8    1 
ATOM   903  N  N7    . G   B 1 22 ? 4.950   -20.300 15.048  1.00 59.71 ? 45  G   B N7    1 
ATOM   904  C  C5    . G   B 1 22 ? 5.087   -19.372 16.072  1.00 59.65 ? 45  G   B C5    1 
ATOM   905  C  C6    . G   B 1 22 ? 4.113   -18.572 16.730  1.00 59.44 ? 45  G   B C6    1 
ATOM   906  O  O6    . G   B 1 22 ? 2.893   -18.519 16.530  1.00 60.26 ? 45  G   B O6    1 
ATOM   907  N  N1    . G   B 1 22 ? 4.687   -17.770 17.710  1.00 60.02 ? 45  G   B N1    1 
ATOM   908  C  C2    . G   B 1 22 ? 6.028   -17.732 18.014  1.00 59.79 ? 45  G   B C2    1 
ATOM   909  N  N2    . G   B 1 22 ? 6.392   -16.884 18.985  1.00 59.28 ? 45  G   B N2    1 
ATOM   910  N  N3    . G   B 1 22 ? 6.944   -18.469 17.410  1.00 59.58 ? 45  G   B N3    1 
ATOM   911  C  C4    . G   B 1 22 ? 6.407   -19.260 16.457  1.00 59.20 ? 45  G   B C4    1 
ATOM   912  P  P     . C   B 1 23 ? 8.683   -24.383 18.403  1.00 61.33 ? 46  C   B P     1 
ATOM   913  O  OP1   . C   B 1 23 ? 9.626   -25.446 18.843  1.00 62.19 ? 46  C   B OP1   1 
ATOM   914  O  OP2   . C   B 1 23 ? 7.306   -24.748 17.988  1.00 60.81 ? 46  C   B OP2   1 
ATOM   915  O  "O5'" . C   B 1 23 ? 8.580   -23.300 19.566  1.00 60.69 ? 46  C   B "O5'" 1 
ATOM   916  C  "C5'" . C   B 1 23 ? 9.729   -22.579 19.991  1.00 61.05 ? 46  C   B "C5'" 1 
ATOM   917  C  "C4'" . C   B 1 23 ? 9.320   -21.399 20.836  1.00 61.67 ? 46  C   B "C4'" 1 
ATOM   918  O  "O4'" . C   B 1 23 ? 8.518   -20.481 20.047  1.00 60.81 ? 46  C   B "O4'" 1 
ATOM   919  C  "C3'" . C   B 1 23 ? 8.416   -21.706 22.018  1.00 61.23 ? 46  C   B "C3'" 1 
ATOM   920  O  "O3'" . C   B 1 23 ? 8.988   -22.418 23.116  1.00 62.46 ? 46  C   B "O3'" 1 
ATOM   921  C  "C2'" . C   B 1 23 ? 7.836   -20.332 22.320  1.00 61.20 ? 46  C   B "C2'" 1 
ATOM   922  O  "O2'" . C   B 1 23 ? 8.728   -19.491 23.020  1.00 61.21 ? 46  C   B "O2'" 1 
ATOM   923  C  "C1'" . C   B 1 23 ? 7.611   -19.795 20.902  1.00 60.85 ? 46  C   B "C1'" 1 
ATOM   924  N  N1    . C   B 1 23 ? 6.240   -20.041 20.430  1.00 59.83 ? 46  C   B N1    1 
ATOM   925  C  C2    . C   B 1 23 ? 5.220   -19.200 20.885  1.00 59.76 ? 46  C   B C2    1 
ATOM   926  O  O2    . C   B 1 23 ? 5.514   -18.258 21.636  1.00 59.48 ? 46  C   B O2    1 
ATOM   927  N  N3    . C   B 1 23 ? 3.944   -19.434 20.493  1.00 58.95 ? 46  C   B N3    1 
ATOM   928  C  C4    . C   B 1 23 ? 3.673   -20.455 19.676  1.00 58.74 ? 46  C   B C4    1 
ATOM   929  N  N4    . C   B 1 23 ? 2.396   -20.660 19.330  1.00 58.36 ? 46  C   B N4    1 
ATOM   930  C  C5    . C   B 1 23 ? 4.699   -21.315 19.181  1.00 58.73 ? 46  C   B C5    1 
ATOM   931  C  C6    . C   B 1 23 ? 5.956   -21.073 19.579  1.00 59.17 ? 46  C   B C6    1 
HETATM 932  CA CA    . CA  C 2 .  ? 3.888   9.825   -15.616 1.00 44.72 2 101 CA  A CA    1 
HETATM 933  NA NA    . NA  D 3 .  ? -5.982  -11.237 3.310   1.00 38.41 1 102 NA  A NA    1 
HETATM 934  CA CA    . CA  E 2 .  ? -3.912  -15.011 13.202  1.00 34.50 2 101 CA  B CA    1 
HETATM 935  NA NA    . NA  F 3 .  ? 6.479   0.742   -10.222 1.00 35.73 1 102 NA  B NA    1 
HETATM 936  O  O     . HOH G 4 .  ? 2.646   14.532  3.007   1.00 39.34 ? 201 HOH A O     1 
HETATM 937  O  O     . HOH G 4 .  ? 7.344   3.769   -14.949 1.00 37.72 ? 202 HOH A O     1 
HETATM 938  O  O     . HOH G 4 .  ? 4.250   10.122  2.768   1.00 35.22 ? 203 HOH A O     1 
HETATM 939  O  O     . HOH G 4 .  ? 5.547   3.553   -11.892 1.00 40.02 ? 204 HOH A O     1 
HETATM 940  O  O     . HOH G 4 .  ? 4.350   7.998   -20.242 1.00 28.62 ? 205 HOH A O     1 
HETATM 941  O  O     . HOH G 4 .  ? 17.189  8.396   -12.180 1.00 49.58 ? 206 HOH A O     1 
HETATM 942  O  O     . HOH G 4 .  ? 10.718  10.950  -7.946  1.00 30.62 ? 207 HOH A O     1 
HETATM 943  O  O     . HOH G 4 .  ? 8.548   9.431   -2.388  1.00 44.08 ? 208 HOH A O     1 
HETATM 944  O  O     . HOH G 4 .  ? -10.108 6.291   4.627   1.00 34.69 ? 209 HOH A O     1 
HETATM 945  O  O     . HOH G 4 .  ? 12.009  8.377   -11.187 1.00 34.64 ? 210 HOH A O     1 
HETATM 946  O  O     . HOH G 4 .  ? 1.779   17.088  1.768   1.00 46.12 ? 211 HOH A O     1 
HETATM 947  O  O     . HOH G 4 .  ? -5.039  12.048  4.929   1.00 38.63 ? 212 HOH A O     1 
HETATM 948  O  O     . HOH G 4 .  ? 5.798   -4.360  19.445  1.00 60.62 ? 213 HOH A O     1 
HETATM 949  O  O     . HOH G 4 .  ? 8.032   2.781   -8.640  1.00 31.81 ? 214 HOH A O     1 
HETATM 950  O  O     . HOH G 4 .  ? -0.930  -17.893 17.355  1.00 66.61 ? 215 HOH A O     1 
HETATM 951  O  O     . HOH G 4 .  ? 7.475   15.970  -11.643 1.00 46.16 ? 216 HOH A O     1 
HETATM 952  O  O     . HOH G 4 .  ? -2.149  -15.106 28.257  1.00 46.64 ? 217 HOH A O     1 
HETATM 953  O  O     . HOH G 4 .  ? -7.851  -7.091  -4.318  1.00 56.71 ? 218 HOH A O     1 
HETATM 954  O  O     . HOH G 4 .  ? -9.564  -3.791  8.079   1.00 44.58 ? 219 HOH A O     1 
HETATM 955  O  O     . HOH G 4 .  ? -13.582 11.613  -23.581 1.00 52.10 ? 220 HOH A O     1 
HETATM 956  O  O     . HOH G 4 .  ? -6.110  14.952  -21.222 1.00 49.67 ? 221 HOH A O     1 
HETATM 957  O  O     . HOH G 4 .  ? -3.694  -7.546  23.616  1.00 44.28 ? 222 HOH A O     1 
HETATM 958  O  O     . HOH G 4 .  ? 8.763   4.732   -9.942  1.00 36.44 ? 223 HOH A O     1 
HETATM 959  O  O     . HOH G 4 .  ? -8.282  -4.424  -5.760  1.00 68.97 ? 224 HOH A O     1 
HETATM 960  O  O     . HOH G 4 .  ? 1.393   7.172   -24.105 1.00 61.38 ? 225 HOH A O     1 
HETATM 961  O  O     . HOH G 4 .  ? 7.521   -5.075  12.556  1.00 36.03 ? 226 HOH A O     1 
HETATM 962  O  O     . HOH G 4 .  ? -4.235  -16.394 26.771  1.00 44.51 ? 227 HOH A O     1 
HETATM 963  O  O     . HOH G 4 .  ? -5.901  6.608   -25.916 1.00 48.25 ? 228 HOH A O     1 
HETATM 964  O  O     . HOH G 4 .  ? -8.220  12.410  -26.772 1.00 47.67 ? 229 HOH A O     1 
HETATM 965  O  O     . HOH G 4 .  ? 13.136  12.626  -14.813 1.00 46.29 ? 230 HOH A O     1 
HETATM 966  O  O     . HOH G 4 .  ? 3.298   -11.719 -6.022  1.00 54.12 ? 231 HOH A O     1 
HETATM 967  O  O     . HOH G 4 .  ? 4.389   -2.569  17.135  1.00 62.79 ? 232 HOH A O     1 
HETATM 968  O  O     . HOH G 4 .  ? -1.853  8.472   -4.017  1.00 38.11 ? 233 HOH A O     1 
HETATM 969  O  O     . HOH G 4 .  ? -2.130  2.769   -23.434 1.00 54.87 ? 234 HOH A O     1 
HETATM 970  O  O     . HOH G 4 .  ? -2.170  -0.644  -0.217  1.00 30.95 ? 235 HOH A O     1 
HETATM 971  O  O     . HOH G 4 .  ? 2.848   -6.012  5.668   1.00 36.97 ? 236 HOH A O     1 
HETATM 972  O  O     . HOH G 4 .  ? 0.652   9.338   -12.222 1.00 31.81 ? 237 HOH A O     1 
HETATM 973  O  O     . HOH G 4 .  ? 0.759   -4.170  4.712   1.00 38.94 ? 238 HOH A O     1 
HETATM 974  O  O     . HOH G 4 .  ? -2.579  1.323   -2.710  1.00 46.07 ? 239 HOH A O     1 
HETATM 975  O  O     . HOH G 4 .  ? 0.500   -3.220  2.357   1.00 35.95 ? 240 HOH A O     1 
HETATM 976  O  O     . HOH G 4 .  ? -0.836  7.345   -25.232 1.00 49.86 ? 241 HOH A O     1 
HETATM 977  O  O     . HOH G 4 .  ? -4.707  2.095   -1.157  1.00 49.64 ? 242 HOH A O     1 
HETATM 978  O  O     . HOH G 4 .  ? 8.170   6.512   -7.097  1.00 38.23 ? 243 HOH A O     1 
HETATM 979  O  O     . HOH G 4 .  ? -0.050  -5.352  18.330  1.00 62.72 ? 244 HOH A O     1 
HETATM 980  O  O     . HOH G 4 .  ? 8.306   -12.709 21.522  1.00 50.47 ? 245 HOH A O     1 
HETATM 981  O  O     . HOH G 4 .  ? 10.237  -16.081 17.753  1.00 67.48 ? 246 HOH A O     1 
HETATM 982  O  O     . HOH G 4 .  ? 1.321   -4.630  22.102  1.00 53.91 ? 247 HOH A O     1 
HETATM 983  O  O     . HOH G 4 .  ? 0.718   12.406  -10.880 1.00 51.00 ? 248 HOH A O     1 
HETATM 984  O  O     . HOH G 4 .  ? 2.209   13.461  -7.226  1.00 54.10 ? 249 HOH A O     1 
HETATM 985  O  O     . HOH G 4 .  ? -2.867  15.191  -17.857 1.00 48.39 ? 250 HOH A O     1 
HETATM 986  O  O     . HOH G 4 .  ? -6.489  -3.187  -4.227  1.00 60.41 ? 251 HOH A O     1 
HETATM 987  O  O     . HOH G 4 .  ? 3.131   8.426   -13.755 1.00 38.58 ? 252 HOH A O     1 
HETATM 988  O  O     . HOH G 4 .  ? 4.041   11.855  -16.947 1.00 39.17 ? 253 HOH A O     1 
HETATM 989  O  O     . HOH G 4 .  ? -3.620  8.329   -25.310 1.00 51.37 ? 254 HOH A O     1 
HETATM 990  O  O     . HOH G 4 .  ? -1.330  4.073   -27.403 1.00 58.07 ? 255 HOH A O     1 
HETATM 991  O  O     . HOH G 4 .  ? 10.451  13.150  -12.748 1.00 60.53 ? 256 HOH A O     1 
HETATM 992  O  O     . HOH G 4 .  ? 18.361  9.561   -9.133  1.00 54.72 ? 257 HOH A O     1 
HETATM 993  O  O     . HOH G 4 .  ? 16.491  8.362   -7.581  1.00 47.98 ? 258 HOH A O     1 
HETATM 994  O  O     . HOH G 4 .  ? -4.311  12.568  -19.911 1.00 45.70 ? 259 HOH A O     1 
HETATM 995  O  O     . HOH G 4 .  ? 8.354   -6.639  7.473   1.00 53.47 ? 260 HOH A O     1 
HETATM 996  O  O     . HOH G 4 .  ? 10.947  -12.840 21.610  1.00 58.98 ? 261 HOH A O     1 
HETATM 997  O  O     . HOH H 4 .  ? 10.690  -25.147 21.076  1.00 55.00 ? 201 HOH B O     1 
HETATM 998  O  O     . HOH H 4 .  ? -2.258  -17.309 10.887  1.00 38.84 ? 202 HOH B O     1 
HETATM 999  O  O     . HOH H 4 .  ? -5.047  3.603   10.139  1.00 44.03 ? 203 HOH B O     1 
HETATM 1000 O  O     . HOH H 4 .  ? -6.987  -14.842 6.860   1.00 36.86 ? 204 HOH B O     1 
HETATM 1001 O  O     . HOH H 4 .  ? -8.969  -1.394  10.093  1.00 40.11 ? 205 HOH B O     1 
HETATM 1002 O  O     . HOH H 4 .  ? -12.012 -10.553 10.704  1.00 38.16 ? 206 HOH B O     1 
HETATM 1003 O  O     . HOH H 4 .  ? -5.571  -12.084 6.549   1.00 39.52 ? 207 HOH B O     1 
HETATM 1004 O  O     . HOH H 4 .  ? -3.360  4.870   14.273  1.00 40.84 ? 208 HOH B O     1 
HETATM 1005 O  O     . HOH H 4 .  ? 9.532   0.729   -7.730  1.00 34.77 ? 209 HOH B O     1 
HETATM 1006 O  O     . HOH H 4 .  ? 12.218  -24.417 17.331  1.00 54.32 ? 210 HOH B O     1 
HETATM 1007 O  O     . HOH H 4 .  ? -17.522 -11.476 10.621  1.00 60.00 ? 211 HOH B O     1 
HETATM 1008 O  O     . HOH H 4 .  ? -5.905  13.803  -2.791  1.00 58.90 ? 212 HOH B O     1 
HETATM 1009 O  O     . HOH H 4 .  ? 7.423   7.622   0.481   1.00 59.29 ? 213 HOH B O     1 
HETATM 1010 O  O     . HOH H 4 .  ? 13.535  0.510   2.235   1.00 57.45 ? 214 HOH B O     1 
HETATM 1011 O  O     . HOH H 4 .  ? 11.445  3.364   8.972   1.00 63.26 ? 215 HOH B O     1 
HETATM 1012 O  O     . HOH H 4 .  ? 7.599   -25.859 21.238  1.00 47.48 ? 216 HOH B O     1 
HETATM 1013 O  O     . HOH H 4 .  ? -11.328 -6.644  12.867  1.00 43.97 ? 217 HOH B O     1 
HETATM 1014 O  O     . HOH H 4 .  ? 2.537   23.173  -7.989  1.00 52.20 ? 218 HOH B O     1 
HETATM 1015 O  O     . HOH H 4 .  ? -7.835  -9.588  18.799  1.00 56.51 ? 219 HOH B O     1 
HETATM 1016 O  O     . HOH H 4 .  ? -10.897 -9.174  18.313  1.00 51.30 ? 220 HOH B O     1 
HETATM 1017 O  O     . HOH H 4 .  ? 7.504   -0.248  11.976  1.00 72.85 ? 221 HOH B O     1 
HETATM 1018 O  O     . HOH H 4 .  ? 8.381   -5.889  -5.032  1.00 51.77 ? 222 HOH B O     1 
HETATM 1019 O  O     . HOH H 4 .  ? -13.043 -13.327 14.729  1.00 53.67 ? 223 HOH B O     1 
HETATM 1020 O  O     . HOH H 4 .  ? -2.965  -9.246  -9.604  1.00 41.56 ? 224 HOH B O     1 
HETATM 1021 O  O     . HOH H 4 .  ? 12.673  -17.112 19.665  1.00 50.11 ? 225 HOH B O     1 
HETATM 1022 O  O     . HOH H 4 .  ? 12.418  2.757   11.724  1.00 50.53 ? 226 HOH B O     1 
HETATM 1023 O  O     . HOH H 4 .  ? -1.566  20.659  -1.447  1.00 57.04 ? 227 HOH B O     1 
HETATM 1024 O  O     . HOH H 4 .  ? 1.817   -3.029  10.004  1.00 41.25 ? 228 HOH B O     1 
HETATM 1025 O  O     . HOH H 4 .  ? -0.515  3.231   -3.282  1.00 51.00 ? 229 HOH B O     1 
HETATM 1026 O  O     . HOH H 4 .  ? -2.319  3.000   -5.699  1.00 36.68 ? 230 HOH B O     1 
HETATM 1027 O  O     . HOH H 4 .  ? 0.087   0.625   -2.267  1.00 45.45 ? 231 HOH B O     1 
HETATM 1028 O  O     . HOH H 4 .  ? 0.394   17.995  -11.658 1.00 48.17 ? 232 HOH B O     1 
HETATM 1029 O  O     . HOH H 4 .  ? 3.050   -0.675  8.300   1.00 46.14 ? 233 HOH B O     1 
HETATM 1030 O  O     . HOH H 4 .  ? 2.999   -0.733  0.904   1.00 31.75 ? 234 HOH B O     1 
HETATM 1031 O  O     . HOH H 4 .  ? 9.155   2.237   11.901  1.00 45.99 ? 235 HOH B O     1 
HETATM 1032 O  O     . HOH H 4 .  ? -2.037  13.642  -11.124 1.00 55.60 ? 236 HOH B O     1 
HETATM 1033 O  O     . HOH H 4 .  ? -4.992  10.651  -8.920  1.00 39.77 ? 237 HOH B O     1 
HETATM 1034 O  O     . HOH H 4 .  ? -5.921  7.477   -7.298  1.00 47.73 ? 238 HOH B O     1 
HETATM 1035 O  O     . HOH H 4 .  ? 2.398   -23.562 12.490  1.00 32.58 ? 239 HOH B O     1 
HETATM 1036 O  O     . HOH H 4 .  ? -3.401  6.295   -7.180  1.00 39.67 ? 240 HOH B O     1 
HETATM 1037 O  O     . HOH H 4 .  ? -0.647  -5.960  15.860  1.00 53.36 ? 241 HOH B O     1 
HETATM 1038 O  O     . HOH H 4 .  ? -2.743  8.657   -8.790  1.00 33.20 ? 242 HOH B O     1 
HETATM 1039 O  O     . HOH H 4 .  ? -1.642  -16.151 13.087  1.00 40.76 ? 243 HOH B O     1 
HETATM 1040 O  O     . HOH H 4 .  ? -3.068  -13.150 11.637  1.00 31.81 ? 244 HOH B O     1 
HETATM 1041 O  O     . HOH H 4 .  ? -3.074  -13.392 14.726  1.00 57.31 ? 245 HOH B O     1 
HETATM 1042 O  O     . HOH H 4 .  ? -1.015  -4.999  12.286  1.00 36.77 ? 246 HOH B O     1 
HETATM 1043 O  O     . HOH H 4 .  ? -0.970  -11.794 12.328  1.00 42.39 ? 247 HOH B O     1 
HETATM 1044 O  O     . HOH H 4 .  ? -2.218  -9.211  16.440  1.00 65.93 ? 248 HOH B O     1 
HETATM 1045 O  O     . HOH H 4 .  ? -4.325  -10.184 15.417  1.00 45.34 ? 249 HOH B O     1 
HETATM 1046 O  O     . HOH H 4 .  ? -3.604  -6.427  14.587  1.00 46.01 ? 250 HOH B O     1 
HETATM 1047 O  O     . HOH H 4 .  ? -4.416  8.883   -5.345  1.00 47.23 ? 251 HOH B O     1 
HETATM 1048 O  O     . HOH H 4 .  ? -3.171  12.728  -7.753  1.00 54.84 ? 252 HOH B O     1 
HETATM 1049 O  O     . HOH H 4 .  ? 9.125   3.862   -5.453  1.00 60.05 ? 253 HOH B O     1 
HETATM 1050 O  O     . HOH H 4 .  ? 3.838   -1.607  -2.933  1.00 37.58 ? 254 HOH B O     1 
HETATM 1051 O  O     . HOH H 4 .  ? -0.051  -1.745  -5.616  1.00 41.15 ? 255 HOH B O     1 
HETATM 1052 O  O     . HOH H 4 .  ? -2.997  0.404   -6.869  1.00 49.60 ? 256 HOH B O     1 
HETATM 1053 O  O     . HOH H 4 .  ? -10.843 2.620   -4.828  1.00 58.64 ? 257 HOH B O     1 
HETATM 1054 O  O     . HOH H 4 .  ? 2.973   -26.472 11.100  1.00 66.50 ? 258 HOH B O     1 
HETATM 1055 O  O     . HOH H 4 .  ? 4.274   -3.429  11.269  1.00 47.27 ? 259 HOH B O     1 
HETATM 1056 O  O     . HOH H 4 .  ? 13.632  -2.313  3.989   1.00 55.11 ? 260 HOH B O     1 
HETATM 1057 O  O     . HOH H 4 .  ? 4.619   15.755  -12.170 1.00 66.25 ? 261 HOH B O     1 
HETATM 1058 O  O     . HOH H 4 .  ? 6.313   16.961  -14.120 1.00 53.63 ? 262 HOH B O     1 
HETATM 1059 O  O     . HOH H 4 .  ? -1.312  11.759  -12.954 1.00 60.77 ? 263 HOH B O     1 
HETATM 1060 O  O     . HOH H 4 .  ? -8.370  -7.389  8.095   1.00 35.90 ? 264 HOH B O     1 
# 
